data_7AUP
# 
_entry.id   7AUP 
# 
_audit_conform.dict_name       mmcif_pdbx.dic 
_audit_conform.dict_version    5.384 
_audit_conform.dict_location   http://mmcif.pdb.org/dictionaries/ascii/mmcif_pdbx.dic 
# 
loop_
_database_2.database_id 
_database_2.database_code 
_database_2.pdbx_database_accession 
_database_2.pdbx_DOI 
PDB   7AUP         pdb_00007aup 10.2210/pdb7aup/pdb 
WWPDB D_1292111509 ?            ?                   
# 
loop_
_pdbx_audit_revision_history.ordinal 
_pdbx_audit_revision_history.data_content_type 
_pdbx_audit_revision_history.major_revision 
_pdbx_audit_revision_history.minor_revision 
_pdbx_audit_revision_history.revision_date 
1 'Structure model' 1 0 2021-05-19 
2 'Structure model' 1 1 2024-01-31 
# 
_pdbx_audit_revision_details.ordinal             1 
_pdbx_audit_revision_details.revision_ordinal    1 
_pdbx_audit_revision_details.data_content_type   'Structure model' 
_pdbx_audit_revision_details.provider            repository 
_pdbx_audit_revision_details.type                'Initial release' 
_pdbx_audit_revision_details.description         ? 
_pdbx_audit_revision_details.details             ? 
# 
loop_
_pdbx_audit_revision_group.ordinal 
_pdbx_audit_revision_group.revision_ordinal 
_pdbx_audit_revision_group.data_content_type 
_pdbx_audit_revision_group.group 
1 2 'Structure model' 'Data collection'        
2 2 'Structure model' 'Database references'    
3 2 'Structure model' 'Refinement description' 
# 
loop_
_pdbx_audit_revision_category.ordinal 
_pdbx_audit_revision_category.revision_ordinal 
_pdbx_audit_revision_category.data_content_type 
_pdbx_audit_revision_category.category 
1 2 'Structure model' chem_comp_atom                
2 2 'Structure model' chem_comp_bond                
3 2 'Structure model' database_2                    
4 2 'Structure model' pdbx_initial_refinement_model 
# 
loop_
_pdbx_audit_revision_item.ordinal 
_pdbx_audit_revision_item.revision_ordinal 
_pdbx_audit_revision_item.data_content_type 
_pdbx_audit_revision_item.item 
1 2 'Structure model' '_database_2.pdbx_DOI'                
2 2 'Structure model' '_database_2.pdbx_database_accession' 
# 
_pdbx_database_status.status_code                     REL 
_pdbx_database_status.status_code_sf                  REL 
_pdbx_database_status.status_code_mr                  ? 
_pdbx_database_status.entry_id                        7AUP 
_pdbx_database_status.recvd_initial_deposition_date   2020-11-03 
_pdbx_database_status.SG_entry                        N 
_pdbx_database_status.deposit_site                    PDBE 
_pdbx_database_status.process_site                    PDBE 
_pdbx_database_status.status_code_cs                  ? 
_pdbx_database_status.status_code_nmr_data            ? 
_pdbx_database_status.methods_development_category    ? 
_pdbx_database_status.pdb_format_compatible           Y 
# 
loop_
_pdbx_database_related.db_name 
_pdbx_database_related.details 
_pdbx_database_related.db_id 
_pdbx_database_related.content_type 
PDB . 7AUI unspecified 
PDB . 7AUJ unspecified 
PDB . 7AUK unspecified 
PDB . 7AUL unspecified 
PDB . 7AUM unspecified 
PDB . 7AUN unspecified 
PDB . 7AUO unspecified 
# 
loop_
_audit_author.name 
_audit_author.pdbx_ordinal 
_audit_author.identifier_ORCID 
'Marquez-Monino, M.A.' 1 0000-0003-4177-9359 
'Gonzalez, B.'         2 0000-0002-0710-0202 
# 
_citation.abstract                  ? 
_citation.abstract_id_CAS           ? 
_citation.book_id_ISBN              ? 
_citation.book_publisher            ? 
_citation.book_publisher_city       ? 
_citation.book_title                ? 
_citation.coordinate_linkage        ? 
_citation.country                   US 
_citation.database_id_Medline       ? 
_citation.details                   ? 
_citation.id                        primary 
_citation.journal_abbrev            'Sci Adv' 
_citation.journal_id_ASTM           ? 
_citation.journal_id_CSD            ? 
_citation.journal_id_ISSN           2375-2548 
_citation.journal_full              ? 
_citation.journal_issue             ? 
_citation.journal_volume            7 
_citation.language                  ? 
_citation.page_first                ? 
_citation.page_last                 ? 
_citation.title                     
;Multiple substrate recognition by yeast diadenosine and diphosphoinositol polyphosphate phosphohydrolase through phosphate clamping.
;
_citation.year                      2021 
_citation.database_id_CSD           ? 
_citation.pdbx_database_id_DOI      10.1126/sciadv.abf6744 
_citation.pdbx_database_id_PubMed   33893105 
_citation.unpublished_flag          ? 
# 
loop_
_citation_author.citation_id 
_citation_author.name 
_citation_author.ordinal 
_citation_author.identifier_ORCID 
primary 'Marquez-Monino, M.A.'  1 0000-0003-4177-9359 
primary 'Ortega-Garcia, R.'     2 ?                   
primary 'Shipton, M.L.'         3 0000-0002-9982-0927 
primary 'Franco-Echevarria, E.' 4 0000-0001-7306-6594 
primary 'Riley, A.M.'           5 0000-0001-9003-3540 
primary 'Sanz-Aparicio, J.'     6 ?                   
primary 'Potter, B.V.L.'        7 0000-0003-3255-9135 
primary 'Gonzalez, B.'          8 0000-0002-0710-0202 
# 
loop_
_entity.id 
_entity.type 
_entity.src_method 
_entity.pdbx_description 
_entity.formula_weight 
_entity.pdbx_number_of_molecules 
_entity.pdbx_ec 
_entity.pdbx_mutation 
_entity.pdbx_fragment 
_entity.details 
1 polymer     man 'Diphosphoinositol polyphosphate phosphohydrolase DDP1' 21812.713 1  3.6.1.52,3.6.1.60 ? ? 
'GGS is a rest of purification linker, protein starts in MGK.' 
2 non-polymer syn 
'[oxidanyl-[(2~{S},3~{S},5~{R},6~{S})-2,3,4,5,6-pentaphosphonooxycyclohexyl]oxy-phosphoryl]methylphosphonic acid' 738.042   1  ? ? 
? ?                                                              
3 non-polymer syn 'MAGNESIUM ION' 24.305    2  ?                 ? ? ? 
4 water       nat water 18.015    68 ?                 ? ? ?                                                              
# 
_entity_name_com.entity_id   1 
_entity_name_com.name        
;Diadenosine 5',5'''-P1,P6-hexaphosphate hydrolase,Ap6A hydrolase,Diadenosine and diphosphoinositol polyphosphate phosphohydrolase 1,Diadenosine hexaphosphate hydrolase (AMP-forming)
;
# 
_entity_poly.entity_id                      1 
_entity_poly.type                           'polypeptide(L)' 
_entity_poly.nstd_linkage                   no 
_entity_poly.nstd_monomer                   no 
_entity_poly.pdbx_seq_one_letter_code       
;GGSMGKTADNHGPVRSETAREGRENQVYSPVTGARLVAGCICLTPDKKQVLMITSSAHKKRWIVPKGGVEKDEPNYETTA
QRETWEEAGCIGKIVANLGTVEDMRPPKDWNKDIKQFENSRKDSEVAKHPPRTEFHFYELEIENLLDKFPECHKRHRKLY
SYTEAKQNLIDAKRPELLEALNRSAIIKDDK
;
_entity_poly.pdbx_seq_one_letter_code_can   
;GGSMGKTADNHGPVRSETAREGRENQVYSPVTGARLVAGCICLTPDKKQVLMITSSAHKKRWIVPKGGVEKDEPNYETTA
QRETWEEAGCIGKIVANLGTVEDMRPPKDWNKDIKQFENSRKDSEVAKHPPRTEFHFYELEIENLLDKFPECHKRHRKLY
SYTEAKQNLIDAKRPELLEALNRSAIIKDDK
;
_entity_poly.pdbx_strand_id                 A 
_entity_poly.pdbx_target_identifier         ? 
# 
loop_
_pdbx_entity_nonpoly.entity_id 
_pdbx_entity_nonpoly.name 
_pdbx_entity_nonpoly.comp_id 
2 '[oxidanyl-[(2~{S},3~{S},5~{R},6~{S})-2,3,4,5,6-pentaphosphonooxycyclohexyl]oxy-phosphoryl]methylphosphonic acid' VEB 
3 'MAGNESIUM ION'                                                                                                   MG  
4 water                                                                                                             HOH 
# 
loop_
_entity_poly_seq.entity_id 
_entity_poly_seq.num 
_entity_poly_seq.mon_id 
_entity_poly_seq.hetero 
1 1   GLY n 
1 2   GLY n 
1 3   SER n 
1 4   MET n 
1 5   GLY n 
1 6   LYS n 
1 7   THR n 
1 8   ALA n 
1 9   ASP n 
1 10  ASN n 
1 11  HIS n 
1 12  GLY n 
1 13  PRO n 
1 14  VAL n 
1 15  ARG n 
1 16  SER n 
1 17  GLU n 
1 18  THR n 
1 19  ALA n 
1 20  ARG n 
1 21  GLU n 
1 22  GLY n 
1 23  ARG n 
1 24  GLU n 
1 25  ASN n 
1 26  GLN n 
1 27  VAL n 
1 28  TYR n 
1 29  SER n 
1 30  PRO n 
1 31  VAL n 
1 32  THR n 
1 33  GLY n 
1 34  ALA n 
1 35  ARG n 
1 36  LEU n 
1 37  VAL n 
1 38  ALA n 
1 39  GLY n 
1 40  CYS n 
1 41  ILE n 
1 42  CYS n 
1 43  LEU n 
1 44  THR n 
1 45  PRO n 
1 46  ASP n 
1 47  LYS n 
1 48  LYS n 
1 49  GLN n 
1 50  VAL n 
1 51  LEU n 
1 52  MET n 
1 53  ILE n 
1 54  THR n 
1 55  SER n 
1 56  SER n 
1 57  ALA n 
1 58  HIS n 
1 59  LYS n 
1 60  LYS n 
1 61  ARG n 
1 62  TRP n 
1 63  ILE n 
1 64  VAL n 
1 65  PRO n 
1 66  LYS n 
1 67  GLY n 
1 68  GLY n 
1 69  VAL n 
1 70  GLU n 
1 71  LYS n 
1 72  ASP n 
1 73  GLU n 
1 74  PRO n 
1 75  ASN n 
1 76  TYR n 
1 77  GLU n 
1 78  THR n 
1 79  THR n 
1 80  ALA n 
1 81  GLN n 
1 82  ARG n 
1 83  GLU n 
1 84  THR n 
1 85  TRP n 
1 86  GLU n 
1 87  GLU n 
1 88  ALA n 
1 89  GLY n 
1 90  CYS n 
1 91  ILE n 
1 92  GLY n 
1 93  LYS n 
1 94  ILE n 
1 95  VAL n 
1 96  ALA n 
1 97  ASN n 
1 98  LEU n 
1 99  GLY n 
1 100 THR n 
1 101 VAL n 
1 102 GLU n 
1 103 ASP n 
1 104 MET n 
1 105 ARG n 
1 106 PRO n 
1 107 PRO n 
1 108 LYS n 
1 109 ASP n 
1 110 TRP n 
1 111 ASN n 
1 112 LYS n 
1 113 ASP n 
1 114 ILE n 
1 115 LYS n 
1 116 GLN n 
1 117 PHE n 
1 118 GLU n 
1 119 ASN n 
1 120 SER n 
1 121 ARG n 
1 122 LYS n 
1 123 ASP n 
1 124 SER n 
1 125 GLU n 
1 126 VAL n 
1 127 ALA n 
1 128 LYS n 
1 129 HIS n 
1 130 PRO n 
1 131 PRO n 
1 132 ARG n 
1 133 THR n 
1 134 GLU n 
1 135 PHE n 
1 136 HIS n 
1 137 PHE n 
1 138 TYR n 
1 139 GLU n 
1 140 LEU n 
1 141 GLU n 
1 142 ILE n 
1 143 GLU n 
1 144 ASN n 
1 145 LEU n 
1 146 LEU n 
1 147 ASP n 
1 148 LYS n 
1 149 PHE n 
1 150 PRO n 
1 151 GLU n 
1 152 CYS n 
1 153 HIS n 
1 154 LYS n 
1 155 ARG n 
1 156 HIS n 
1 157 ARG n 
1 158 LYS n 
1 159 LEU n 
1 160 TYR n 
1 161 SER n 
1 162 TYR n 
1 163 THR n 
1 164 GLU n 
1 165 ALA n 
1 166 LYS n 
1 167 GLN n 
1 168 ASN n 
1 169 LEU n 
1 170 ILE n 
1 171 ASP n 
1 172 ALA n 
1 173 LYS n 
1 174 ARG n 
1 175 PRO n 
1 176 GLU n 
1 177 LEU n 
1 178 LEU n 
1 179 GLU n 
1 180 ALA n 
1 181 LEU n 
1 182 ASN n 
1 183 ARG n 
1 184 SER n 
1 185 ALA n 
1 186 ILE n 
1 187 ILE n 
1 188 LYS n 
1 189 ASP n 
1 190 ASP n 
1 191 LYS n 
# 
_entity_src_gen.entity_id                          1 
_entity_src_gen.pdbx_src_id                        1 
_entity_src_gen.pdbx_alt_source_flag               sample 
_entity_src_gen.pdbx_seq_type                      'Biological sequence' 
_entity_src_gen.pdbx_beg_seq_num                   1 
_entity_src_gen.pdbx_end_seq_num                   191 
_entity_src_gen.gene_src_common_name               
;Baker's yeast
;
_entity_src_gen.gene_src_genus                     ? 
_entity_src_gen.pdbx_gene_src_gene                 'DDP1, YOR163W, O3575' 
_entity_src_gen.gene_src_species                   ? 
_entity_src_gen.gene_src_strain                    'ATCC 204508 / S288c' 
_entity_src_gen.gene_src_tissue                    ? 
_entity_src_gen.gene_src_tissue_fraction           ? 
_entity_src_gen.gene_src_details                   ? 
_entity_src_gen.pdbx_gene_src_fragment             ? 
_entity_src_gen.pdbx_gene_src_scientific_name      'Saccharomyces cerevisiae (strain ATCC 204508 / S288c)' 
_entity_src_gen.pdbx_gene_src_ncbi_taxonomy_id     559292 
_entity_src_gen.pdbx_gene_src_variant              ? 
_entity_src_gen.pdbx_gene_src_cell_line            ? 
_entity_src_gen.pdbx_gene_src_atcc                 ? 
_entity_src_gen.pdbx_gene_src_organ                ? 
_entity_src_gen.pdbx_gene_src_organelle            ? 
_entity_src_gen.pdbx_gene_src_cell                 ? 
_entity_src_gen.pdbx_gene_src_cellular_location    ? 
_entity_src_gen.host_org_common_name               ? 
_entity_src_gen.pdbx_host_org_scientific_name      'Escherichia coli' 
_entity_src_gen.pdbx_host_org_ncbi_taxonomy_id     562 
_entity_src_gen.host_org_genus                     ? 
_entity_src_gen.pdbx_host_org_gene                 ? 
_entity_src_gen.pdbx_host_org_organ                ? 
_entity_src_gen.host_org_species                   ? 
_entity_src_gen.pdbx_host_org_tissue               ? 
_entity_src_gen.pdbx_host_org_tissue_fraction      ? 
_entity_src_gen.pdbx_host_org_strain               'Rossetta2(DE3)' 
_entity_src_gen.pdbx_host_org_variant              ? 
_entity_src_gen.pdbx_host_org_cell_line            ? 
_entity_src_gen.pdbx_host_org_atcc                 ? 
_entity_src_gen.pdbx_host_org_culture_collection   ? 
_entity_src_gen.pdbx_host_org_cell                 ? 
_entity_src_gen.pdbx_host_org_organelle            ? 
_entity_src_gen.pdbx_host_org_cellular_location    ? 
_entity_src_gen.pdbx_host_org_vector_type          'pET28a(+)' 
_entity_src_gen.pdbx_host_org_vector               ? 
_entity_src_gen.host_org_details                   ? 
_entity_src_gen.expression_system_id               ? 
_entity_src_gen.plasmid_name                       pKLSLt 
_entity_src_gen.plasmid_details                    ? 
_entity_src_gen.pdbx_description                   ? 
# 
loop_
_chem_comp.id 
_chem_comp.type 
_chem_comp.mon_nstd_flag 
_chem_comp.name 
_chem_comp.pdbx_synonyms 
_chem_comp.formula 
_chem_comp.formula_weight 
ALA 'L-peptide linking' y ALANINE ?         'C3 H7 N O2'     89.093  
ARG 'L-peptide linking' y ARGININE ?         'C6 H15 N4 O2 1' 175.209 
ASN 'L-peptide linking' y ASPARAGINE ?         'C4 H8 N2 O3'    132.118 
ASP 'L-peptide linking' y 'ASPARTIC ACID' ?         'C4 H7 N O4'     133.103 
CYS 'L-peptide linking' y CYSTEINE ?         'C3 H7 N O2 S'   121.158 
GLN 'L-peptide linking' y GLUTAMINE ?         'C5 H10 N2 O3'   146.144 
GLU 'L-peptide linking' y 'GLUTAMIC ACID' ?         'C5 H9 N O4'     147.129 
GLY 'peptide linking'   y GLYCINE ?         'C2 H5 N O2'     75.067  
HIS 'L-peptide linking' y HISTIDINE ?         'C6 H10 N3 O2 1' 156.162 
HOH non-polymer         . WATER ?         'H2 O'           18.015  
ILE 'L-peptide linking' y ISOLEUCINE ?         'C6 H13 N O2'    131.173 
LEU 'L-peptide linking' y LEUCINE ?         'C6 H13 N O2'    131.173 
LYS 'L-peptide linking' y LYSINE ?         'C6 H15 N2 O2 1' 147.195 
MET 'L-peptide linking' y METHIONINE ?         'C5 H11 N O2 S'  149.211 
MG  non-polymer         . 'MAGNESIUM ION' ?         'Mg 2'           24.305  
PHE 'L-peptide linking' y PHENYLALANINE ?         'C9 H11 N O2'    165.189 
PRO 'L-peptide linking' y PROLINE ?         'C5 H9 N O2'     115.130 
SER 'L-peptide linking' y SERINE ?         'C3 H7 N O3'     105.093 
THR 'L-peptide linking' y THREONINE ?         'C4 H9 N O3'     119.119 
TRP 'L-peptide linking' y TRYPTOPHAN ?         'C11 H12 N2 O2'  204.225 
TYR 'L-peptide linking' y TYROSINE ?         'C9 H11 N O3'    181.189 
VAL 'L-peptide linking' y VALINE ?         'C5 H11 N O2'    117.146 
VEB non-polymer         . 
'[oxidanyl-[(2~{S},3~{S},5~{R},6~{S})-2,3,4,5,6-pentaphosphonooxycyclohexyl]oxy-phosphoryl]methylphosphonic acid' PCP-InsP7 
'C7 H21 O26 P7'  738.042 
# 
loop_
_pdbx_poly_seq_scheme.asym_id 
_pdbx_poly_seq_scheme.entity_id 
_pdbx_poly_seq_scheme.seq_id 
_pdbx_poly_seq_scheme.mon_id 
_pdbx_poly_seq_scheme.ndb_seq_num 
_pdbx_poly_seq_scheme.pdb_seq_num 
_pdbx_poly_seq_scheme.auth_seq_num 
_pdbx_poly_seq_scheme.pdb_mon_id 
_pdbx_poly_seq_scheme.auth_mon_id 
_pdbx_poly_seq_scheme.pdb_strand_id 
_pdbx_poly_seq_scheme.pdb_ins_code 
_pdbx_poly_seq_scheme.hetero 
A 1 1   GLY 1   -2  ?   ?   ?   A . n 
A 1 2   GLY 2   -1  ?   ?   ?   A . n 
A 1 3   SER 3   0   ?   ?   ?   A . n 
A 1 4   MET 4   1   ?   ?   ?   A . n 
A 1 5   GLY 5   2   ?   ?   ?   A . n 
A 1 6   LYS 6   3   ?   ?   ?   A . n 
A 1 7   THR 7   4   ?   ?   ?   A . n 
A 1 8   ALA 8   5   ?   ?   ?   A . n 
A 1 9   ASP 9   6   ?   ?   ?   A . n 
A 1 10  ASN 10  7   ?   ?   ?   A . n 
A 1 11  HIS 11  8   ?   ?   ?   A . n 
A 1 12  GLY 12  9   ?   ?   ?   A . n 
A 1 13  PRO 13  10  ?   ?   ?   A . n 
A 1 14  VAL 14  11  ?   ?   ?   A . n 
A 1 15  ARG 15  12  ?   ?   ?   A . n 
A 1 16  SER 16  13  ?   ?   ?   A . n 
A 1 17  GLU 17  14  ?   ?   ?   A . n 
A 1 18  THR 18  15  ?   ?   ?   A . n 
A 1 19  ALA 19  16  ?   ?   ?   A . n 
A 1 20  ARG 20  17  ?   ?   ?   A . n 
A 1 21  GLU 21  18  ?   ?   ?   A . n 
A 1 22  GLY 22  19  ?   ?   ?   A . n 
A 1 23  ARG 23  20  20  ARG ARG A . n 
A 1 24  GLU 24  21  21  GLU GLU A . n 
A 1 25  ASN 25  22  22  ASN ASN A . n 
A 1 26  GLN 26  23  23  GLN GLN A . n 
A 1 27  VAL 27  24  24  VAL VAL A . n 
A 1 28  TYR 28  25  25  TYR TYR A . n 
A 1 29  SER 29  26  26  SER SER A . n 
A 1 30  PRO 30  27  27  PRO PRO A . n 
A 1 31  VAL 31  28  28  VAL VAL A . n 
A 1 32  THR 32  29  29  THR THR A . n 
A 1 33  GLY 33  30  30  GLY GLY A . n 
A 1 34  ALA 34  31  31  ALA ALA A . n 
A 1 35  ARG 35  32  32  ARG ARG A . n 
A 1 36  LEU 36  33  33  LEU LEU A . n 
A 1 37  VAL 37  34  34  VAL VAL A . n 
A 1 38  ALA 38  35  35  ALA ALA A . n 
A 1 39  GLY 39  36  36  GLY GLY A . n 
A 1 40  CYS 40  37  37  CYS CYS A . n 
A 1 41  ILE 41  38  38  ILE ILE A . n 
A 1 42  CYS 42  39  39  CYS CYS A . n 
A 1 43  LEU 43  40  40  LEU LEU A . n 
A 1 44  THR 44  41  41  THR THR A . n 
A 1 45  PRO 45  42  42  PRO PRO A . n 
A 1 46  ASP 46  43  43  ASP ASP A . n 
A 1 47  LYS 47  44  44  LYS LYS A . n 
A 1 48  LYS 48  45  45  LYS LYS A . n 
A 1 49  GLN 49  46  46  GLN GLN A . n 
A 1 50  VAL 50  47  47  VAL VAL A . n 
A 1 51  LEU 51  48  48  LEU LEU A . n 
A 1 52  MET 52  49  49  MET MET A . n 
A 1 53  ILE 53  50  50  ILE ILE A . n 
A 1 54  THR 54  51  51  THR THR A . n 
A 1 55  SER 55  52  52  SER SER A . n 
A 1 56  SER 56  53  53  SER SER A . n 
A 1 57  ALA 57  54  54  ALA ALA A . n 
A 1 58  HIS 58  55  55  HIS HIS A . n 
A 1 59  LYS 59  56  56  LYS LYS A . n 
A 1 60  LYS 60  57  57  LYS LYS A . n 
A 1 61  ARG 61  58  58  ARG ARG A . n 
A 1 62  TRP 62  59  59  TRP TRP A . n 
A 1 63  ILE 63  60  60  ILE ILE A . n 
A 1 64  VAL 64  61  61  VAL VAL A . n 
A 1 65  PRO 65  62  62  PRO PRO A . n 
A 1 66  LYS 66  63  63  LYS LYS A . n 
A 1 67  GLY 67  64  64  GLY GLY A . n 
A 1 68  GLY 68  65  65  GLY GLY A . n 
A 1 69  VAL 69  66  66  VAL VAL A . n 
A 1 70  GLU 70  67  67  GLU GLU A . n 
A 1 71  LYS 71  68  68  LYS LYS A . n 
A 1 72  ASP 72  69  69  ASP ASP A . n 
A 1 73  GLU 73  70  70  GLU GLU A . n 
A 1 74  PRO 74  71  71  PRO PRO A . n 
A 1 75  ASN 75  72  72  ASN ASN A . n 
A 1 76  TYR 76  73  73  TYR TYR A . n 
A 1 77  GLU 77  74  74  GLU GLU A . n 
A 1 78  THR 78  75  75  THR THR A . n 
A 1 79  THR 79  76  76  THR THR A . n 
A 1 80  ALA 80  77  77  ALA ALA A . n 
A 1 81  GLN 81  78  78  GLN GLN A . n 
A 1 82  ARG 82  79  79  ARG ARG A . n 
A 1 83  GLU 83  80  80  GLU GLU A . n 
A 1 84  THR 84  81  81  THR THR A . n 
A 1 85  TRP 85  82  82  TRP TRP A . n 
A 1 86  GLU 86  83  83  GLU GLU A . n 
A 1 87  GLU 87  84  84  GLU GLU A . n 
A 1 88  ALA 88  85  85  ALA ALA A . n 
A 1 89  GLY 89  86  86  GLY GLY A . n 
A 1 90  CYS 90  87  87  CYS CYS A . n 
A 1 91  ILE 91  88  88  ILE ILE A . n 
A 1 92  GLY 92  89  89  GLY GLY A . n 
A 1 93  LYS 93  90  90  LYS LYS A . n 
A 1 94  ILE 94  91  91  ILE ILE A . n 
A 1 95  VAL 95  92  92  VAL VAL A . n 
A 1 96  ALA 96  93  93  ALA ALA A . n 
A 1 97  ASN 97  94  94  ASN ASN A . n 
A 1 98  LEU 98  95  95  LEU LEU A . n 
A 1 99  GLY 99  96  96  GLY GLY A . n 
A 1 100 THR 100 97  97  THR THR A . n 
A 1 101 VAL 101 98  98  VAL VAL A . n 
A 1 102 GLU 102 99  99  GLU GLU A . n 
A 1 103 ASP 103 100 100 ASP ASP A . n 
A 1 104 MET 104 101 101 MET MET A . n 
A 1 105 ARG 105 102 102 ARG ARG A . n 
A 1 106 PRO 106 103 103 PRO PRO A . n 
A 1 107 PRO 107 104 104 PRO PRO A . n 
A 1 108 LYS 108 105 ?   ?   ?   A . n 
A 1 109 ASP 109 106 ?   ?   ?   A . n 
A 1 110 TRP 110 107 ?   ?   ?   A . n 
A 1 111 ASN 111 108 ?   ?   ?   A . n 
A 1 112 LYS 112 109 ?   ?   ?   A . n 
A 1 113 ASP 113 110 ?   ?   ?   A . n 
A 1 114 ILE 114 111 ?   ?   ?   A . n 
A 1 115 LYS 115 112 ?   ?   ?   A . n 
A 1 116 GLN 116 113 113 GLN GLN A . n 
A 1 117 PHE 117 114 114 PHE PHE A . n 
A 1 118 GLU 118 115 115 GLU GLU A . n 
A 1 119 ASN 119 116 116 ASN ASN A . n 
A 1 120 SER 120 117 117 SER SER A . n 
A 1 121 ARG 121 118 118 ARG ARG A . n 
A 1 122 LYS 122 119 119 LYS LYS A . n 
A 1 123 ASP 123 120 120 ASP ASP A . n 
A 1 124 SER 124 121 121 SER SER A . n 
A 1 125 GLU 125 122 122 GLU GLU A . n 
A 1 126 VAL 126 123 123 VAL VAL A . n 
A 1 127 ALA 127 124 124 ALA ALA A . n 
A 1 128 LYS 128 125 125 LYS LYS A . n 
A 1 129 HIS 129 126 126 HIS HIS A . n 
A 1 130 PRO 130 127 127 PRO PRO A . n 
A 1 131 PRO 131 128 128 PRO PRO A . n 
A 1 132 ARG 132 129 129 ARG ARG A . n 
A 1 133 THR 133 130 130 THR THR A . n 
A 1 134 GLU 134 131 131 GLU GLU A . n 
A 1 135 PHE 135 132 132 PHE PHE A . n 
A 1 136 HIS 136 133 133 HIS HIS A . n 
A 1 137 PHE 137 134 134 PHE PHE A . n 
A 1 138 TYR 138 135 135 TYR TYR A . n 
A 1 139 GLU 139 136 136 GLU GLU A . n 
A 1 140 LEU 140 137 137 LEU LEU A . n 
A 1 141 GLU 141 138 138 GLU GLU A . n 
A 1 142 ILE 142 139 139 ILE ILE A . n 
A 1 143 GLU 143 140 140 GLU GLU A . n 
A 1 144 ASN 144 141 141 ASN ASN A . n 
A 1 145 LEU 145 142 142 LEU LEU A . n 
A 1 146 LEU 146 143 143 LEU LEU A . n 
A 1 147 ASP 147 144 144 ASP ASP A . n 
A 1 148 LYS 148 145 145 LYS LYS A . n 
A 1 149 PHE 149 146 146 PHE PHE A . n 
A 1 150 PRO 150 147 147 PRO PRO A . n 
A 1 151 GLU 151 148 148 GLU GLU A . n 
A 1 152 CYS 152 149 149 CYS CYS A . n 
A 1 153 HIS 153 150 150 HIS HIS A . n 
A 1 154 LYS 154 151 151 LYS LYS A . n 
A 1 155 ARG 155 152 152 ARG ARG A . n 
A 1 156 HIS 156 153 153 HIS HIS A . n 
A 1 157 ARG 157 154 154 ARG ARG A . n 
A 1 158 LYS 158 155 155 LYS LYS A . n 
A 1 159 LEU 159 156 156 LEU LEU A . n 
A 1 160 TYR 160 157 157 TYR TYR A . n 
A 1 161 SER 161 158 158 SER SER A . n 
A 1 162 TYR 162 159 159 TYR TYR A . n 
A 1 163 THR 163 160 160 THR THR A . n 
A 1 164 GLU 164 161 161 GLU GLU A . n 
A 1 165 ALA 165 162 162 ALA ALA A . n 
A 1 166 LYS 166 163 163 LYS LYS A . n 
A 1 167 GLN 167 164 164 GLN GLN A . n 
A 1 168 ASN 168 165 165 ASN ASN A . n 
A 1 169 LEU 169 166 166 LEU LEU A . n 
A 1 170 ILE 170 167 167 ILE ILE A . n 
A 1 171 ASP 171 168 168 ASP ASP A . n 
A 1 172 ALA 172 169 169 ALA ALA A . n 
A 1 173 LYS 173 170 170 LYS LYS A . n 
A 1 174 ARG 174 171 171 ARG ARG A . n 
A 1 175 PRO 175 172 172 PRO PRO A . n 
A 1 176 GLU 176 173 173 GLU GLU A . n 
A 1 177 LEU 177 174 174 LEU LEU A . n 
A 1 178 LEU 178 175 175 LEU LEU A . n 
A 1 179 GLU 179 176 176 GLU GLU A . n 
A 1 180 ALA 180 177 177 ALA ALA A . n 
A 1 181 LEU 181 178 178 LEU LEU A . n 
A 1 182 ASN 182 179 179 ASN ASN A . n 
A 1 183 ARG 183 180 180 ARG ARG A . n 
A 1 184 SER 184 181 181 SER SER A . n 
A 1 185 ALA 185 182 182 ALA ALA A . n 
A 1 186 ILE 186 183 183 ILE ILE A . n 
A 1 187 ILE 187 184 184 ILE ILE A . n 
A 1 188 LYS 188 185 185 LYS LYS A . n 
A 1 189 ASP 189 186 186 ASP ASP A . n 
A 1 190 ASP 190 187 187 ASP ASP A . n 
A 1 191 LYS 191 188 ?   ?   ?   A . n 
# 
loop_
_pdbx_nonpoly_scheme.asym_id 
_pdbx_nonpoly_scheme.entity_id 
_pdbx_nonpoly_scheme.mon_id 
_pdbx_nonpoly_scheme.ndb_seq_num 
_pdbx_nonpoly_scheme.pdb_seq_num 
_pdbx_nonpoly_scheme.auth_seq_num 
_pdbx_nonpoly_scheme.pdb_mon_id 
_pdbx_nonpoly_scheme.auth_mon_id 
_pdbx_nonpoly_scheme.pdb_strand_id 
_pdbx_nonpoly_scheme.pdb_ins_code 
B 2 VEB 1  201 201 VEB 1IC A . 
C 3 MG  1  202 1   MG  MG  A . 
D 3 MG  1  203 2   MG  MG  A . 
E 4 HOH 1  301 92  HOH HOH A . 
E 4 HOH 2  302 12  HOH HOH A . 
E 4 HOH 3  303 69  HOH HOH A . 
E 4 HOH 4  304 72  HOH HOH A . 
E 4 HOH 5  305 85  HOH HOH A . 
E 4 HOH 6  306 52  HOH HOH A . 
E 4 HOH 7  307 93  HOH HOH A . 
E 4 HOH 8  308 94  HOH HOH A . 
E 4 HOH 9  309 14  HOH HOH A . 
E 4 HOH 10 310 48  HOH HOH A . 
E 4 HOH 11 311 91  HOH HOH A . 
E 4 HOH 12 312 18  HOH HOH A . 
E 4 HOH 13 313 19  HOH HOH A . 
E 4 HOH 14 314 53  HOH HOH A . 
E 4 HOH 15 315 8   HOH HOH A . 
E 4 HOH 16 316 34  HOH HOH A . 
E 4 HOH 17 317 82  HOH HOH A . 
E 4 HOH 18 318 15  HOH HOH A . 
E 4 HOH 19 319 7   HOH HOH A . 
E 4 HOH 20 320 31  HOH HOH A . 
E 4 HOH 21 321 5   HOH HOH A . 
E 4 HOH 22 322 73  HOH HOH A . 
E 4 HOH 23 323 50  HOH HOH A . 
E 4 HOH 24 324 20  HOH HOH A . 
E 4 HOH 25 325 2   HOH HOH A . 
E 4 HOH 26 326 3   HOH HOH A . 
E 4 HOH 27 327 27  HOH HOH A . 
E 4 HOH 28 328 21  HOH HOH A . 
E 4 HOH 29 329 49  HOH HOH A . 
E 4 HOH 30 330 58  HOH HOH A . 
E 4 HOH 31 331 51  HOH HOH A . 
E 4 HOH 32 332 56  HOH HOH A . 
E 4 HOH 33 333 70  HOH HOH A . 
E 4 HOH 34 334 17  HOH HOH A . 
E 4 HOH 35 335 11  HOH HOH A . 
E 4 HOH 36 336 22  HOH HOH A . 
E 4 HOH 37 337 95  HOH HOH A . 
E 4 HOH 38 338 6   HOH HOH A . 
E 4 HOH 39 339 71  HOH HOH A . 
E 4 HOH 40 340 23  HOH HOH A . 
E 4 HOH 41 341 24  HOH HOH A . 
E 4 HOH 42 342 61  HOH HOH A . 
E 4 HOH 43 343 55  HOH HOH A . 
E 4 HOH 44 344 35  HOH HOH A . 
E 4 HOH 45 345 9   HOH HOH A . 
E 4 HOH 46 346 4   HOH HOH A . 
E 4 HOH 47 347 67  HOH HOH A . 
E 4 HOH 48 348 26  HOH HOH A . 
E 4 HOH 49 349 60  HOH HOH A . 
E 4 HOH 50 350 68  HOH HOH A . 
E 4 HOH 51 351 28  HOH HOH A . 
E 4 HOH 52 352 66  HOH HOH A . 
E 4 HOH 53 353 57  HOH HOH A . 
E 4 HOH 54 354 25  HOH HOH A . 
E 4 HOH 55 355 89  HOH HOH A . 
E 4 HOH 56 356 83  HOH HOH A . 
E 4 HOH 57 357 59  HOH HOH A . 
E 4 HOH 58 358 10  HOH HOH A . 
E 4 HOH 59 359 36  HOH HOH A . 
E 4 HOH 60 360 96  HOH HOH A . 
E 4 HOH 61 361 90  HOH HOH A . 
E 4 HOH 62 362 16  HOH HOH A . 
E 4 HOH 63 363 13  HOH HOH A . 
E 4 HOH 64 364 54  HOH HOH A . 
E 4 HOH 65 365 63  HOH HOH A . 
E 4 HOH 66 366 64  HOH HOH A . 
E 4 HOH 67 367 65  HOH HOH A . 
E 4 HOH 68 368 62  HOH HOH A . 
# 
loop_
_software.citation_id 
_software.classification 
_software.compiler_name 
_software.compiler_version 
_software.contact_author 
_software.contact_author_email 
_software.date 
_software.description 
_software.dependencies 
_software.hardware 
_software.language 
_software.location 
_software.mods 
_software.name 
_software.os 
_software.os_version 
_software.type 
_software.version 
_software.pdbx_ordinal 
? refinement        ? ? ? ? ? ? ? ? ? ? ? REFMAC      ? ? ? 5.8.0267 1 
? 'data extraction' ? ? ? ? ? ? ? ? ? ? ? PDB_EXTRACT ? ? ? 3.25     2 
? 'data reduction'  ? ? ? ? ? ? ? ? ? ? ? XDS         ? ? ? .        3 
? 'data scaling'    ? ? ? ? ? ? ? ? ? ? ? XDS         ? ? ? .        4 
? phasing           ? ? ? ? ? ? ? ? ? ? ? REFMAC      ? ? ? .        5 
? 'model building'  ? ? ? ? ? ? ? ? ? ? ? Coot        ? ? ? .        6 
# 
_cell.angle_alpha                  90.000 
_cell.angle_alpha_esd              ? 
_cell.angle_beta                   90.000 
_cell.angle_beta_esd               ? 
_cell.angle_gamma                  120.000 
_cell.angle_gamma_esd              ? 
_cell.entry_id                     7AUP 
_cell.details                      ? 
_cell.formula_units_Z              ? 
_cell.length_a                     61.702 
_cell.length_a_esd                 ? 
_cell.length_b                     61.702 
_cell.length_b_esd                 ? 
_cell.length_c                     95.844 
_cell.length_c_esd                 ? 
_cell.volume                       ? 
_cell.volume_esd                   ? 
_cell.Z_PDB                        6 
_cell.reciprocal_angle_alpha       ? 
_cell.reciprocal_angle_beta        ? 
_cell.reciprocal_angle_gamma       ? 
_cell.reciprocal_angle_alpha_esd   ? 
_cell.reciprocal_angle_beta_esd    ? 
_cell.reciprocal_angle_gamma_esd   ? 
_cell.reciprocal_length_a          ? 
_cell.reciprocal_length_b          ? 
_cell.reciprocal_length_c          ? 
_cell.reciprocal_length_a_esd      ? 
_cell.reciprocal_length_b_esd      ? 
_cell.reciprocal_length_c_esd      ? 
_cell.pdbx_unique_axis             ? 
# 
_symmetry.entry_id                         7AUP 
_symmetry.cell_setting                     ? 
_symmetry.Int_Tables_number                154 
_symmetry.space_group_name_Hall            ? 
_symmetry.space_group_name_H-M             'P 32 2 1' 
_symmetry.pdbx_full_space_group_name_H-M   ? 
# 
_exptl.absorpt_coefficient_mu     ? 
_exptl.absorpt_correction_T_max   ? 
_exptl.absorpt_correction_T_min   ? 
_exptl.absorpt_correction_type    ? 
_exptl.absorpt_process_details    ? 
_exptl.entry_id                   7AUP 
_exptl.crystals_number            1 
_exptl.details                    ? 
_exptl.method                     'X-RAY DIFFRACTION' 
_exptl.method_details             ? 
# 
_exptl_crystal.colour                      ? 
_exptl_crystal.density_diffrn              ? 
_exptl_crystal.density_Matthews            2.42 
_exptl_crystal.density_method              ? 
_exptl_crystal.density_percent_sol         49.18 
_exptl_crystal.description                 Bypiramid 
_exptl_crystal.F_000                       ? 
_exptl_crystal.id                          1 
_exptl_crystal.preparation                 ? 
_exptl_crystal.size_max                    ? 
_exptl_crystal.size_mid                    ? 
_exptl_crystal.size_min                    ? 
_exptl_crystal.size_rad                    ? 
_exptl_crystal.colour_lustre               ? 
_exptl_crystal.colour_modifier             ? 
_exptl_crystal.colour_primary              ? 
_exptl_crystal.density_meas                ? 
_exptl_crystal.density_meas_esd            ? 
_exptl_crystal.density_meas_gt             ? 
_exptl_crystal.density_meas_lt             ? 
_exptl_crystal.density_meas_temp           ? 
_exptl_crystal.density_meas_temp_esd       ? 
_exptl_crystal.density_meas_temp_gt        ? 
_exptl_crystal.density_meas_temp_lt        ? 
_exptl_crystal.pdbx_crystal_image_url      ? 
_exptl_crystal.pdbx_crystal_image_format   ? 
_exptl_crystal.pdbx_mosaicity              ? 
_exptl_crystal.pdbx_mosaicity_esd          ? 
# 
_exptl_crystal_grow.apparatus       ? 
_exptl_crystal_grow.atmosphere      ? 
_exptl_crystal_grow.crystal_id      1 
_exptl_crystal_grow.details         ? 
_exptl_crystal_grow.method          'VAPOR DIFFUSION, SITTING DROP' 
_exptl_crystal_grow.method_ref      ? 
_exptl_crystal_grow.pH              4.5 
_exptl_crystal_grow.pressure        ? 
_exptl_crystal_grow.pressure_esd    ? 
_exptl_crystal_grow.seeding         ? 
_exptl_crystal_grow.seeding_ref     ? 
_exptl_crystal_grow.temp            291 
_exptl_crystal_grow.temp_details    ? 
_exptl_crystal_grow.temp_esd        ? 
_exptl_crystal_grow.time            ? 
_exptl_crystal_grow.pdbx_details    
;20% PEG 3350, 0.1 M Sodium acetate pH 4.5, 0.1 M NaCl. 

Protein buffer: 20 mM Tris pH 8.0, 150 mM NaCl, 1 mM DTT, 10 mM PCP-InsP7.
;
_exptl_crystal_grow.pdbx_pH_range   ? 
# 
_diffrn.ambient_environment              ? 
_diffrn.ambient_temp                     100 
_diffrn.ambient_temp_details             ? 
_diffrn.ambient_temp_esd                 ? 
_diffrn.crystal_id                       1 
_diffrn.crystal_support                  ? 
_diffrn.crystal_treatment                ? 
_diffrn.details                          ? 
_diffrn.id                               1 
_diffrn.ambient_pressure                 ? 
_diffrn.ambient_pressure_esd             ? 
_diffrn.ambient_pressure_gt              ? 
_diffrn.ambient_pressure_lt              ? 
_diffrn.ambient_temp_gt                  ? 
_diffrn.ambient_temp_lt                  ? 
_diffrn.pdbx_serial_crystal_experiment   N 
# 
_diffrn_detector.details                      'KB focusing mirrors' 
_diffrn_detector.detector                     PIXEL 
_diffrn_detector.diffrn_id                    1 
_diffrn_detector.type                         'DECTRIS PILATUS 6M' 
_diffrn_detector.area_resol_mean              ? 
_diffrn_detector.dtime                        ? 
_diffrn_detector.pdbx_frames_total            ? 
_diffrn_detector.pdbx_collection_time_total   ? 
_diffrn_detector.pdbx_collection_date         2019-04-27 
_diffrn_detector.pdbx_frequency               ? 
# 
_diffrn_radiation.collimation                      ? 
_diffrn_radiation.diffrn_id                        1 
_diffrn_radiation.filter_edge                      ? 
_diffrn_radiation.inhomogeneity                    ? 
_diffrn_radiation.monochromator                    'Si(111) channel-cut, cryocooled' 
_diffrn_radiation.polarisn_norm                    ? 
_diffrn_radiation.polarisn_ratio                   ? 
_diffrn_radiation.probe                            ? 
_diffrn_radiation.type                             ? 
_diffrn_radiation.xray_symbol                      ? 
_diffrn_radiation.wavelength_id                    1 
_diffrn_radiation.pdbx_monochromatic_or_laue_m_l   M 
_diffrn_radiation.pdbx_wavelength_list             ? 
_diffrn_radiation.pdbx_wavelength                  ? 
_diffrn_radiation.pdbx_diffrn_protocol             'SINGLE WAVELENGTH' 
_diffrn_radiation.pdbx_analyzer                    ? 
_diffrn_radiation.pdbx_scattering_type             x-ray 
# 
_diffrn_radiation_wavelength.id           1 
_diffrn_radiation_wavelength.wavelength   0.979260 
_diffrn_radiation_wavelength.wt           1.0 
# 
_diffrn_source.current                     ? 
_diffrn_source.details                     ? 
_diffrn_source.diffrn_id                   1 
_diffrn_source.power                       ? 
_diffrn_source.size                        ? 
_diffrn_source.source                      SYNCHROTRON 
_diffrn_source.target                      ? 
_diffrn_source.type                        'ALBA BEAMLINE XALOC' 
_diffrn_source.voltage                     ? 
_diffrn_source.take-off_angle              ? 
_diffrn_source.pdbx_wavelength_list        0.979260 
_diffrn_source.pdbx_wavelength             ? 
_diffrn_source.pdbx_synchrotron_beamline   XALOC 
_diffrn_source.pdbx_synchrotron_site       ALBA 
# 
_reflns.B_iso_Wilson_estimate            32.470 
_reflns.entry_id                         7AUP 
_reflns.data_reduction_details           ? 
_reflns.data_reduction_method            ? 
_reflns.d_resolution_high                1.85 
_reflns.d_resolution_low                 46.72 
_reflns.details                          ? 
_reflns.limit_h_max                      ? 
_reflns.limit_h_min                      ? 
_reflns.limit_k_max                      ? 
_reflns.limit_k_min                      ? 
_reflns.limit_l_max                      ? 
_reflns.limit_l_min                      ? 
_reflns.number_all                       ? 
_reflns.number_obs                       18625 
_reflns.observed_criterion               ? 
_reflns.observed_criterion_F_max         ? 
_reflns.observed_criterion_F_min         ? 
_reflns.observed_criterion_I_max         ? 
_reflns.observed_criterion_I_min         ? 
_reflns.observed_criterion_sigma_F       ? 
_reflns.observed_criterion_sigma_I       ? 
_reflns.percent_possible_obs             100.0 
_reflns.R_free_details                   ? 
_reflns.Rmerge_F_all                     ? 
_reflns.Rmerge_F_obs                     ? 
_reflns.Friedel_coverage                 ? 
_reflns.number_gt                        ? 
_reflns.threshold_expression             ? 
_reflns.pdbx_redundancy                  18.6 
_reflns.pdbx_Rmerge_I_obs                0.052 
_reflns.pdbx_Rmerge_I_all                ? 
_reflns.pdbx_Rsym_value                  ? 
_reflns.pdbx_netI_over_av_sigmaI         ? 
_reflns.pdbx_netI_over_sigmaI            33.2 
_reflns.pdbx_res_netI_over_av_sigmaI_2   ? 
_reflns.pdbx_res_netI_over_sigmaI_2      ? 
_reflns.pdbx_chi_squared                 ? 
_reflns.pdbx_scaling_rejects             ? 
_reflns.pdbx_d_res_high_opt              ? 
_reflns.pdbx_d_res_low_opt               ? 
_reflns.pdbx_d_res_opt_method            ? 
_reflns.phase_calculation_details        ? 
_reflns.pdbx_Rrim_I_all                  ? 
_reflns.pdbx_Rpim_I_all                  0.013 
_reflns.pdbx_d_opt                       ? 
_reflns.pdbx_number_measured_all         ? 
_reflns.pdbx_diffrn_id                   1 
_reflns.pdbx_ordinal                     1 
_reflns.pdbx_CC_half                     1.000 
_reflns.pdbx_CC_star                     ? 
_reflns.pdbx_R_split                     ? 
# 
_reflns_shell.d_res_high                  1.85 
_reflns_shell.d_res_low                   1.89 
_reflns_shell.meanI_over_sigI_all         ? 
_reflns_shell.meanI_over_sigI_obs         6.2 
_reflns_shell.number_measured_all         ? 
_reflns_shell.number_measured_obs         ? 
_reflns_shell.number_possible             ? 
_reflns_shell.number_unique_all           ? 
_reflns_shell.number_unique_obs           1141 
_reflns_shell.percent_possible_all        100.0 
_reflns_shell.percent_possible_obs        ? 
_reflns_shell.Rmerge_F_all                ? 
_reflns_shell.Rmerge_F_obs                ? 
_reflns_shell.Rmerge_I_all                ? 
_reflns_shell.Rmerge_I_obs                0.652 
_reflns_shell.meanI_over_sigI_gt          ? 
_reflns_shell.meanI_over_uI_all           ? 
_reflns_shell.meanI_over_uI_gt            ? 
_reflns_shell.number_measured_gt          ? 
_reflns_shell.number_unique_gt            ? 
_reflns_shell.percent_possible_gt         ? 
_reflns_shell.Rmerge_F_gt                 ? 
_reflns_shell.Rmerge_I_gt                 ? 
_reflns_shell.pdbx_redundancy             17.9 
_reflns_shell.pdbx_Rsym_value             ? 
_reflns_shell.pdbx_chi_squared            ? 
_reflns_shell.pdbx_netI_over_sigmaI_all   ? 
_reflns_shell.pdbx_netI_over_sigmaI_obs   ? 
_reflns_shell.pdbx_Rrim_I_all             ? 
_reflns_shell.pdbx_Rpim_I_all             0.16 
_reflns_shell.pdbx_rejects                ? 
_reflns_shell.pdbx_ordinal                1 
_reflns_shell.pdbx_diffrn_id              1 
_reflns_shell.pdbx_CC_half                0.915 
_reflns_shell.pdbx_CC_star                ? 
_reflns_shell.pdbx_R_split                ? 
# 
_refine.aniso_B[1][1]                            0.2000 
_refine.aniso_B[1][2]                            0.1000 
_refine.aniso_B[1][3]                            -0.0000 
_refine.aniso_B[2][2]                            0.2000 
_refine.aniso_B[2][3]                            -0.0000 
_refine.aniso_B[3][3]                            -0.6500 
_refine.B_iso_max                                146.540 
_refine.B_iso_mean                               46.9450 
_refine.B_iso_min                                24.360 
_refine.correlation_coeff_Fo_to_Fc               0.9560 
_refine.correlation_coeff_Fo_to_Fc_free          0.9330 
_refine.details                                  
'HYDROGENS HAVE BEEN ADDED IN THE RIDING POSITIONS U VALUES      : REFINED INDIVIDUALLY' 
_refine.diff_density_max                         ? 
_refine.diff_density_max_esd                     ? 
_refine.diff_density_min                         ? 
_refine.diff_density_min_esd                     ? 
_refine.diff_density_rms                         ? 
_refine.diff_density_rms_esd                     ? 
_refine.entry_id                                 7AUP 
_refine.pdbx_refine_id                           'X-RAY DIFFRACTION' 
_refine.ls_abs_structure_details                 ? 
_refine.ls_abs_structure_Flack                   ? 
_refine.ls_abs_structure_Flack_esd               ? 
_refine.ls_abs_structure_Rogers                  ? 
_refine.ls_abs_structure_Rogers_esd              ? 
_refine.ls_d_res_high                            1.8500 
_refine.ls_d_res_low                             46.7200 
_refine.ls_extinction_coef                       ? 
_refine.ls_extinction_coef_esd                   ? 
_refine.ls_extinction_expression                 ? 
_refine.ls_extinction_method                     ? 
_refine.ls_goodness_of_fit_all                   ? 
_refine.ls_goodness_of_fit_all_esd               ? 
_refine.ls_goodness_of_fit_obs                   ? 
_refine.ls_goodness_of_fit_obs_esd               ? 
_refine.ls_hydrogen_treatment                    ? 
_refine.ls_matrix_type                           ? 
_refine.ls_number_constraints                    ? 
_refine.ls_number_parameters                     ? 
_refine.ls_number_reflns_all                     ? 
_refine.ls_number_reflns_obs                     17656 
_refine.ls_number_reflns_R_free                  936 
_refine.ls_number_reflns_R_work                  ? 
_refine.ls_number_restraints                     ? 
_refine.ls_percent_reflns_obs                    99.9400 
_refine.ls_percent_reflns_R_free                 5.0000 
_refine.ls_R_factor_all                          ? 
_refine.ls_R_factor_obs                          0.2258 
_refine.ls_R_factor_R_free                       0.2682 
_refine.ls_R_factor_R_free_error                 ? 
_refine.ls_R_factor_R_free_error_details         ? 
_refine.ls_R_factor_R_work                       0.2234 
_refine.ls_R_Fsqd_factor_obs                     ? 
_refine.ls_R_I_factor_obs                        ? 
_refine.ls_redundancy_reflns_all                 ? 
_refine.ls_redundancy_reflns_obs                 ? 
_refine.ls_restrained_S_all                      ? 
_refine.ls_restrained_S_obs                      ? 
_refine.ls_shift_over_esd_max                    ? 
_refine.ls_shift_over_esd_mean                   ? 
_refine.ls_structure_factor_coef                 ? 
_refine.ls_weighting_details                     ? 
_refine.ls_weighting_scheme                      ? 
_refine.ls_wR_factor_all                         ? 
_refine.ls_wR_factor_obs                         ? 
_refine.ls_wR_factor_R_free                      ? 
_refine.ls_wR_factor_R_work                      ? 
_refine.occupancy_max                            ? 
_refine.occupancy_min                            ? 
_refine.solvent_model_details                    MASK 
_refine.solvent_model_param_bsol                 ? 
_refine.solvent_model_param_ksol                 ? 
_refine.pdbx_R_complete                          ? 
_refine.ls_R_factor_gt                           ? 
_refine.ls_goodness_of_fit_gt                    ? 
_refine.ls_goodness_of_fit_ref                   ? 
_refine.ls_shift_over_su_max                     ? 
_refine.ls_shift_over_su_max_lt                  ? 
_refine.ls_shift_over_su_mean                    ? 
_refine.ls_shift_over_su_mean_lt                 ? 
_refine.pdbx_ls_sigma_I                          ? 
_refine.pdbx_ls_sigma_F                          0.000 
_refine.pdbx_ls_sigma_Fsqd                       ? 
_refine.pdbx_data_cutoff_high_absF               ? 
_refine.pdbx_data_cutoff_high_rms_absF           ? 
_refine.pdbx_data_cutoff_low_absF                ? 
_refine.pdbx_isotropic_thermal_model             ? 
_refine.pdbx_ls_cross_valid_method               THROUGHOUT 
_refine.pdbx_method_to_determine_struct          'FOURIER SYNTHESIS' 
_refine.pdbx_starting_model                      7AUN 
_refine.pdbx_stereochemistry_target_values       'MAXIMUM LIKELIHOOD' 
_refine.pdbx_R_Free_selection_details            RANDOM 
_refine.pdbx_stereochem_target_val_spec_case     ? 
_refine.pdbx_overall_ESU_R                       0.1480 
_refine.pdbx_overall_ESU_R_Free                  0.1450 
_refine.pdbx_solvent_vdw_probe_radii             1.2000 
_refine.pdbx_solvent_ion_probe_radii             0.8000 
_refine.pdbx_solvent_shrinkage_radii             0.8000 
_refine.pdbx_real_space_R                        ? 
_refine.pdbx_density_correlation                 ? 
_refine.pdbx_pd_number_of_powder_patterns        ? 
_refine.pdbx_pd_number_of_points                 ? 
_refine.pdbx_pd_meas_number_of_points            ? 
_refine.pdbx_pd_proc_ls_prof_R_factor            ? 
_refine.pdbx_pd_proc_ls_prof_wR_factor           ? 
_refine.pdbx_pd_Marquardt_correlation_coeff      ? 
_refine.pdbx_pd_Fsqrd_R_factor                   ? 
_refine.pdbx_pd_ls_matrix_band_width             ? 
_refine.pdbx_overall_phase_error                 ? 
_refine.pdbx_overall_SU_R_free_Cruickshank_DPI   ? 
_refine.pdbx_overall_SU_R_free_Blow_DPI          ? 
_refine.pdbx_overall_SU_R_Blow_DPI               ? 
_refine.pdbx_TLS_residual_ADP_flag               ? 
_refine.pdbx_diffrn_id                           1 
_refine.overall_SU_B                             3.8830 
_refine.overall_SU_ML                            0.1150 
_refine.overall_SU_R_Cruickshank_DPI             ? 
_refine.overall_SU_R_free                        ? 
_refine.overall_FOM_free_R_set                   ? 
_refine.overall_FOM_work_R_set                   ? 
_refine.pdbx_average_fsc_overall                 ? 
_refine.pdbx_average_fsc_work                    ? 
_refine.pdbx_average_fsc_free                    ? 
# 
_refine_hist.pdbx_refine_id                   'X-RAY DIFFRACTION' 
_refine_hist.cycle_id                         final 
_refine_hist.details                          ? 
_refine_hist.d_res_high                       1.8500 
_refine_hist.d_res_low                        46.7200 
_refine_hist.number_atoms_solvent             68 
_refine_hist.number_atoms_total               1444 
_refine_hist.number_reflns_all                ? 
_refine_hist.number_reflns_obs                ? 
_refine_hist.number_reflns_R_free             ? 
_refine_hist.number_reflns_R_work             ? 
_refine_hist.R_factor_all                     ? 
_refine_hist.R_factor_obs                     ? 
_refine_hist.R_factor_R_free                  ? 
_refine_hist.R_factor_R_work                  ? 
_refine_hist.pdbx_number_residues_total       160 
_refine_hist.pdbx_B_iso_mean_ligand           85.79 
_refine_hist.pdbx_B_iso_mean_solvent          50.39 
_refine_hist.pdbx_number_atoms_protein        1294 
_refine_hist.pdbx_number_atoms_nucleic_acid   0 
_refine_hist.pdbx_number_atoms_ligand         82 
_refine_hist.pdbx_number_atoms_lipid          ? 
_refine_hist.pdbx_number_atoms_carb           ? 
_refine_hist.pdbx_pseudo_atom_details         ? 
# 
loop_
_refine_ls_restr.pdbx_refine_id 
_refine_ls_restr.criterion 
_refine_ls_restr.dev_ideal 
_refine_ls_restr.dev_ideal_target 
_refine_ls_restr.number 
_refine_ls_restr.rejects 
_refine_ls_restr.type 
_refine_ls_restr.weight 
_refine_ls_restr.pdbx_restraint_function 
'X-RAY DIFFRACTION' ? 0.011  0.013  1419 ? r_bond_refined_d       ? ? 
'X-RAY DIFFRACTION' ? 0.001  0.017  1300 ? r_bond_other_d         ? ? 
'X-RAY DIFFRACTION' ? 1.826  1.691  1942 ? r_angle_refined_deg    ? ? 
'X-RAY DIFFRACTION' ? 1.322  1.589  3021 ? r_angle_other_deg      ? ? 
'X-RAY DIFFRACTION' ? 7.450  5.000  162  ? r_dihedral_angle_1_deg ? ? 
'X-RAY DIFFRACTION' ? 32.786 21.899 79   ? r_dihedral_angle_2_deg ? ? 
'X-RAY DIFFRACTION' ? 15.780 15.000 252  ? r_dihedral_angle_3_deg ? ? 
'X-RAY DIFFRACTION' ? 15.437 15.000 12   ? r_dihedral_angle_4_deg ? ? 
'X-RAY DIFFRACTION' ? 0.085  0.200  181  ? r_chiral_restr         ? ? 
'X-RAY DIFFRACTION' ? 0.010  0.020  1497 ? r_gen_planes_refined   ? ? 
'X-RAY DIFFRACTION' ? 0.001  0.020  299  ? r_gen_planes_other     ? ? 
# 
_refine_ls_shell.pdbx_refine_id                   'X-RAY DIFFRACTION' 
_refine_ls_shell.d_res_high                       1.8500 
_refine_ls_shell.d_res_low                        1.8980 
_refine_ls_shell.number_reflns_all                1356 
_refine_ls_shell.number_reflns_obs                ? 
_refine_ls_shell.number_reflns_R_free             66 
_refine_ls_shell.number_reflns_R_work             1290 
_refine_ls_shell.percent_reflns_obs               99.7100 
_refine_ls_shell.percent_reflns_R_free            ? 
_refine_ls_shell.R_factor_all                     ? 
_refine_ls_shell.R_factor_obs                     ? 
_refine_ls_shell.R_factor_R_free                  0.3820 
_refine_ls_shell.R_factor_R_free_error            0.0000 
_refine_ls_shell.R_factor_R_work                  0.2870 
_refine_ls_shell.redundancy_reflns_all            ? 
_refine_ls_shell.redundancy_reflns_obs            ? 
_refine_ls_shell.wR_factor_all                    ? 
_refine_ls_shell.wR_factor_obs                    ? 
_refine_ls_shell.wR_factor_R_free                 ? 
_refine_ls_shell.wR_factor_R_work                 ? 
_refine_ls_shell.pdbx_R_complete                  ? 
_refine_ls_shell.pdbx_total_number_of_bins_used   20 
_refine_ls_shell.pdbx_phase_error                 ? 
_refine_ls_shell.pdbx_fsc_work                    ? 
_refine_ls_shell.pdbx_fsc_free                    ? 
# 
_struct.entry_id                     7AUP 
_struct.title                        'Yeast Diphosphoinositol Polyphosphate Phosphohydrolase DDP1 in complex with PCP-InsP7' 
_struct.pdbx_model_details           ? 
_struct.pdbx_formula_weight          ? 
_struct.pdbx_formula_weight_method   ? 
_struct.pdbx_model_type_details      ? 
_struct.pdbx_CASP_flag               N 
# 
_struct_keywords.entry_id        7AUP 
_struct_keywords.text            
'Inositol, PP-InsP, Pyrophosphatase, Polyphosphate, Diadenosine polyphosphate, DDP1, Nudix, HYDROLASE' 
_struct_keywords.pdbx_keywords   HYDROLASE 
# 
loop_
_struct_asym.id 
_struct_asym.pdbx_blank_PDB_chainid_flag 
_struct_asym.pdbx_modified 
_struct_asym.entity_id 
_struct_asym.details 
A N N 1 ? 
B N N 2 ? 
C N N 3 ? 
D N N 3 ? 
E N N 4 ? 
# 
_struct_ref.id                         1 
_struct_ref.db_name                    UNP 
_struct_ref.db_code                    DDP1_YEAST 
_struct_ref.pdbx_db_accession          Q99321 
_struct_ref.pdbx_db_isoform            ? 
_struct_ref.entity_id                  1 
_struct_ref.pdbx_seq_one_letter_code   
;MGKTADNHGPVRSETAREGRENQVYSPVTGARLVAGCICLTPDKKQVLMITSSAHKKRWIVPKGGVEKDEPNYETTAQRE
TWEEAGCIGKIVANLGTVEDMRPPKDWNKDIKQFENSRKDSEVAKHPPRTEFHFYELEIENLLDKFPECHKRHRKLYSYT
EAKQNLIDAKRPELLEALNRSAIIKDDK
;
_struct_ref.pdbx_align_begin           1 
# 
_struct_ref_seq.align_id                      1 
_struct_ref_seq.ref_id                        1 
_struct_ref_seq.pdbx_PDB_id_code              7AUP 
_struct_ref_seq.pdbx_strand_id                A 
_struct_ref_seq.seq_align_beg                 4 
_struct_ref_seq.pdbx_seq_align_beg_ins_code   ? 
_struct_ref_seq.seq_align_end                 191 
_struct_ref_seq.pdbx_seq_align_end_ins_code   ? 
_struct_ref_seq.pdbx_db_accession             Q99321 
_struct_ref_seq.db_align_beg                  1 
_struct_ref_seq.pdbx_db_align_beg_ins_code    ? 
_struct_ref_seq.db_align_end                  188 
_struct_ref_seq.pdbx_db_align_end_ins_code    ? 
_struct_ref_seq.pdbx_auth_seq_align_beg       1 
_struct_ref_seq.pdbx_auth_seq_align_end       188 
# 
loop_
_struct_ref_seq_dif.align_id 
_struct_ref_seq_dif.pdbx_pdb_id_code 
_struct_ref_seq_dif.mon_id 
_struct_ref_seq_dif.pdbx_pdb_strand_id 
_struct_ref_seq_dif.seq_num 
_struct_ref_seq_dif.pdbx_pdb_ins_code 
_struct_ref_seq_dif.pdbx_seq_db_name 
_struct_ref_seq_dif.pdbx_seq_db_accession_code 
_struct_ref_seq_dif.db_mon_id 
_struct_ref_seq_dif.pdbx_seq_db_seq_num 
_struct_ref_seq_dif.details 
_struct_ref_seq_dif.pdbx_auth_seq_num 
_struct_ref_seq_dif.pdbx_ordinal 
1 7AUP GLY A 1 ? UNP Q99321 ? ? 'expression tag' -2 1 
1 7AUP GLY A 2 ? UNP Q99321 ? ? 'expression tag' -1 2 
1 7AUP SER A 3 ? UNP Q99321 ? ? 'expression tag' 0  3 
# 
_pdbx_struct_assembly.id                   1 
_pdbx_struct_assembly.details              author_and_software_defined_assembly 
_pdbx_struct_assembly.method_details       PISA 
_pdbx_struct_assembly.oligomeric_details   monomeric 
_pdbx_struct_assembly.oligomeric_count     1 
# 
loop_
_pdbx_struct_assembly_prop.biol_id 
_pdbx_struct_assembly_prop.type 
_pdbx_struct_assembly_prop.value 
_pdbx_struct_assembly_prop.details 
1 'ABSA (A^2)' 210  ? 
1 MORE         -19  ? 
1 'SSA (A^2)'  9340 ? 
# 
_pdbx_struct_assembly_gen.assembly_id       1 
_pdbx_struct_assembly_gen.oper_expression   1 
_pdbx_struct_assembly_gen.asym_id_list      A,B,C,D,E 
# 
_pdbx_struct_assembly_auth_evidence.id                     1 
_pdbx_struct_assembly_auth_evidence.assembly_id            1 
_pdbx_struct_assembly_auth_evidence.experimental_support   'gel filtration' 
_pdbx_struct_assembly_auth_evidence.details                ? 
# 
_pdbx_struct_oper_list.id                   1 
_pdbx_struct_oper_list.type                 'identity operation' 
_pdbx_struct_oper_list.name                 1_555 
_pdbx_struct_oper_list.symmetry_operation   x,y,z 
_pdbx_struct_oper_list.matrix[1][1]         1.0000000000 
_pdbx_struct_oper_list.matrix[1][2]         0.0000000000 
_pdbx_struct_oper_list.matrix[1][3]         0.0000000000 
_pdbx_struct_oper_list.vector[1]            0.0000000000 
_pdbx_struct_oper_list.matrix[2][1]         0.0000000000 
_pdbx_struct_oper_list.matrix[2][2]         1.0000000000 
_pdbx_struct_oper_list.matrix[2][3]         0.0000000000 
_pdbx_struct_oper_list.vector[2]            0.0000000000 
_pdbx_struct_oper_list.matrix[3][1]         0.0000000000 
_pdbx_struct_oper_list.matrix[3][2]         0.0000000000 
_pdbx_struct_oper_list.matrix[3][3]         1.0000000000 
_pdbx_struct_oper_list.vector[3]            0.0000000000 
# 
loop_
_struct_conf.conf_type_id 
_struct_conf.id 
_struct_conf.pdbx_PDB_helix_id 
_struct_conf.beg_label_comp_id 
_struct_conf.beg_label_asym_id 
_struct_conf.beg_label_seq_id 
_struct_conf.pdbx_beg_PDB_ins_code 
_struct_conf.end_label_comp_id 
_struct_conf.end_label_asym_id 
_struct_conf.end_label_seq_id 
_struct_conf.pdbx_end_PDB_ins_code 
_struct_conf.beg_auth_comp_id 
_struct_conf.beg_auth_asym_id 
_struct_conf.beg_auth_seq_id 
_struct_conf.end_auth_comp_id 
_struct_conf.end_auth_asym_id 
_struct_conf.end_auth_seq_id 
_struct_conf.pdbx_PDB_helix_class 
_struct_conf.details 
_struct_conf.pdbx_PDB_helix_length 
HELX_P HELX_P1 AA1 ASN A 75  ? GLY A 89  ? ASN A 72  GLY A 86  1 ? 15 
HELX_P HELX_P2 AA2 TYR A 162 ? ALA A 172 ? TYR A 159 ALA A 169 1 ? 11 
HELX_P HELX_P3 AA3 ARG A 174 ? SER A 184 ? ARG A 171 SER A 181 1 ? 11 
# 
_struct_conf_type.id          HELX_P 
_struct_conf_type.criteria    ? 
_struct_conf_type.reference   ? 
# 
loop_
_struct_conn.id 
_struct_conn.conn_type_id 
_struct_conn.pdbx_leaving_atom_flag 
_struct_conn.pdbx_PDB_id 
_struct_conn.ptnr1_label_asym_id 
_struct_conn.ptnr1_label_comp_id 
_struct_conn.ptnr1_label_seq_id 
_struct_conn.ptnr1_label_atom_id 
_struct_conn.pdbx_ptnr1_label_alt_id 
_struct_conn.pdbx_ptnr1_PDB_ins_code 
_struct_conn.pdbx_ptnr1_standard_comp_id 
_struct_conn.ptnr1_symmetry 
_struct_conn.ptnr2_label_asym_id 
_struct_conn.ptnr2_label_comp_id 
_struct_conn.ptnr2_label_seq_id 
_struct_conn.ptnr2_label_atom_id 
_struct_conn.pdbx_ptnr2_label_alt_id 
_struct_conn.pdbx_ptnr2_PDB_ins_code 
_struct_conn.ptnr1_auth_asym_id 
_struct_conn.ptnr1_auth_comp_id 
_struct_conn.ptnr1_auth_seq_id 
_struct_conn.ptnr2_auth_asym_id 
_struct_conn.ptnr2_auth_comp_id 
_struct_conn.ptnr2_auth_seq_id 
_struct_conn.ptnr2_symmetry 
_struct_conn.pdbx_ptnr3_label_atom_id 
_struct_conn.pdbx_ptnr3_label_seq_id 
_struct_conn.pdbx_ptnr3_label_comp_id 
_struct_conn.pdbx_ptnr3_label_asym_id 
_struct_conn.pdbx_ptnr3_label_alt_id 
_struct_conn.pdbx_ptnr3_PDB_ins_code 
_struct_conn.details 
_struct_conn.pdbx_dist_value 
_struct_conn.pdbx_value_order 
_struct_conn.pdbx_role 
metalc1  metalc ? ? A LYS 66 O   ? ? ? 1_555 C MG  . MG ? ? A LYS 63  A MG  202 1_555 ? ? ? ? ? ? ? 2.493 ? ? 
metalc2  metalc ? ? A GLU 83 OE1 ? ? ? 1_555 D MG  . MG ? ? A GLU 80  A MG  203 1_555 ? ? ? ? ? ? ? 2.330 ? ? 
metalc3  metalc ? ? A GLU 87 OE1 ? ? ? 1_555 C MG  . MG ? ? A GLU 84  A MG  202 1_555 ? ? ? ? ? ? ? 2.320 ? ? 
metalc4  metalc ? ? B VEB .  O21 A ? ? 1_555 C MG  . MG ? ? A VEB 201 A MG  202 1_555 ? ? ? ? ? ? ? 1.794 ? ? 
metalc5  metalc ? ? B VEB .  O26 A ? ? 1_555 C MG  . MG ? ? A VEB 201 A MG  202 1_555 ? ? ? ? ? ? ? 2.614 ? ? 
metalc6  metalc ? ? B VEB .  O26 B ? ? 1_555 C MG  . MG ? ? A VEB 201 A MG  202 1_555 ? ? ? ? ? ? ? 2.853 ? ? 
metalc7  metalc ? ? B VEB .  O51 B ? ? 1_555 C MG  . MG ? ? A VEB 201 A MG  202 1_555 ? ? ? ? ? ? ? 1.781 ? ? 
metalc8  metalc ? ? B VEB .  O61 A ? ? 1_555 C MG  . MG ? ? A VEB 201 A MG  202 1_555 ? ? ? ? ? ? ? 2.773 ? ? 
metalc9  metalc ? ? B VEB .  O51 A ? ? 1_555 D MG  . MG ? ? A VEB 201 A MG  203 1_555 ? ? ? ? ? ? ? 1.776 ? ? 
metalc10 metalc ? ? B VEB .  O71 A ? ? 1_555 D MG  . MG ? ? A VEB 201 A MG  203 1_555 ? ? ? ? ? ? ? 2.967 ? ? 
metalc11 metalc ? ? B VEB .  O61 A ? ? 1_555 D MG  . MG ? ? A VEB 201 A MG  203 1_555 ? ? ? ? ? ? ? 2.312 ? ? 
metalc12 metalc ? ? C MG  .  MG  ? ? ? 1_555 E HOH . O  ? ? A MG  202 A HOH 339 1_555 ? ? ? ? ? ? ? 2.595 ? ? 
metalc13 metalc ? ? D MG  .  MG  ? ? ? 1_555 E HOH . O  ? ? A MG  203 A HOH 301 1_555 ? ? ? ? ? ? ? 2.096 ? ? 
metalc14 metalc ? ? D MG  .  MG  ? ? ? 1_555 E HOH . O  ? ? A MG  203 A HOH 307 1_555 ? ? ? ? ? ? ? 2.973 ? ? 
# 
_struct_conn_type.id          metalc 
_struct_conn_type.criteria    ? 
_struct_conn_type.reference   ? 
# 
loop_
_pdbx_struct_conn_angle.id 
_pdbx_struct_conn_angle.ptnr1_label_atom_id 
_pdbx_struct_conn_angle.ptnr1_label_alt_id 
_pdbx_struct_conn_angle.ptnr1_label_asym_id 
_pdbx_struct_conn_angle.ptnr1_label_comp_id 
_pdbx_struct_conn_angle.ptnr1_label_seq_id 
_pdbx_struct_conn_angle.ptnr1_auth_atom_id 
_pdbx_struct_conn_angle.ptnr1_auth_asym_id 
_pdbx_struct_conn_angle.ptnr1_auth_comp_id 
_pdbx_struct_conn_angle.ptnr1_auth_seq_id 
_pdbx_struct_conn_angle.ptnr1_PDB_ins_code 
_pdbx_struct_conn_angle.ptnr1_symmetry 
_pdbx_struct_conn_angle.ptnr2_label_atom_id 
_pdbx_struct_conn_angle.ptnr2_label_alt_id 
_pdbx_struct_conn_angle.ptnr2_label_asym_id 
_pdbx_struct_conn_angle.ptnr2_label_comp_id 
_pdbx_struct_conn_angle.ptnr2_label_seq_id 
_pdbx_struct_conn_angle.ptnr2_auth_atom_id 
_pdbx_struct_conn_angle.ptnr2_auth_asym_id 
_pdbx_struct_conn_angle.ptnr2_auth_comp_id 
_pdbx_struct_conn_angle.ptnr2_auth_seq_id 
_pdbx_struct_conn_angle.ptnr2_PDB_ins_code 
_pdbx_struct_conn_angle.ptnr2_symmetry 
_pdbx_struct_conn_angle.ptnr3_label_atom_id 
_pdbx_struct_conn_angle.ptnr3_label_alt_id 
_pdbx_struct_conn_angle.ptnr3_label_asym_id 
_pdbx_struct_conn_angle.ptnr3_label_comp_id 
_pdbx_struct_conn_angle.ptnr3_label_seq_id 
_pdbx_struct_conn_angle.ptnr3_auth_atom_id 
_pdbx_struct_conn_angle.ptnr3_auth_asym_id 
_pdbx_struct_conn_angle.ptnr3_auth_comp_id 
_pdbx_struct_conn_angle.ptnr3_auth_seq_id 
_pdbx_struct_conn_angle.ptnr3_PDB_ins_code 
_pdbx_struct_conn_angle.ptnr3_symmetry 
_pdbx_struct_conn_angle.value 
_pdbx_struct_conn_angle.value_esd 
1  O   ? A LYS 66 ? A LYS 63  ? 1_555 MG ? C MG . ? A MG 202 ? 1_555 OE1 ? A GLU 87 ? A GLU 84  ? 1_555 73.0  ? 
2  O   ? A LYS 66 ? A LYS 63  ? 1_555 MG ? C MG . ? A MG 202 ? 1_555 O21 A B VEB .  ? A VEB 201 ? 1_555 117.8 ? 
3  OE1 ? A GLU 87 ? A GLU 84  ? 1_555 MG ? C MG . ? A MG 202 ? 1_555 O21 A B VEB .  ? A VEB 201 ? 1_555 142.6 ? 
4  O   ? A LYS 66 ? A LYS 63  ? 1_555 MG ? C MG . ? A MG 202 ? 1_555 O26 A B VEB .  ? A VEB 201 ? 1_555 165.7 ? 
5  OE1 ? A GLU 87 ? A GLU 84  ? 1_555 MG ? C MG . ? A MG 202 ? 1_555 O26 A B VEB .  ? A VEB 201 ? 1_555 98.5  ? 
6  O21 A B VEB .  ? A VEB 201 ? 1_555 MG ? C MG . ? A MG 202 ? 1_555 O26 A B VEB .  ? A VEB 201 ? 1_555 76.0  ? 
7  O   ? A LYS 66 ? A LYS 63  ? 1_555 MG ? C MG . ? A MG 202 ? 1_555 O26 B B VEB .  ? A VEB 201 ? 1_555 143.4 ? 
8  OE1 ? A GLU 87 ? A GLU 84  ? 1_555 MG ? C MG . ? A MG 202 ? 1_555 O26 B B VEB .  ? A VEB 201 ? 1_555 97.5  ? 
9  O21 A B VEB .  ? A VEB 201 ? 1_555 MG ? C MG . ? A MG 202 ? 1_555 O26 B B VEB .  ? A VEB 201 ? 1_555 91.5  ? 
10 O26 A B VEB .  ? A VEB 201 ? 1_555 MG ? C MG . ? A MG 202 ? 1_555 O26 B B VEB .  ? A VEB 201 ? 1_555 24.3  ? 
11 O   ? A LYS 66 ? A LYS 63  ? 1_555 MG ? C MG . ? A MG 202 ? 1_555 O51 B B VEB .  ? A VEB 201 ? 1_555 92.8  ? 
12 OE1 ? A GLU 87 ? A GLU 84  ? 1_555 MG ? C MG . ? A MG 202 ? 1_555 O51 B B VEB .  ? A VEB 201 ? 1_555 135.8 ? 
13 O21 A B VEB .  ? A VEB 201 ? 1_555 MG ? C MG . ? A MG 202 ? 1_555 O51 B B VEB .  ? A VEB 201 ? 1_555 25.2  ? 
14 O26 A B VEB .  ? A VEB 201 ? 1_555 MG ? C MG . ? A MG 202 ? 1_555 O51 B B VEB .  ? A VEB 201 ? 1_555 101.1 ? 
15 O26 B B VEB .  ? A VEB 201 ? 1_555 MG ? C MG . ? A MG 202 ? 1_555 O51 B B VEB .  ? A VEB 201 ? 1_555 115.9 ? 
16 O   ? A LYS 66 ? A LYS 63  ? 1_555 MG ? C MG . ? A MG 202 ? 1_555 O61 A B VEB .  ? A VEB 201 ? 1_555 99.4  ? 
17 OE1 ? A GLU 87 ? A GLU 84  ? 1_555 MG ? C MG . ? A MG 202 ? 1_555 O61 A B VEB .  ? A VEB 201 ? 1_555 80.5  ? 
18 O21 A B VEB .  ? A VEB 201 ? 1_555 MG ? C MG . ? A MG 202 ? 1_555 O61 A B VEB .  ? A VEB 201 ? 1_555 62.8  ? 
19 O26 A B VEB .  ? A VEB 201 ? 1_555 MG ? C MG . ? A MG 202 ? 1_555 O61 A B VEB .  ? A VEB 201 ? 1_555 90.1  ? 
20 O26 B B VEB .  ? A VEB 201 ? 1_555 MG ? C MG . ? A MG 202 ? 1_555 O61 A B VEB .  ? A VEB 201 ? 1_555 114.0 ? 
21 O51 B B VEB .  ? A VEB 201 ? 1_555 MG ? C MG . ? A MG 202 ? 1_555 O61 A B VEB .  ? A VEB 201 ? 1_555 60.4  ? 
22 O   ? A LYS 66 ? A LYS 63  ? 1_555 MG ? C MG . ? A MG 202 ? 1_555 O   ? E HOH .  ? A HOH 339 ? 1_555 79.1  ? 
23 OE1 ? A GLU 87 ? A GLU 84  ? 1_555 MG ? C MG . ? A MG 202 ? 1_555 O   ? E HOH .  ? A HOH 339 ? 1_555 90.7  ? 
24 O21 A B VEB .  ? A VEB 201 ? 1_555 MG ? C MG . ? A MG 202 ? 1_555 O   ? E HOH .  ? A HOH 339 ? 1_555 125.7 ? 
25 O26 A B VEB .  ? A VEB 201 ? 1_555 MG ? C MG . ? A MG 202 ? 1_555 O   ? E HOH .  ? A HOH 339 ? 1_555 89.8  ? 
26 O26 B B VEB .  ? A VEB 201 ? 1_555 MG ? C MG . ? A MG 202 ? 1_555 O   ? E HOH .  ? A HOH 339 ? 1_555 65.5  ? 
27 O51 B B VEB .  ? A VEB 201 ? 1_555 MG ? C MG . ? A MG 202 ? 1_555 O   ? E HOH .  ? A HOH 339 ? 1_555 128.3 ? 
28 O61 A B VEB .  ? A VEB 201 ? 1_555 MG ? C MG . ? A MG 202 ? 1_555 O   ? E HOH .  ? A HOH 339 ? 1_555 171.0 ? 
29 OE1 ? A GLU 83 ? A GLU 80  ? 1_555 MG ? D MG . ? A MG 203 ? 1_555 O51 A B VEB .  ? A VEB 201 ? 1_555 119.2 ? 
30 OE1 ? A GLU 83 ? A GLU 80  ? 1_555 MG ? D MG . ? A MG 203 ? 1_555 O71 A B VEB .  ? A VEB 201 ? 1_555 157.6 ? 
31 O51 A B VEB .  ? A VEB 201 ? 1_555 MG ? D MG . ? A MG 203 ? 1_555 O71 A B VEB .  ? A VEB 201 ? 1_555 57.9  ? 
32 OE1 ? A GLU 83 ? A GLU 80  ? 1_555 MG ? D MG . ? A MG 203 ? 1_555 O61 A B VEB .  ? A VEB 201 ? 1_555 102.2 ? 
33 O51 A B VEB .  ? A VEB 201 ? 1_555 MG ? D MG . ? A MG 203 ? 1_555 O61 A B VEB .  ? A VEB 201 ? 1_555 74.9  ? 
34 O71 A B VEB .  ? A VEB 201 ? 1_555 MG ? D MG . ? A MG 203 ? 1_555 O61 A B VEB .  ? A VEB 201 ? 1_555 55.5  ? 
35 OE1 ? A GLU 83 ? A GLU 80  ? 1_555 MG ? D MG . ? A MG 203 ? 1_555 O   ? E HOH .  ? A HOH 301 ? 1_555 88.8  ? 
36 O51 A B VEB .  ? A VEB 201 ? 1_555 MG ? D MG . ? A MG 203 ? 1_555 O   ? E HOH .  ? A HOH 301 ? 1_555 130.7 ? 
37 O71 A B VEB .  ? A VEB 201 ? 1_555 MG ? D MG . ? A MG 203 ? 1_555 O   ? E HOH .  ? A HOH 301 ? 1_555 80.6  ? 
38 O61 A B VEB .  ? A VEB 201 ? 1_555 MG ? D MG . ? A MG 203 ? 1_555 O   ? E HOH .  ? A HOH 301 ? 1_555 59.0  ? 
39 OE1 ? A GLU 83 ? A GLU 80  ? 1_555 MG ? D MG . ? A MG 203 ? 1_555 O   ? E HOH .  ? A HOH 307 ? 1_555 76.6  ? 
40 O51 A B VEB .  ? A VEB 201 ? 1_555 MG ? D MG . ? A MG 203 ? 1_555 O   ? E HOH .  ? A HOH 307 ? 1_555 61.7  ? 
41 O71 A B VEB .  ? A VEB 201 ? 1_555 MG ? D MG . ? A MG 203 ? 1_555 O   ? E HOH .  ? A HOH 307 ? 1_555 114.3 ? 
42 O61 A B VEB .  ? A VEB 201 ? 1_555 MG ? D MG . ? A MG 203 ? 1_555 O   ? E HOH .  ? A HOH 307 ? 1_555 127.0 ? 
43 O   ? E HOH .  ? A HOH 301 ? 1_555 MG ? D MG . ? A MG 203 ? 1_555 O   ? E HOH .  ? A HOH 307 ? 1_555 165.0 ? 
# 
loop_
_struct_sheet.id 
_struct_sheet.type 
_struct_sheet.number_strands 
_struct_sheet.details 
AA1 ? 4 ? 
AA2 ? 3 ? 
AA3 ? 2 ? 
# 
loop_
_struct_sheet_order.sheet_id 
_struct_sheet_order.range_id_1 
_struct_sheet_order.range_id_2 
_struct_sheet_order.offset 
_struct_sheet_order.sense 
AA1 1 2 ? anti-parallel 
AA1 2 3 ? parallel      
AA1 3 4 ? anti-parallel 
AA2 1 2 ? anti-parallel 
AA2 2 3 ? anti-parallel 
AA3 1 2 ? anti-parallel 
# 
loop_
_struct_sheet_range.sheet_id 
_struct_sheet_range.id 
_struct_sheet_range.beg_label_comp_id 
_struct_sheet_range.beg_label_asym_id 
_struct_sheet_range.beg_label_seq_id 
_struct_sheet_range.pdbx_beg_PDB_ins_code 
_struct_sheet_range.end_label_comp_id 
_struct_sheet_range.end_label_asym_id 
_struct_sheet_range.end_label_seq_id 
_struct_sheet_range.pdbx_end_PDB_ins_code 
_struct_sheet_range.beg_auth_comp_id 
_struct_sheet_range.beg_auth_asym_id 
_struct_sheet_range.beg_auth_seq_id 
_struct_sheet_range.end_auth_comp_id 
_struct_sheet_range.end_auth_asym_id 
_struct_sheet_range.end_auth_seq_id 
AA1 1 LYS A 66  ? GLY A 68  ? LYS A 63  GLY A 65  
AA1 2 ARG A 35  ? LEU A 43  ? ARG A 32  LEU A 40  
AA1 3 THR A 133 ? LEU A 145 ? THR A 130 LEU A 142 
AA1 4 CYS A 90  ? ASP A 103 ? CYS A 87  ASP A 100 
AA2 1 TRP A 62  ? ILE A 63  ? TRP A 59  ILE A 60  
AA2 2 GLN A 49  ? THR A 54  ? GLN A 46  THR A 51  
AA2 3 ARG A 157 ? SER A 161 ? ARG A 154 SER A 158 
AA3 1 PHE A 117 ? ASN A 119 ? PHE A 114 ASN A 116 
AA3 2 SER A 124 ? VAL A 126 ? SER A 121 VAL A 123 
# 
loop_
_pdbx_struct_sheet_hbond.sheet_id 
_pdbx_struct_sheet_hbond.range_id_1 
_pdbx_struct_sheet_hbond.range_id_2 
_pdbx_struct_sheet_hbond.range_1_label_atom_id 
_pdbx_struct_sheet_hbond.range_1_label_comp_id 
_pdbx_struct_sheet_hbond.range_1_label_asym_id 
_pdbx_struct_sheet_hbond.range_1_label_seq_id 
_pdbx_struct_sheet_hbond.range_1_PDB_ins_code 
_pdbx_struct_sheet_hbond.range_1_auth_atom_id 
_pdbx_struct_sheet_hbond.range_1_auth_comp_id 
_pdbx_struct_sheet_hbond.range_1_auth_asym_id 
_pdbx_struct_sheet_hbond.range_1_auth_seq_id 
_pdbx_struct_sheet_hbond.range_2_label_atom_id 
_pdbx_struct_sheet_hbond.range_2_label_comp_id 
_pdbx_struct_sheet_hbond.range_2_label_asym_id 
_pdbx_struct_sheet_hbond.range_2_label_seq_id 
_pdbx_struct_sheet_hbond.range_2_PDB_ins_code 
_pdbx_struct_sheet_hbond.range_2_auth_atom_id 
_pdbx_struct_sheet_hbond.range_2_auth_comp_id 
_pdbx_struct_sheet_hbond.range_2_auth_asym_id 
_pdbx_struct_sheet_hbond.range_2_auth_seq_id 
AA1 1 2 O GLY A 67  ? O GLY A 64  N ALA A 38  ? N ALA A 35  
AA1 2 3 N LEU A 43  ? N LEU A 40  O ILE A 142 ? O ILE A 139 
AA1 3 4 O PHE A 135 ? O PHE A 132 N VAL A 101 ? N VAL A 98  
AA2 1 2 O ILE A 63  ? O ILE A 60  N ILE A 53  ? N ILE A 50  
AA2 2 3 N VAL A 50  ? N VAL A 47  O TYR A 160 ? O TYR A 157 
AA3 1 2 N GLU A 118 ? N GLU A 115 O GLU A 125 ? O GLU A 122 
# 
_pdbx_validate_close_contact.id               1 
_pdbx_validate_close_contact.PDB_model_num    1 
_pdbx_validate_close_contact.auth_atom_id_1   O61 
_pdbx_validate_close_contact.auth_asym_id_1   A 
_pdbx_validate_close_contact.auth_comp_id_1   VEB 
_pdbx_validate_close_contact.auth_seq_id_1    201 
_pdbx_validate_close_contact.PDB_ins_code_1   ? 
_pdbx_validate_close_contact.label_alt_id_1   A 
_pdbx_validate_close_contact.auth_atom_id_2   O 
_pdbx_validate_close_contact.auth_asym_id_2   A 
_pdbx_validate_close_contact.auth_comp_id_2   HOH 
_pdbx_validate_close_contact.auth_seq_id_2    301 
_pdbx_validate_close_contact.PDB_ins_code_2   ? 
_pdbx_validate_close_contact.label_alt_id_2   ? 
_pdbx_validate_close_contact.dist             2.18 
# 
loop_
_pdbx_validate_torsion.id 
_pdbx_validate_torsion.PDB_model_num 
_pdbx_validate_torsion.auth_comp_id 
_pdbx_validate_torsion.auth_asym_id 
_pdbx_validate_torsion.auth_seq_id 
_pdbx_validate_torsion.PDB_ins_code 
_pdbx_validate_torsion.label_alt_id 
_pdbx_validate_torsion.phi 
_pdbx_validate_torsion.psi 
1 1 VAL A 28  ? ? -92.98  -61.18  
2 1 LYS A 56  ? ? -56.31  -9.17   
3 1 ILE A 60  ? ? -128.93 -167.52 
4 1 SER A 117 ? ? -103.50 57.08   
5 1 ARG A 118 ? ? 65.44   -42.45  
6 1 LYS A 170 ? ? 70.77   44.69   
# 
loop_
_pdbx_struct_special_symmetry.id 
_pdbx_struct_special_symmetry.PDB_model_num 
_pdbx_struct_special_symmetry.auth_asym_id 
_pdbx_struct_special_symmetry.auth_comp_id 
_pdbx_struct_special_symmetry.auth_seq_id 
_pdbx_struct_special_symmetry.PDB_ins_code 
_pdbx_struct_special_symmetry.label_asym_id 
_pdbx_struct_special_symmetry.label_comp_id 
_pdbx_struct_special_symmetry.label_seq_id 
1 1 A HOH 358 ? E HOH . 
2 1 A HOH 363 ? E HOH . 
# 
_pdbx_entry_details.entry_id                 7AUP 
_pdbx_entry_details.has_ligand_of_interest   Y 
_pdbx_entry_details.compound_details         ? 
_pdbx_entry_details.source_details           ? 
_pdbx_entry_details.nonpolymer_details       ? 
_pdbx_entry_details.sequence_details         ? 
# 
loop_
_pdbx_distant_solvent_atoms.id 
_pdbx_distant_solvent_atoms.PDB_model_num 
_pdbx_distant_solvent_atoms.auth_atom_id 
_pdbx_distant_solvent_atoms.label_alt_id 
_pdbx_distant_solvent_atoms.auth_asym_id 
_pdbx_distant_solvent_atoms.auth_comp_id 
_pdbx_distant_solvent_atoms.auth_seq_id 
_pdbx_distant_solvent_atoms.PDB_ins_code 
_pdbx_distant_solvent_atoms.neighbor_macromolecule_distance 
_pdbx_distant_solvent_atoms.neighbor_ligand_distance 
1 1 O ? A HOH 366 ? 6.40 . 
2 1 O ? A HOH 367 ? 7.11 . 
3 1 O ? A HOH 368 ? 7.14 . 
# 
loop_
_pdbx_unobs_or_zero_occ_residues.id 
_pdbx_unobs_or_zero_occ_residues.PDB_model_num 
_pdbx_unobs_or_zero_occ_residues.polymer_flag 
_pdbx_unobs_or_zero_occ_residues.occupancy_flag 
_pdbx_unobs_or_zero_occ_residues.auth_asym_id 
_pdbx_unobs_or_zero_occ_residues.auth_comp_id 
_pdbx_unobs_or_zero_occ_residues.auth_seq_id 
_pdbx_unobs_or_zero_occ_residues.PDB_ins_code 
_pdbx_unobs_or_zero_occ_residues.label_asym_id 
_pdbx_unobs_or_zero_occ_residues.label_comp_id 
_pdbx_unobs_or_zero_occ_residues.label_seq_id 
1  1 Y 1 A GLY -2  ? A GLY 1   
2  1 Y 1 A GLY -1  ? A GLY 2   
3  1 Y 1 A SER 0   ? A SER 3   
4  1 Y 1 A MET 1   ? A MET 4   
5  1 Y 1 A GLY 2   ? A GLY 5   
6  1 Y 1 A LYS 3   ? A LYS 6   
7  1 Y 1 A THR 4   ? A THR 7   
8  1 Y 1 A ALA 5   ? A ALA 8   
9  1 Y 1 A ASP 6   ? A ASP 9   
10 1 Y 1 A ASN 7   ? A ASN 10  
11 1 Y 1 A HIS 8   ? A HIS 11  
12 1 Y 1 A GLY 9   ? A GLY 12  
13 1 Y 1 A PRO 10  ? A PRO 13  
14 1 Y 1 A VAL 11  ? A VAL 14  
15 1 Y 1 A ARG 12  ? A ARG 15  
16 1 Y 1 A SER 13  ? A SER 16  
17 1 Y 1 A GLU 14  ? A GLU 17  
18 1 Y 1 A THR 15  ? A THR 18  
19 1 Y 1 A ALA 16  ? A ALA 19  
20 1 Y 1 A ARG 17  ? A ARG 20  
21 1 Y 1 A GLU 18  ? A GLU 21  
22 1 Y 1 A GLY 19  ? A GLY 22  
23 1 Y 1 A LYS 105 ? A LYS 108 
24 1 Y 1 A ASP 106 ? A ASP 109 
25 1 Y 1 A TRP 107 ? A TRP 110 
26 1 Y 1 A ASN 108 ? A ASN 111 
27 1 Y 1 A LYS 109 ? A LYS 112 
28 1 Y 1 A ASP 110 ? A ASP 113 
29 1 Y 1 A ILE 111 ? A ILE 114 
30 1 Y 1 A LYS 112 ? A LYS 115 
31 1 Y 1 A LYS 188 ? A LYS 191 
# 
loop_
_chem_comp_atom.comp_id 
_chem_comp_atom.atom_id 
_chem_comp_atom.type_symbol 
_chem_comp_atom.pdbx_aromatic_flag 
_chem_comp_atom.pdbx_stereo_config 
_chem_comp_atom.pdbx_ordinal 
ALA N    N  N N 1   
ALA CA   C  N S 2   
ALA C    C  N N 3   
ALA O    O  N N 4   
ALA CB   C  N N 5   
ALA OXT  O  N N 6   
ALA H    H  N N 7   
ALA H2   H  N N 8   
ALA HA   H  N N 9   
ALA HB1  H  N N 10  
ALA HB2  H  N N 11  
ALA HB3  H  N N 12  
ALA HXT  H  N N 13  
ARG N    N  N N 14  
ARG CA   C  N S 15  
ARG C    C  N N 16  
ARG O    O  N N 17  
ARG CB   C  N N 18  
ARG CG   C  N N 19  
ARG CD   C  N N 20  
ARG NE   N  N N 21  
ARG CZ   C  N N 22  
ARG NH1  N  N N 23  
ARG NH2  N  N N 24  
ARG OXT  O  N N 25  
ARG H    H  N N 26  
ARG H2   H  N N 27  
ARG HA   H  N N 28  
ARG HB2  H  N N 29  
ARG HB3  H  N N 30  
ARG HG2  H  N N 31  
ARG HG3  H  N N 32  
ARG HD2  H  N N 33  
ARG HD3  H  N N 34  
ARG HE   H  N N 35  
ARG HH11 H  N N 36  
ARG HH12 H  N N 37  
ARG HH21 H  N N 38  
ARG HH22 H  N N 39  
ARG HXT  H  N N 40  
ASN N    N  N N 41  
ASN CA   C  N S 42  
ASN C    C  N N 43  
ASN O    O  N N 44  
ASN CB   C  N N 45  
ASN CG   C  N N 46  
ASN OD1  O  N N 47  
ASN ND2  N  N N 48  
ASN OXT  O  N N 49  
ASN H    H  N N 50  
ASN H2   H  N N 51  
ASN HA   H  N N 52  
ASN HB2  H  N N 53  
ASN HB3  H  N N 54  
ASN HD21 H  N N 55  
ASN HD22 H  N N 56  
ASN HXT  H  N N 57  
ASP N    N  N N 58  
ASP CA   C  N S 59  
ASP C    C  N N 60  
ASP O    O  N N 61  
ASP CB   C  N N 62  
ASP CG   C  N N 63  
ASP OD1  O  N N 64  
ASP OD2  O  N N 65  
ASP OXT  O  N N 66  
ASP H    H  N N 67  
ASP H2   H  N N 68  
ASP HA   H  N N 69  
ASP HB2  H  N N 70  
ASP HB3  H  N N 71  
ASP HD2  H  N N 72  
ASP HXT  H  N N 73  
CYS N    N  N N 74  
CYS CA   C  N R 75  
CYS C    C  N N 76  
CYS O    O  N N 77  
CYS CB   C  N N 78  
CYS SG   S  N N 79  
CYS OXT  O  N N 80  
CYS H    H  N N 81  
CYS H2   H  N N 82  
CYS HA   H  N N 83  
CYS HB2  H  N N 84  
CYS HB3  H  N N 85  
CYS HG   H  N N 86  
CYS HXT  H  N N 87  
GLN N    N  N N 88  
GLN CA   C  N S 89  
GLN C    C  N N 90  
GLN O    O  N N 91  
GLN CB   C  N N 92  
GLN CG   C  N N 93  
GLN CD   C  N N 94  
GLN OE1  O  N N 95  
GLN NE2  N  N N 96  
GLN OXT  O  N N 97  
GLN H    H  N N 98  
GLN H2   H  N N 99  
GLN HA   H  N N 100 
GLN HB2  H  N N 101 
GLN HB3  H  N N 102 
GLN HG2  H  N N 103 
GLN HG3  H  N N 104 
GLN HE21 H  N N 105 
GLN HE22 H  N N 106 
GLN HXT  H  N N 107 
GLU N    N  N N 108 
GLU CA   C  N S 109 
GLU C    C  N N 110 
GLU O    O  N N 111 
GLU CB   C  N N 112 
GLU CG   C  N N 113 
GLU CD   C  N N 114 
GLU OE1  O  N N 115 
GLU OE2  O  N N 116 
GLU OXT  O  N N 117 
GLU H    H  N N 118 
GLU H2   H  N N 119 
GLU HA   H  N N 120 
GLU HB2  H  N N 121 
GLU HB3  H  N N 122 
GLU HG2  H  N N 123 
GLU HG3  H  N N 124 
GLU HE2  H  N N 125 
GLU HXT  H  N N 126 
GLY N    N  N N 127 
GLY CA   C  N N 128 
GLY C    C  N N 129 
GLY O    O  N N 130 
GLY OXT  O  N N 131 
GLY H    H  N N 132 
GLY H2   H  N N 133 
GLY HA2  H  N N 134 
GLY HA3  H  N N 135 
GLY HXT  H  N N 136 
HIS N    N  N N 137 
HIS CA   C  N S 138 
HIS C    C  N N 139 
HIS O    O  N N 140 
HIS CB   C  N N 141 
HIS CG   C  Y N 142 
HIS ND1  N  Y N 143 
HIS CD2  C  Y N 144 
HIS CE1  C  Y N 145 
HIS NE2  N  Y N 146 
HIS OXT  O  N N 147 
HIS H    H  N N 148 
HIS H2   H  N N 149 
HIS HA   H  N N 150 
HIS HB2  H  N N 151 
HIS HB3  H  N N 152 
HIS HD1  H  N N 153 
HIS HD2  H  N N 154 
HIS HE1  H  N N 155 
HIS HE2  H  N N 156 
HIS HXT  H  N N 157 
HOH O    O  N N 158 
HOH H1   H  N N 159 
HOH H2   H  N N 160 
ILE N    N  N N 161 
ILE CA   C  N S 162 
ILE C    C  N N 163 
ILE O    O  N N 164 
ILE CB   C  N S 165 
ILE CG1  C  N N 166 
ILE CG2  C  N N 167 
ILE CD1  C  N N 168 
ILE OXT  O  N N 169 
ILE H    H  N N 170 
ILE H2   H  N N 171 
ILE HA   H  N N 172 
ILE HB   H  N N 173 
ILE HG12 H  N N 174 
ILE HG13 H  N N 175 
ILE HG21 H  N N 176 
ILE HG22 H  N N 177 
ILE HG23 H  N N 178 
ILE HD11 H  N N 179 
ILE HD12 H  N N 180 
ILE HD13 H  N N 181 
ILE HXT  H  N N 182 
LEU N    N  N N 183 
LEU CA   C  N S 184 
LEU C    C  N N 185 
LEU O    O  N N 186 
LEU CB   C  N N 187 
LEU CG   C  N N 188 
LEU CD1  C  N N 189 
LEU CD2  C  N N 190 
LEU OXT  O  N N 191 
LEU H    H  N N 192 
LEU H2   H  N N 193 
LEU HA   H  N N 194 
LEU HB2  H  N N 195 
LEU HB3  H  N N 196 
LEU HG   H  N N 197 
LEU HD11 H  N N 198 
LEU HD12 H  N N 199 
LEU HD13 H  N N 200 
LEU HD21 H  N N 201 
LEU HD22 H  N N 202 
LEU HD23 H  N N 203 
LEU HXT  H  N N 204 
LYS N    N  N N 205 
LYS CA   C  N S 206 
LYS C    C  N N 207 
LYS O    O  N N 208 
LYS CB   C  N N 209 
LYS CG   C  N N 210 
LYS CD   C  N N 211 
LYS CE   C  N N 212 
LYS NZ   N  N N 213 
LYS OXT  O  N N 214 
LYS H    H  N N 215 
LYS H2   H  N N 216 
LYS HA   H  N N 217 
LYS HB2  H  N N 218 
LYS HB3  H  N N 219 
LYS HG2  H  N N 220 
LYS HG3  H  N N 221 
LYS HD2  H  N N 222 
LYS HD3  H  N N 223 
LYS HE2  H  N N 224 
LYS HE3  H  N N 225 
LYS HZ1  H  N N 226 
LYS HZ2  H  N N 227 
LYS HZ3  H  N N 228 
LYS HXT  H  N N 229 
MET N    N  N N 230 
MET CA   C  N S 231 
MET C    C  N N 232 
MET O    O  N N 233 
MET CB   C  N N 234 
MET CG   C  N N 235 
MET SD   S  N N 236 
MET CE   C  N N 237 
MET OXT  O  N N 238 
MET H    H  N N 239 
MET H2   H  N N 240 
MET HA   H  N N 241 
MET HB2  H  N N 242 
MET HB3  H  N N 243 
MET HG2  H  N N 244 
MET HG3  H  N N 245 
MET HE1  H  N N 246 
MET HE2  H  N N 247 
MET HE3  H  N N 248 
MET HXT  H  N N 249 
MG  MG   MG N N 250 
PHE N    N  N N 251 
PHE CA   C  N S 252 
PHE C    C  N N 253 
PHE O    O  N N 254 
PHE CB   C  N N 255 
PHE CG   C  Y N 256 
PHE CD1  C  Y N 257 
PHE CD2  C  Y N 258 
PHE CE1  C  Y N 259 
PHE CE2  C  Y N 260 
PHE CZ   C  Y N 261 
PHE OXT  O  N N 262 
PHE H    H  N N 263 
PHE H2   H  N N 264 
PHE HA   H  N N 265 
PHE HB2  H  N N 266 
PHE HB3  H  N N 267 
PHE HD1  H  N N 268 
PHE HD2  H  N N 269 
PHE HE1  H  N N 270 
PHE HE2  H  N N 271 
PHE HZ   H  N N 272 
PHE HXT  H  N N 273 
PRO N    N  N N 274 
PRO CA   C  N S 275 
PRO C    C  N N 276 
PRO O    O  N N 277 
PRO CB   C  N N 278 
PRO CG   C  N N 279 
PRO CD   C  N N 280 
PRO OXT  O  N N 281 
PRO H    H  N N 282 
PRO HA   H  N N 283 
PRO HB2  H  N N 284 
PRO HB3  H  N N 285 
PRO HG2  H  N N 286 
PRO HG3  H  N N 287 
PRO HD2  H  N N 288 
PRO HD3  H  N N 289 
PRO HXT  H  N N 290 
SER N    N  N N 291 
SER CA   C  N S 292 
SER C    C  N N 293 
SER O    O  N N 294 
SER CB   C  N N 295 
SER OG   O  N N 296 
SER OXT  O  N N 297 
SER H    H  N N 298 
SER H2   H  N N 299 
SER HA   H  N N 300 
SER HB2  H  N N 301 
SER HB3  H  N N 302 
SER HG   H  N N 303 
SER HXT  H  N N 304 
THR N    N  N N 305 
THR CA   C  N S 306 
THR C    C  N N 307 
THR O    O  N N 308 
THR CB   C  N R 309 
THR OG1  O  N N 310 
THR CG2  C  N N 311 
THR OXT  O  N N 312 
THR H    H  N N 313 
THR H2   H  N N 314 
THR HA   H  N N 315 
THR HB   H  N N 316 
THR HG1  H  N N 317 
THR HG21 H  N N 318 
THR HG22 H  N N 319 
THR HG23 H  N N 320 
THR HXT  H  N N 321 
TRP N    N  N N 322 
TRP CA   C  N S 323 
TRP C    C  N N 324 
TRP O    O  N N 325 
TRP CB   C  N N 326 
TRP CG   C  Y N 327 
TRP CD1  C  Y N 328 
TRP CD2  C  Y N 329 
TRP NE1  N  Y N 330 
TRP CE2  C  Y N 331 
TRP CE3  C  Y N 332 
TRP CZ2  C  Y N 333 
TRP CZ3  C  Y N 334 
TRP CH2  C  Y N 335 
TRP OXT  O  N N 336 
TRP H    H  N N 337 
TRP H2   H  N N 338 
TRP HA   H  N N 339 
TRP HB2  H  N N 340 
TRP HB3  H  N N 341 
TRP HD1  H  N N 342 
TRP HE1  H  N N 343 
TRP HE3  H  N N 344 
TRP HZ2  H  N N 345 
TRP HZ3  H  N N 346 
TRP HH2  H  N N 347 
TRP HXT  H  N N 348 
TYR N    N  N N 349 
TYR CA   C  N S 350 
TYR C    C  N N 351 
TYR O    O  N N 352 
TYR CB   C  N N 353 
TYR CG   C  Y N 354 
TYR CD1  C  Y N 355 
TYR CD2  C  Y N 356 
TYR CE1  C  Y N 357 
TYR CE2  C  Y N 358 
TYR CZ   C  Y N 359 
TYR OH   O  N N 360 
TYR OXT  O  N N 361 
TYR H    H  N N 362 
TYR H2   H  N N 363 
TYR HA   H  N N 364 
TYR HB2  H  N N 365 
TYR HB3  H  N N 366 
TYR HD1  H  N N 367 
TYR HD2  H  N N 368 
TYR HE1  H  N N 369 
TYR HE2  H  N N 370 
TYR HH   H  N N 371 
TYR HXT  H  N N 372 
VAL N    N  N N 373 
VAL CA   C  N S 374 
VAL C    C  N N 375 
VAL O    O  N N 376 
VAL CB   C  N N 377 
VAL CG1  C  N N 378 
VAL CG2  C  N N 379 
VAL OXT  O  N N 380 
VAL H    H  N N 381 
VAL H2   H  N N 382 
VAL HA   H  N N 383 
VAL HB   H  N N 384 
VAL HG11 H  N N 385 
VAL HG12 H  N N 386 
VAL HG13 H  N N 387 
VAL HG21 H  N N 388 
VAL HG22 H  N N 389 
VAL HG23 H  N N 390 
VAL HXT  H  N N 391 
VEB C1   C  N N 392 
VEB C2   C  N S 393 
VEB C3   C  N S 394 
VEB C4   C  N N 395 
VEB C5   C  N R 396 
VEB C6   C  N S 397 
VEB CB1  C  N N 398 
VEB O11  O  N N 399 
VEB O12  O  N N 400 
VEB O13  O  N N 401 
VEB O14  O  N N 402 
VEB O15  O  N N 403 
VEB O16  O  N N 404 
VEB O21  O  N N 405 
VEB O22  O  N N 406 
VEB O23  O  N N 407 
VEB O24  O  N N 408 
VEB O25  O  N N 409 
VEB O26  O  N N 410 
VEB O31  O  N N 411 
VEB O32  O  N N 412 
VEB O33  O  N N 413 
VEB O34  O  N N 414 
VEB O35  O  N N 415 
VEB O36  O  N N 416 
VEB O42  O  N N 417 
VEB O43  O  N N 418 
VEB O44  O  N N 419 
VEB O45  O  N N 420 
VEB O46  O  N N 421 
VEB O51  O  N N 422 
VEB O71  O  N N 423 
VEB O61  O  N N 424 
VEB PA1  P  N N 425 
VEB PB1  P  N N 426 
VEB PA2  P  N N 427 
VEB PA3  P  N N 428 
VEB PA4  P  N N 429 
VEB PA5  P  N N 430 
VEB PA6  P  N N 431 
VEB H1   H  N N 432 
VEB H2   H  N N 433 
VEB H3   H  N N 434 
VEB H4   H  N N 435 
VEB H5   H  N N 436 
VEB H6   H  N N 437 
VEB H7   H  N N 438 
VEB H8   H  N N 439 
VEB H9   H  N N 440 
VEB H10  H  N N 441 
VEB H11  H  N N 442 
VEB H12  H  N N 443 
VEB H13  H  N N 444 
VEB H14  H  N N 445 
VEB H15  H  N N 446 
VEB H16  H  N N 447 
VEB H17  H  N N 448 
VEB H18  H  N N 449 
VEB H19  H  N N 450 
VEB H20  H  N N 451 
VEB H21  H  N N 452 
# 
loop_
_chem_comp_bond.comp_id 
_chem_comp_bond.atom_id_1 
_chem_comp_bond.atom_id_2 
_chem_comp_bond.value_order 
_chem_comp_bond.pdbx_aromatic_flag 
_chem_comp_bond.pdbx_stereo_config 
_chem_comp_bond.pdbx_ordinal 
ALA N   CA   sing N N 1   
ALA N   H    sing N N 2   
ALA N   H2   sing N N 3   
ALA CA  C    sing N N 4   
ALA CA  CB   sing N N 5   
ALA CA  HA   sing N N 6   
ALA C   O    doub N N 7   
ALA C   OXT  sing N N 8   
ALA CB  HB1  sing N N 9   
ALA CB  HB2  sing N N 10  
ALA CB  HB3  sing N N 11  
ALA OXT HXT  sing N N 12  
ARG N   CA   sing N N 13  
ARG N   H    sing N N 14  
ARG N   H2   sing N N 15  
ARG CA  C    sing N N 16  
ARG CA  CB   sing N N 17  
ARG CA  HA   sing N N 18  
ARG C   O    doub N N 19  
ARG C   OXT  sing N N 20  
ARG CB  CG   sing N N 21  
ARG CB  HB2  sing N N 22  
ARG CB  HB3  sing N N 23  
ARG CG  CD   sing N N 24  
ARG CG  HG2  sing N N 25  
ARG CG  HG3  sing N N 26  
ARG CD  NE   sing N N 27  
ARG CD  HD2  sing N N 28  
ARG CD  HD3  sing N N 29  
ARG NE  CZ   sing N N 30  
ARG NE  HE   sing N N 31  
ARG CZ  NH1  sing N N 32  
ARG CZ  NH2  doub N N 33  
ARG NH1 HH11 sing N N 34  
ARG NH1 HH12 sing N N 35  
ARG NH2 HH21 sing N N 36  
ARG NH2 HH22 sing N N 37  
ARG OXT HXT  sing N N 38  
ASN N   CA   sing N N 39  
ASN N   H    sing N N 40  
ASN N   H2   sing N N 41  
ASN CA  C    sing N N 42  
ASN CA  CB   sing N N 43  
ASN CA  HA   sing N N 44  
ASN C   O    doub N N 45  
ASN C   OXT  sing N N 46  
ASN CB  CG   sing N N 47  
ASN CB  HB2  sing N N 48  
ASN CB  HB3  sing N N 49  
ASN CG  OD1  doub N N 50  
ASN CG  ND2  sing N N 51  
ASN ND2 HD21 sing N N 52  
ASN ND2 HD22 sing N N 53  
ASN OXT HXT  sing N N 54  
ASP N   CA   sing N N 55  
ASP N   H    sing N N 56  
ASP N   H2   sing N N 57  
ASP CA  C    sing N N 58  
ASP CA  CB   sing N N 59  
ASP CA  HA   sing N N 60  
ASP C   O    doub N N 61  
ASP C   OXT  sing N N 62  
ASP CB  CG   sing N N 63  
ASP CB  HB2  sing N N 64  
ASP CB  HB3  sing N N 65  
ASP CG  OD1  doub N N 66  
ASP CG  OD2  sing N N 67  
ASP OD2 HD2  sing N N 68  
ASP OXT HXT  sing N N 69  
CYS N   CA   sing N N 70  
CYS N   H    sing N N 71  
CYS N   H2   sing N N 72  
CYS CA  C    sing N N 73  
CYS CA  CB   sing N N 74  
CYS CA  HA   sing N N 75  
CYS C   O    doub N N 76  
CYS C   OXT  sing N N 77  
CYS CB  SG   sing N N 78  
CYS CB  HB2  sing N N 79  
CYS CB  HB3  sing N N 80  
CYS SG  HG   sing N N 81  
CYS OXT HXT  sing N N 82  
GLN N   CA   sing N N 83  
GLN N   H    sing N N 84  
GLN N   H2   sing N N 85  
GLN CA  C    sing N N 86  
GLN CA  CB   sing N N 87  
GLN CA  HA   sing N N 88  
GLN C   O    doub N N 89  
GLN C   OXT  sing N N 90  
GLN CB  CG   sing N N 91  
GLN CB  HB2  sing N N 92  
GLN CB  HB3  sing N N 93  
GLN CG  CD   sing N N 94  
GLN CG  HG2  sing N N 95  
GLN CG  HG3  sing N N 96  
GLN CD  OE1  doub N N 97  
GLN CD  NE2  sing N N 98  
GLN NE2 HE21 sing N N 99  
GLN NE2 HE22 sing N N 100 
GLN OXT HXT  sing N N 101 
GLU N   CA   sing N N 102 
GLU N   H    sing N N 103 
GLU N   H2   sing N N 104 
GLU CA  C    sing N N 105 
GLU CA  CB   sing N N 106 
GLU CA  HA   sing N N 107 
GLU C   O    doub N N 108 
GLU C   OXT  sing N N 109 
GLU CB  CG   sing N N 110 
GLU CB  HB2  sing N N 111 
GLU CB  HB3  sing N N 112 
GLU CG  CD   sing N N 113 
GLU CG  HG2  sing N N 114 
GLU CG  HG3  sing N N 115 
GLU CD  OE1  doub N N 116 
GLU CD  OE2  sing N N 117 
GLU OE2 HE2  sing N N 118 
GLU OXT HXT  sing N N 119 
GLY N   CA   sing N N 120 
GLY N   H    sing N N 121 
GLY N   H2   sing N N 122 
GLY CA  C    sing N N 123 
GLY CA  HA2  sing N N 124 
GLY CA  HA3  sing N N 125 
GLY C   O    doub N N 126 
GLY C   OXT  sing N N 127 
GLY OXT HXT  sing N N 128 
HIS N   CA   sing N N 129 
HIS N   H    sing N N 130 
HIS N   H2   sing N N 131 
HIS CA  C    sing N N 132 
HIS CA  CB   sing N N 133 
HIS CA  HA   sing N N 134 
HIS C   O    doub N N 135 
HIS C   OXT  sing N N 136 
HIS CB  CG   sing N N 137 
HIS CB  HB2  sing N N 138 
HIS CB  HB3  sing N N 139 
HIS CG  ND1  sing Y N 140 
HIS CG  CD2  doub Y N 141 
HIS ND1 CE1  doub Y N 142 
HIS ND1 HD1  sing N N 143 
HIS CD2 NE2  sing Y N 144 
HIS CD2 HD2  sing N N 145 
HIS CE1 NE2  sing Y N 146 
HIS CE1 HE1  sing N N 147 
HIS NE2 HE2  sing N N 148 
HIS OXT HXT  sing N N 149 
HOH O   H1   sing N N 150 
HOH O   H2   sing N N 151 
ILE N   CA   sing N N 152 
ILE N   H    sing N N 153 
ILE N   H2   sing N N 154 
ILE CA  C    sing N N 155 
ILE CA  CB   sing N N 156 
ILE CA  HA   sing N N 157 
ILE C   O    doub N N 158 
ILE C   OXT  sing N N 159 
ILE CB  CG1  sing N N 160 
ILE CB  CG2  sing N N 161 
ILE CB  HB   sing N N 162 
ILE CG1 CD1  sing N N 163 
ILE CG1 HG12 sing N N 164 
ILE CG1 HG13 sing N N 165 
ILE CG2 HG21 sing N N 166 
ILE CG2 HG22 sing N N 167 
ILE CG2 HG23 sing N N 168 
ILE CD1 HD11 sing N N 169 
ILE CD1 HD12 sing N N 170 
ILE CD1 HD13 sing N N 171 
ILE OXT HXT  sing N N 172 
LEU N   CA   sing N N 173 
LEU N   H    sing N N 174 
LEU N   H2   sing N N 175 
LEU CA  C    sing N N 176 
LEU CA  CB   sing N N 177 
LEU CA  HA   sing N N 178 
LEU C   O    doub N N 179 
LEU C   OXT  sing N N 180 
LEU CB  CG   sing N N 181 
LEU CB  HB2  sing N N 182 
LEU CB  HB3  sing N N 183 
LEU CG  CD1  sing N N 184 
LEU CG  CD2  sing N N 185 
LEU CG  HG   sing N N 186 
LEU CD1 HD11 sing N N 187 
LEU CD1 HD12 sing N N 188 
LEU CD1 HD13 sing N N 189 
LEU CD2 HD21 sing N N 190 
LEU CD2 HD22 sing N N 191 
LEU CD2 HD23 sing N N 192 
LEU OXT HXT  sing N N 193 
LYS N   CA   sing N N 194 
LYS N   H    sing N N 195 
LYS N   H2   sing N N 196 
LYS CA  C    sing N N 197 
LYS CA  CB   sing N N 198 
LYS CA  HA   sing N N 199 
LYS C   O    doub N N 200 
LYS C   OXT  sing N N 201 
LYS CB  CG   sing N N 202 
LYS CB  HB2  sing N N 203 
LYS CB  HB3  sing N N 204 
LYS CG  CD   sing N N 205 
LYS CG  HG2  sing N N 206 
LYS CG  HG3  sing N N 207 
LYS CD  CE   sing N N 208 
LYS CD  HD2  sing N N 209 
LYS CD  HD3  sing N N 210 
LYS CE  NZ   sing N N 211 
LYS CE  HE2  sing N N 212 
LYS CE  HE3  sing N N 213 
LYS NZ  HZ1  sing N N 214 
LYS NZ  HZ2  sing N N 215 
LYS NZ  HZ3  sing N N 216 
LYS OXT HXT  sing N N 217 
MET N   CA   sing N N 218 
MET N   H    sing N N 219 
MET N   H2   sing N N 220 
MET CA  C    sing N N 221 
MET CA  CB   sing N N 222 
MET CA  HA   sing N N 223 
MET C   O    doub N N 224 
MET C   OXT  sing N N 225 
MET CB  CG   sing N N 226 
MET CB  HB2  sing N N 227 
MET CB  HB3  sing N N 228 
MET CG  SD   sing N N 229 
MET CG  HG2  sing N N 230 
MET CG  HG3  sing N N 231 
MET SD  CE   sing N N 232 
MET CE  HE1  sing N N 233 
MET CE  HE2  sing N N 234 
MET CE  HE3  sing N N 235 
MET OXT HXT  sing N N 236 
PHE N   CA   sing N N 237 
PHE N   H    sing N N 238 
PHE N   H2   sing N N 239 
PHE CA  C    sing N N 240 
PHE CA  CB   sing N N 241 
PHE CA  HA   sing N N 242 
PHE C   O    doub N N 243 
PHE C   OXT  sing N N 244 
PHE CB  CG   sing N N 245 
PHE CB  HB2  sing N N 246 
PHE CB  HB3  sing N N 247 
PHE CG  CD1  doub Y N 248 
PHE CG  CD2  sing Y N 249 
PHE CD1 CE1  sing Y N 250 
PHE CD1 HD1  sing N N 251 
PHE CD2 CE2  doub Y N 252 
PHE CD2 HD2  sing N N 253 
PHE CE1 CZ   doub Y N 254 
PHE CE1 HE1  sing N N 255 
PHE CE2 CZ   sing Y N 256 
PHE CE2 HE2  sing N N 257 
PHE CZ  HZ   sing N N 258 
PHE OXT HXT  sing N N 259 
PRO N   CA   sing N N 260 
PRO N   CD   sing N N 261 
PRO N   H    sing N N 262 
PRO CA  C    sing N N 263 
PRO CA  CB   sing N N 264 
PRO CA  HA   sing N N 265 
PRO C   O    doub N N 266 
PRO C   OXT  sing N N 267 
PRO CB  CG   sing N N 268 
PRO CB  HB2  sing N N 269 
PRO CB  HB3  sing N N 270 
PRO CG  CD   sing N N 271 
PRO CG  HG2  sing N N 272 
PRO CG  HG3  sing N N 273 
PRO CD  HD2  sing N N 274 
PRO CD  HD3  sing N N 275 
PRO OXT HXT  sing N N 276 
SER N   CA   sing N N 277 
SER N   H    sing N N 278 
SER N   H2   sing N N 279 
SER CA  C    sing N N 280 
SER CA  CB   sing N N 281 
SER CA  HA   sing N N 282 
SER C   O    doub N N 283 
SER C   OXT  sing N N 284 
SER CB  OG   sing N N 285 
SER CB  HB2  sing N N 286 
SER CB  HB3  sing N N 287 
SER OG  HG   sing N N 288 
SER OXT HXT  sing N N 289 
THR N   CA   sing N N 290 
THR N   H    sing N N 291 
THR N   H2   sing N N 292 
THR CA  C    sing N N 293 
THR CA  CB   sing N N 294 
THR CA  HA   sing N N 295 
THR C   O    doub N N 296 
THR C   OXT  sing N N 297 
THR CB  OG1  sing N N 298 
THR CB  CG2  sing N N 299 
THR CB  HB   sing N N 300 
THR OG1 HG1  sing N N 301 
THR CG2 HG21 sing N N 302 
THR CG2 HG22 sing N N 303 
THR CG2 HG23 sing N N 304 
THR OXT HXT  sing N N 305 
TRP N   CA   sing N N 306 
TRP N   H    sing N N 307 
TRP N   H2   sing N N 308 
TRP CA  C    sing N N 309 
TRP CA  CB   sing N N 310 
TRP CA  HA   sing N N 311 
TRP C   O    doub N N 312 
TRP C   OXT  sing N N 313 
TRP CB  CG   sing N N 314 
TRP CB  HB2  sing N N 315 
TRP CB  HB3  sing N N 316 
TRP CG  CD1  doub Y N 317 
TRP CG  CD2  sing Y N 318 
TRP CD1 NE1  sing Y N 319 
TRP CD1 HD1  sing N N 320 
TRP CD2 CE2  doub Y N 321 
TRP CD2 CE3  sing Y N 322 
TRP NE1 CE2  sing Y N 323 
TRP NE1 HE1  sing N N 324 
TRP CE2 CZ2  sing Y N 325 
TRP CE3 CZ3  doub Y N 326 
TRP CE3 HE3  sing N N 327 
TRP CZ2 CH2  doub Y N 328 
TRP CZ2 HZ2  sing N N 329 
TRP CZ3 CH2  sing Y N 330 
TRP CZ3 HZ3  sing N N 331 
TRP CH2 HH2  sing N N 332 
TRP OXT HXT  sing N N 333 
TYR N   CA   sing N N 334 
TYR N   H    sing N N 335 
TYR N   H2   sing N N 336 
TYR CA  C    sing N N 337 
TYR CA  CB   sing N N 338 
TYR CA  HA   sing N N 339 
TYR C   O    doub N N 340 
TYR C   OXT  sing N N 341 
TYR CB  CG   sing N N 342 
TYR CB  HB2  sing N N 343 
TYR CB  HB3  sing N N 344 
TYR CG  CD1  doub Y N 345 
TYR CG  CD2  sing Y N 346 
TYR CD1 CE1  sing Y N 347 
TYR CD1 HD1  sing N N 348 
TYR CD2 CE2  doub Y N 349 
TYR CD2 HD2  sing N N 350 
TYR CE1 CZ   doub Y N 351 
TYR CE1 HE1  sing N N 352 
TYR CE2 CZ   sing Y N 353 
TYR CE2 HE2  sing N N 354 
TYR CZ  OH   sing N N 355 
TYR OH  HH   sing N N 356 
TYR OXT HXT  sing N N 357 
VAL N   CA   sing N N 358 
VAL N   H    sing N N 359 
VAL N   H2   sing N N 360 
VAL CA  C    sing N N 361 
VAL CA  CB   sing N N 362 
VAL CA  HA   sing N N 363 
VAL C   O    doub N N 364 
VAL C   OXT  sing N N 365 
VAL CB  CG1  sing N N 366 
VAL CB  CG2  sing N N 367 
VAL CB  HB   sing N N 368 
VAL CG1 HG11 sing N N 369 
VAL CG1 HG12 sing N N 370 
VAL CG1 HG13 sing N N 371 
VAL CG2 HG21 sing N N 372 
VAL CG2 HG22 sing N N 373 
VAL CG2 HG23 sing N N 374 
VAL OXT HXT  sing N N 375 
VEB O43 PA3  doub N N 376 
VEB O33 PA3  sing N N 377 
VEB O31 PA1  doub N N 378 
VEB O51 PB1  doub N N 379 
VEB PA3 O23  sing N N 380 
VEB PA3 O13  sing N N 381 
VEB CB1 PA1  sing N N 382 
VEB CB1 PB1  sing N N 383 
VEB PA1 O21  sing N N 384 
VEB PA1 O11  sing N N 385 
VEB PB1 O61  sing N N 386 
VEB PB1 O71  sing N N 387 
VEB O24 PA4  doub N N 388 
VEB O13 C3   sing N N 389 
VEB C3  C2   sing N N 390 
VEB C3  C4   sing N N 391 
VEB O14 C4   sing N N 392 
VEB O14 PA4  sing N N 393 
VEB O35 PA5  doub N N 394 
VEB O22 PA2  doub N N 395 
VEB C2  C1   sing N N 396 
VEB C2  O12  sing N N 397 
VEB C1  O11  sing N N 398 
VEB C1  C6   sing N N 399 
VEB C4  C5   sing N N 400 
VEB PA4 O34  sing N N 401 
VEB PA4 O44  sing N N 402 
VEB C5  C6   sing N N 403 
VEB C5  O15  sing N N 404 
VEB C6  O16  sing N N 405 
VEB O16 PA6  sing N N 406 
VEB O12 PA2  sing N N 407 
VEB PA2 O42  sing N N 408 
VEB PA2 O32  sing N N 409 
VEB PA5 O15  sing N N 410 
VEB PA5 O45  sing N N 411 
VEB PA5 O25  sing N N 412 
VEB O26 PA6  doub N N 413 
VEB PA6 O36  sing N N 414 
VEB PA6 O46  sing N N 415 
VEB C1  H1   sing N N 416 
VEB C2  H2   sing N N 417 
VEB C3  H3   sing N N 418 
VEB C4  H4   sing N N 419 
VEB C5  H5   sing N N 420 
VEB C6  H6   sing N N 421 
VEB CB1 H7   sing N N 422 
VEB CB1 H8   sing N N 423 
VEB O21 H9   sing N N 424 
VEB O23 H10  sing N N 425 
VEB O25 H11  sing N N 426 
VEB O32 H12  sing N N 427 
VEB O33 H13  sing N N 428 
VEB O34 H14  sing N N 429 
VEB O36 H15  sing N N 430 
VEB O42 H16  sing N N 431 
VEB O44 H17  sing N N 432 
VEB O45 H18  sing N N 433 
VEB O46 H19  sing N N 434 
VEB O71 H20  sing N N 435 
VEB O61 H21  sing N N 436 
# 
_pdbx_audit_support.funding_organization   'Spanish Ministry of Economy and Competitiveness' 
_pdbx_audit_support.country                Spain 
_pdbx_audit_support.grant_number           BFU2017-89913-P 
_pdbx_audit_support.ordinal                1 
# 
_pdbx_entity_instance_feature.ordinal        1 
_pdbx_entity_instance_feature.comp_id        VEB 
_pdbx_entity_instance_feature.asym_id        ? 
_pdbx_entity_instance_feature.seq_num        ? 
_pdbx_entity_instance_feature.auth_comp_id   VEB 
_pdbx_entity_instance_feature.auth_asym_id   ? 
_pdbx_entity_instance_feature.auth_seq_num   ? 
_pdbx_entity_instance_feature.feature_type   'SUBJECT OF INVESTIGATION' 
_pdbx_entity_instance_feature.details        ? 
# 
_pdbx_initial_refinement_model.id               1 
_pdbx_initial_refinement_model.entity_id_list   ? 
_pdbx_initial_refinement_model.type             'experimental model' 
_pdbx_initial_refinement_model.source_name      PDB 
_pdbx_initial_refinement_model.accession_code   7AUN 
_pdbx_initial_refinement_model.details          ? 
# 
_atom_sites.entry_id                    7AUP 
_atom_sites.Cartn_transf_matrix[1][1]   ? 
_atom_sites.Cartn_transf_matrix[1][2]   ? 
_atom_sites.Cartn_transf_matrix[1][3]   ? 
_atom_sites.Cartn_transf_matrix[2][1]   ? 
_atom_sites.Cartn_transf_matrix[2][2]   ? 
_atom_sites.Cartn_transf_matrix[2][3]   ? 
_atom_sites.Cartn_transf_matrix[3][1]   ? 
_atom_sites.Cartn_transf_matrix[3][2]   ? 
_atom_sites.Cartn_transf_matrix[3][3]   ? 
_atom_sites.Cartn_transf_vector[1]      ? 
_atom_sites.Cartn_transf_vector[2]      ? 
_atom_sites.Cartn_transf_vector[3]      ? 
_atom_sites.fract_transf_matrix[1][1]   -0.00688032 
_atom_sites.fract_transf_matrix[1][2]   0.01687757 
_atom_sites.fract_transf_matrix[1][3]   -0.00424608 
_atom_sites.fract_transf_matrix[2][1]   -0.01798577 
_atom_sites.fract_transf_matrix[2][2]   0.00389750 
_atom_sites.fract_transf_matrix[2][3]   0.00339637 
_atom_sites.fract_transf_matrix[3][1]   0.00254132 
_atom_sites.fract_transf_matrix[3][2]   0.00343114 
_atom_sites.fract_transf_matrix[3][3]   0.00952037 
_atom_sites.fract_transf_vector[1]      0.052552 
_atom_sites.fract_transf_vector[2]      -0.403300 
_atom_sites.fract_transf_vector[3]      -0.029465 
_atom_sites.solution_primary            ? 
_atom_sites.solution_secondary          ? 
_atom_sites.solution_hydrogens          ? 
_atom_sites.special_details             ? 
# 
loop_
_atom_type.symbol 
C  
MG 
N  
O  
P  
S  
# 
loop_
_atom_site.group_PDB 
_atom_site.id 
_atom_site.type_symbol 
_atom_site.label_atom_id 
_atom_site.label_alt_id 
_atom_site.label_comp_id 
_atom_site.label_asym_id 
_atom_site.label_entity_id 
_atom_site.label_seq_id 
_atom_site.pdbx_PDB_ins_code 
_atom_site.Cartn_x 
_atom_site.Cartn_y 
_atom_site.Cartn_z 
_atom_site.occupancy 
_atom_site.B_iso_or_equiv 
_atom_site.pdbx_formal_charge 
_atom_site.auth_seq_id 
_atom_site.auth_comp_id 
_atom_site.auth_asym_id 
_atom_site.auth_atom_id 
_atom_site.pdbx_PDB_model_num 
ATOM   1    N  N   . ARG A 1 23  ? -16.856 -5.159  11.146  1.00 114.24 ?  20  ARG A N   1 
ATOM   2    C  CA  . ARG A 1 23  ? -18.042 -5.904  10.616  1.00 110.21 ?  20  ARG A CA  1 
ATOM   3    C  C   . ARG A 1 23  ? -17.809 -6.250  9.143   1.00 103.67 ?  20  ARG A C   1 
ATOM   4    O  O   . ARG A 1 23  ? -16.958 -5.599  8.502   1.00 95.32  ?  20  ARG A O   1 
ATOM   5    C  CB  . ARG A 1 23  ? -19.322 -5.073  10.758  1.00 115.53 ?  20  ARG A CB  1 
ATOM   6    C  CG  . ARG A 1 23  ? -19.747 -4.829  12.198  1.00 116.24 ?  20  ARG A CG  1 
ATOM   7    C  CD  . ARG A 1 23  ? -20.619 -3.597  12.311  1.00 119.06 ?  20  ARG A CD  1 
ATOM   8    N  NE  . ARG A 1 23  ? -20.813 -3.209  13.701  1.00 125.04 ?  20  ARG A NE  1 
ATOM   9    C  CZ  . ARG A 1 23  ? -21.203 -2.003  14.112  1.00 127.85 ?  20  ARG A CZ  1 
ATOM   10   N  NH1 . ARG A 1 23  ? -21.447 -1.035  13.241  1.00 129.40 ?  20  ARG A NH1 1 
ATOM   11   N  NH2 . ARG A 1 23  ? -21.342 -1.768  15.406  1.00 124.00 ?  20  ARG A NH2 1 
ATOM   12   N  N   . GLU A 1 24  ? -18.571 -7.215  8.624   1.00 96.20  ?  21  GLU A N   1 
ATOM   13   C  CA  . GLU A 1 24  ? -18.437 -7.725  7.234   1.00 86.32  ?  21  GLU A CA  1 
ATOM   14   C  C   . GLU A 1 24  ? -19.045 -6.719  6.248   1.00 84.70  ?  21  GLU A C   1 
ATOM   15   O  O   . GLU A 1 24  ? -19.941 -7.098  5.474   1.00 79.49  ?  21  GLU A O   1 
ATOM   16   C  CB  . GLU A 1 24  ? -19.053 -9.120  7.117   1.00 90.67  ?  21  GLU A CB  1 
ATOM   17   C  CG  . GLU A 1 24  ? -18.187 -10.210 7.729   1.00 89.93  ?  21  GLU A CG  1 
ATOM   18   C  CD  . GLU A 1 24  ? -16.849 -10.400 7.031   1.00 89.58  ?  21  GLU A CD  1 
ATOM   19   O  OE1 . GLU A 1 24  ? -15.900 -9.643  7.347   1.00 81.01  ?  21  GLU A OE1 1 
ATOM   20   O  OE2 . GLU A 1 24  ? -16.768 -11.278 6.148   1.00 78.74  ?  21  GLU A OE2 1 
ATOM   21   N  N   . ASN A 1 25  ? -18.532 -5.487  6.262   1.00 77.54  ?  22  ASN A N   1 
ATOM   22   C  CA  . ASN A 1 25  ? -18.622 -4.524  5.134   1.00 80.02  ?  22  ASN A CA  1 
ATOM   23   C  C   . ASN A 1 25  ? -17.472 -4.783  4.144   1.00 69.07  ?  22  ASN A C   1 
ATOM   24   O  O   . ASN A 1 25  ? -17.384 -4.051  3.140   1.00 71.41  ?  22  ASN A O   1 
ATOM   25   C  CB  . ASN A 1 25  ? -18.605 -3.078  5.637   1.00 77.08  ?  22  ASN A CB  1 
ATOM   26   C  CG  . ASN A 1 25  ? -19.912 -2.370  5.383   1.00 83.82  ?  22  ASN A CG  1 
ATOM   27   O  OD1 . ASN A 1 25  ? -19.945 -1.389  4.644   1.00 91.53  ?  22  ASN A OD1 1 
ATOM   28   N  ND2 . ASN A 1 25  ? -20.987 -2.877  5.964   1.00 87.35  ?  22  ASN A ND2 1 
ATOM   29   N  N   . GLN A 1 26  ? -16.631 -5.785  4.412   1.00 58.41  ?  23  GLN A N   1 
ATOM   30   C  CA  . GLN A 1 26  ? -15.368 -6.044  3.669   1.00 54.51  ?  23  GLN A CA  1 
ATOM   31   C  C   . GLN A 1 26  ? -15.662 -6.861  2.418   1.00 44.80  ?  23  GLN A C   1 
ATOM   32   O  O   . GLN A 1 26  ? -16.580 -7.675  2.452   1.00 45.04  ?  23  GLN A O   1 
ATOM   33   C  CB  . GLN A 1 26  ? -14.377 -6.798  4.550   1.00 57.85  ?  23  GLN A CB  1 
ATOM   34   C  CG  . GLN A 1 26  ? -13.883 -5.970  5.728   1.00 65.47  ?  23  GLN A CG  1 
ATOM   35   C  CD  . GLN A 1 26  ? -13.094 -6.792  6.723   1.00 69.63  ?  23  GLN A CD  1 
ATOM   36   O  OE1 . GLN A 1 26  ? -11.926 -6.527  6.994   1.00 75.78  ?  23  GLN A OE1 1 
ATOM   37   N  NE2 . GLN A 1 26  ? -13.721 -7.817  7.272   1.00 64.47  ?  23  GLN A NE2 1 
ATOM   38   N  N   . VAL A 1 27  ? -14.846 -6.699  1.371   1.00 41.03  ?  24  VAL A N   1 
ATOM   39   C  CA  . VAL A 1 27  ? -15.046 -7.374  0.058   1.00 36.57  ?  24  VAL A CA  1 
ATOM   40   C  C   . VAL A 1 27  ? -13.859 -8.324  -0.180  1.00 35.74  ?  24  VAL A C   1 
ATOM   41   O  O   . VAL A 1 27  ? -12.730 -7.949  0.162   1.00 35.32  ?  24  VAL A O   1 
ATOM   42   C  CB  . VAL A 1 27  ? -15.254 -6.379  -1.099  1.00 37.33  ?  24  VAL A CB  1 
ATOM   43   C  CG1 . VAL A 1 27  ? -15.612 -7.117  -2.374  1.00 37.38  ?  24  VAL A CG1 1 
ATOM   44   C  CG2 . VAL A 1 27  ? -16.341 -5.347  -0.759  1.00 42.55  ?  24  VAL A CG2 1 
ATOM   45   N  N   . TYR A 1 28  ? -14.171 -9.520  -0.667  1.00 39.15  ?  25  TYR A N   1 
ATOM   46   C  CA  . TYR A 1 28  ? -13.234 -10.657 -0.855  1.00 40.15  ?  25  TYR A CA  1 
ATOM   47   C  C   . TYR A 1 28  ? -13.311 -11.096 -2.304  1.00 38.43  ?  25  TYR A C   1 
ATOM   48   O  O   . TYR A 1 28  ? -14.379 -11.009 -2.918  1.00 39.19  ?  25  TYR A O   1 
ATOM   49   C  CB  . TYR A 1 28  ? -13.561 -11.832 0.071   1.00 42.40  ?  25  TYR A CB  1 
ATOM   50   C  CG  . TYR A 1 28  ? -13.429 -11.452 1.517   1.00 46.48  ?  25  TYR A CG  1 
ATOM   51   C  CD1 . TYR A 1 28  ? -12.215 -11.551 2.172   1.00 43.80  ?  25  TYR A CD1 1 
ATOM   52   C  CD2 . TYR A 1 28  ? -14.494 -10.883 2.189   1.00 49.09  ?  25  TYR A CD2 1 
ATOM   53   C  CE1 . TYR A 1 28  ? -12.058 -11.103 3.469   1.00 51.33  ?  25  TYR A CE1 1 
ATOM   54   C  CE2 . TYR A 1 28  ? -14.360 -10.449 3.495   1.00 51.01  ?  25  TYR A CE2 1 
ATOM   55   C  CZ  . TYR A 1 28  ? -13.143 -10.563 4.134   1.00 53.32  ?  25  TYR A CZ  1 
ATOM   56   O  OH  . TYR A 1 28  ? -13.011 -10.135 5.415   1.00 61.22  ?  25  TYR A OH  1 
ATOM   57   N  N   . SER A 1 29  ? -12.167 -11.550 -2.805  1.00 36.59  ?  26  SER A N   1 
ATOM   58   C  CA  . SER A 1 29  ? -12.031 -12.144 -4.140  1.00 36.12  ?  26  SER A CA  1 
ATOM   59   C  C   . SER A 1 29  ? -12.927 -13.355 -4.146  1.00 38.81  ?  26  SER A C   1 
ATOM   60   O  O   . SER A 1 29  ? -12.772 -14.204 -3.271  1.00 37.82  ?  26  SER A O   1 
ATOM   61   C  CB  . SER A 1 29  ? -10.599 -12.527 -4.452  1.00 34.66  ?  26  SER A CB  1 
ATOM   62   O  OG  . SER A 1 29  ? -10.581 -13.371 -5.581  1.00 34.01  ?  26  SER A OG  1 
ATOM   63   N  N   . PRO A 1 30  ? -13.889 -13.424 -5.085  1.00 40.54  ?  27  PRO A N   1 
ATOM   64   C  CA  . PRO A 1 30  ? -14.748 -14.605 -5.212  1.00 40.77  ?  27  PRO A CA  1 
ATOM   65   C  C   . PRO A 1 30  ? -13.929 -15.840 -5.616  1.00 44.88  ?  27  PRO A C   1 
ATOM   66   O  O   . PRO A 1 30  ? -14.399 -16.949 -5.420  1.00 42.92  ?  27  PRO A O   1 
ATOM   67   C  CB  . PRO A 1 30  ? -15.731 -14.176 -6.293  1.00 39.56  ?  27  PRO A CB  1 
ATOM   68   C  CG  . PRO A 1 30  ? -14.924 -13.213 -7.145  1.00 36.77  ?  27  PRO A CG  1 
ATOM   69   C  CD  . PRO A 1 30  ? -14.152 -12.408 -6.128  1.00 40.06  ?  27  PRO A CD  1 
ATOM   70   N  N   . VAL A 1 31  ? -12.694 -15.652 -6.096  1.00 42.33  ?  28  VAL A N   1 
ATOM   71   C  CA  . VAL A 1 31  ? -11.846 -16.801 -6.518  1.00 39.02  ?  28  VAL A CA  1 
ATOM   72   C  C   . VAL A 1 31  ? -10.954 -17.266 -5.361  1.00 44.60  ?  28  VAL A C   1 
ATOM   73   O  O   . VAL A 1 31  ? -11.059 -18.456 -4.996  1.00 43.66  ?  28  VAL A O   1 
ATOM   74   C  CB  . VAL A 1 31  ? -11.023 -16.489 -7.783  1.00 38.97  ?  28  VAL A CB  1 
ATOM   75   C  CG1 . VAL A 1 31  ? -10.102 -17.660 -8.163  1.00 40.42  ?  28  VAL A CG1 1 
ATOM   76   C  CG2 . VAL A 1 31  ? -11.915 -16.106 -8.960  1.00 39.31  ?  28  VAL A CG2 1 
ATOM   77   N  N   . THR A 1 32  ? -10.069 -16.400 -4.852  1.00 41.41  ?  29  THR A N   1 
ATOM   78   C  CA  . THR A 1 32  ? -9.014  -16.798 -3.884  1.00 39.41  ?  29  THR A CA  1 
ATOM   79   C  C   . THR A 1 32  ? -9.466  -16.617 -2.433  1.00 40.53  ?  29  THR A C   1 
ATOM   80   O  O   . THR A 1 32  ? -8.728  -17.099 -1.553  1.00 40.08  ?  29  THR A O   1 
ATOM   81   C  CB  . THR A 1 32  ? -7.742  -15.989 -4.106  1.00 39.10  ?  29  THR A CB  1 
ATOM   82   O  OG1 . THR A 1 32  ? -8.062  -14.624 -3.771  1.00 34.35  ?  29  THR A OG1 1 
ATOM   83   C  CG2 . THR A 1 32  ? -7.224  -16.168 -5.520  1.00 38.18  ?  29  THR A CG2 1 
ATOM   84   N  N   . GLY A 1 33  ? -10.546 -15.867 -2.191  1.00 39.91  ?  30  GLY A N   1 
ATOM   85   C  CA  . GLY A 1 33  ? -10.948 -15.429 -0.842  1.00 39.96  ?  30  GLY A CA  1 
ATOM   86   C  C   . GLY A 1 33  ? -10.053 -14.340 -0.274  1.00 38.74  ?  30  GLY A C   1 
ATOM   87   O  O   . GLY A 1 33  ? -10.263 -13.960 0.885   1.00 40.78  ?  30  GLY A O   1 
ATOM   88   N  N   . ALA A 1 34  ? -9.093  -13.803 -1.031  1.00 38.03  ?  31  ALA A N   1 
ATOM   89   C  CA  . ALA A 1 34  ? -8.183  -12.745 -0.529  1.00 36.11  ?  31  ALA A CA  1 
ATOM   90   C  C   . ALA A 1 34  ? -9.070  -11.527 -0.239  1.00 35.21  ?  31  ALA A C   1 
ATOM   91   O  O   . ALA A 1 34  ? -10.049 -11.351 -0.958  1.00 33.42  ?  31  ALA A O   1 
ATOM   92   C  CB  . ALA A 1 34  ? -7.108  -12.418 -1.526  1.00 35.63  ?  31  ALA A CB  1 
ATOM   93   N  N   A ARG A 1 35  ? -8.756  -10.777 0.816   0.50 36.80  ?  32  ARG A N   1 
ATOM   94   N  N   B ARG A 1 35  ? -8.743  -10.749 0.788   0.50 36.25  ?  32  ARG A N   1 
ATOM   95   C  CA  A ARG A 1 35  ? -9.330  -9.429  1.071   0.50 37.17  ?  32  ARG A CA  1 
ATOM   96   C  CA  B ARG A 1 35  ? -9.389  -9.446  1.099   0.50 36.12  ?  32  ARG A CA  1 
ATOM   97   C  C   A ARG A 1 35  ? -8.970  -8.503  -0.095  0.50 35.23  ?  32  ARG A C   1 
ATOM   98   C  C   B ARG A 1 35  ? -8.958  -8.387  0.071   0.50 34.86  ?  32  ARG A C   1 
ATOM   99   O  O   A ARG A 1 35  ? -7.854  -8.589  -0.600  0.50 31.30  ?  32  ARG A O   1 
ATOM   100  O  O   B ARG A 1 35  ? -7.755  -8.216  -0.102  0.50 32.29  ?  32  ARG A O   1 
ATOM   101  C  CB  A ARG A 1 35  ? -8.829  -8.830  2.387   0.50 41.87  ?  32  ARG A CB  1 
ATOM   102  C  CB  B ARG A 1 35  ? -9.011  -9.020  2.518   0.50 38.96  ?  32  ARG A CB  1 
ATOM   103  C  CG  A ARG A 1 35  ? -9.607  -7.579  2.777   0.50 45.79  ?  32  ARG A CG  1 
ATOM   104  C  CG  B ARG A 1 35  ? -10.009 -8.065  3.160   0.50 40.33  ?  32  ARG A CG  1 
ATOM   105  C  CD  A ARG A 1 35  ? -9.191  -6.911  4.073   0.50 47.95  ?  32  ARG A CD  1 
ATOM   106  C  CD  B ARG A 1 35  ? -9.691  -7.851  4.628   0.50 42.57  ?  32  ARG A CD  1 
ATOM   107  N  NE  A ARG A 1 35  ? -10.137 -5.851  4.411   0.50 45.85  ?  32  ARG A NE  1 
ATOM   108  N  NE  B ARG A 1 35  ? -8.271  -7.620  4.844   0.50 38.60  ?  32  ARG A NE  1 
ATOM   109  C  CZ  A ARG A 1 35  ? -10.061 -5.094  5.499   0.50 50.80  ?  32  ARG A CZ  1 
ATOM   110  C  CZ  B ARG A 1 35  ? -7.710  -6.428  5.010   0.50 43.19  ?  32  ARG A CZ  1 
ATOM   111  N  NH1 A ARG A 1 35  ? -10.959 -4.144  5.717   0.50 54.61  ?  32  ARG A NH1 1 
ATOM   112  N  NH1 B ARG A 1 35  ? -8.451  -5.332  4.977   0.50 45.63  ?  32  ARG A NH1 1 
ATOM   113  N  NH2 A ARG A 1 35  ? -9.097  -5.305  6.373   0.50 54.69  ?  32  ARG A NH2 1 
ATOM   114  N  NH2 B ARG A 1 35  ? -6.405  -6.329  5.191   0.50 44.39  ?  32  ARG A NH2 1 
ATOM   115  N  N   . LEU A 1 36  ? -9.907  -7.678  -0.561  1.00 33.06  ?  33  LEU A N   1 
ATOM   116  C  CA  . LEU A 1 36  ? -9.598  -6.663  -1.606  1.00 32.11  ?  33  LEU A CA  1 
ATOM   117  C  C   . LEU A 1 36  ? -9.305  -5.368  -0.854  1.00 34.29  ?  33  LEU A C   1 
ATOM   118  O  O   . LEU A 1 36  ? -10.129 -4.907  -0.005  1.00 32.94  ?  33  LEU A O   1 
ATOM   119  C  CB  . LEU A 1 36  ? -10.755 -6.546  -2.613  1.00 29.65  ?  33  LEU A CB  1 
ATOM   120  C  CG  . LEU A 1 36  ? -11.190 -7.873  -3.231  1.00 32.82  ?  33  LEU A CG  1 
ATOM   121  C  CD1 . LEU A 1 36  ? -12.329 -7.762  -4.204  1.00 36.50  ?  33  LEU A CD1 1 
ATOM   122  C  CD2 . LEU A 1 36  ? -10.002 -8.575  -3.904  1.00 30.36  ?  33  LEU A CD2 1 
ATOM   123  N  N   . VAL A 1 37  ? -8.181  -4.770  -1.195  1.00 31.09  ?  34  VAL A N   1 
ATOM   124  C  CA  . VAL A 1 37  ? -7.619  -3.553  -0.569  1.00 34.35  ?  34  VAL A CA  1 
ATOM   125  C  C   . VAL A 1 37  ? -7.148  -2.649  -1.697  1.00 31.83  ?  34  VAL A C   1 
ATOM   126  O  O   . VAL A 1 37  ? -6.670  -3.154  -2.739  1.00 33.55  ?  34  VAL A O   1 
ATOM   127  C  CB  . VAL A 1 37  ? -6.482  -3.901  0.415   1.00 33.41  ?  34  VAL A CB  1 
ATOM   128  C  CG1 . VAL A 1 37  ? -5.653  -2.712  0.806   1.00 32.50  ?  34  VAL A CG1 1 
ATOM   129  C  CG2 . VAL A 1 37  ? -6.961  -4.626  1.655   1.00 33.25  ?  34  VAL A CG2 1 
ATOM   130  N  N   . ALA A 1 38  ? -7.350  -1.348  -1.535  1.00 29.74  ?  35  ALA A N   1 
ATOM   131  C  CA  . ALA A 1 38  ? -6.854  -0.355  -2.488  1.00 29.55  ?  35  ALA A CA  1 
ATOM   132  C  C   . ALA A 1 38  ? -6.002  0.611   -1.712  1.00 28.12  ?  35  ALA A C   1 
ATOM   133  O  O   . ALA A 1 38  ? -6.301  0.860   -0.515  1.00 31.71  ?  35  ALA A O   1 
ATOM   134  C  CB  . ALA A 1 38  ? -7.961  0.368   -3.214  1.00 31.50  ?  35  ALA A CB  1 
ATOM   135  N  N   . GLY A 1 39  ? -5.013  1.180   -2.372  1.00 29.31  ?  36  GLY A N   1 
ATOM   136  C  CA  . GLY A 1 39  ? -4.290  2.309   -1.792  1.00 28.01  ?  36  GLY A CA  1 
ATOM   137  C  C   . GLY A 1 39  ? -3.487  3.066   -2.822  1.00 31.01  ?  36  GLY A C   1 
ATOM   138  O  O   . GLY A 1 39  ? -3.666  2.799   -4.013  1.00 31.87  ?  36  GLY A O   1 
ATOM   139  N  N   . CYS A 1 40  ? -2.728  4.031   -2.341  1.00 26.35  ?  37  CYS A N   1 
ATOM   140  C  CA  . CYS A 1 40  ? -2.024  5.079   -3.111  1.00 29.47  ?  37  CYS A CA  1 
ATOM   141  C  C   . CYS A 1 40  ? -0.541  5.073   -2.790  1.00 29.44  ?  37  CYS A C   1 
ATOM   142  O  O   . CYS A 1 40  ? -0.118  5.145   -1.622  1.00 31.63  ?  37  CYS A O   1 
ATOM   143  C  CB  . CYS A 1 40  ? -2.628  6.456   -2.868  1.00 35.19  ?  37  CYS A CB  1 
ATOM   144  S  SG  . CYS A 1 40  ? -4.240  6.607   -3.698  1.00 39.01  ?  37  CYS A SG  1 
ATOM   145  N  N   . ILE A 1 41  ? 0.218   5.068   -3.846  1.00 27.03  ?  38  ILE A N   1 
ATOM   146  C  CA  . ILE A 1 41  ? 1.592   5.595   -3.836  1.00 30.12  ?  38  ILE A CA  1 
ATOM   147  C  C   . ILE A 1 41  ? 1.488   7.103   -4.083  1.00 29.63  ?  38  ILE A C   1 
ATOM   148  O  O   . ILE A 1 41  ? 1.425   7.548   -5.278  1.00 30.83  ?  38  ILE A O   1 
ATOM   149  C  CB  . ILE A 1 41  ? 2.448   4.830   -4.848  1.00 30.27  ?  38  ILE A CB  1 
ATOM   150  C  CG1 . ILE A 1 41  ? 2.361   3.323   -4.573  1.00 33.36  ?  38  ILE A CG1 1 
ATOM   151  C  CG2 . ILE A 1 41  ? 3.882   5.358   -4.873  1.00 34.05  ?  38  ILE A CG2 1 
ATOM   152  C  CD1 . ILE A 1 41  ? 2.935   2.866   -3.241  1.00 35.61  ?  38  ILE A CD1 1 
ATOM   153  N  N   . CYS A 1 42  ? 1.563   7.884   -3.003  1.00 29.39  ?  39  CYS A N   1 
ATOM   154  C  CA  . CYS A 1 42  ? 1.495   9.381   -3.097  1.00 31.21  ?  39  CYS A CA  1 
ATOM   155  C  C   . CYS A 1 42  ? 2.855   10.037  -3.333  1.00 33.25  ?  39  CYS A C   1 
ATOM   156  O  O   . CYS A 1 42  ? 3.624   10.114  -2.366  1.00 33.73  ?  39  CYS A O   1 
ATOM   157  C  CB  . CYS A 1 42  ? 0.873   9.923   -1.827  1.00 32.12  ?  39  CYS A CB  1 
ATOM   158  S  SG  . CYS A 1 42  ? -0.650  9.090   -1.374  1.00 36.02  ?  39  CYS A SG  1 
ATOM   159  N  N   . LEU A 1 43  ? 3.069   10.651  -4.497  1.00 29.14  ?  40  LEU A N   1 
ATOM   160  C  CA  . LEU A 1 43  ? 4.306   11.368  -4.854  1.00 35.89  ?  40  LEU A CA  1 
ATOM   161  C  C   . LEU A 1 43  ? 4.153   12.889  -4.926  1.00 36.04  ?  40  LEU A C   1 
ATOM   162  O  O   . LEU A 1 43  ? 3.063   13.420  -5.276  1.00 35.97  ?  40  LEU A O   1 
ATOM   163  C  CB  . LEU A 1 43  ? 4.807   10.898  -6.218  1.00 37.22  ?  40  LEU A CB  1 
ATOM   164  C  CG  . LEU A 1 43  ? 4.965   9.393   -6.382  1.00 34.18  ?  40  LEU A CG  1 
ATOM   165  C  CD1 . LEU A 1 43  ? 5.489   9.108   -7.781  1.00 36.37  ?  40  LEU A CD1 1 
ATOM   166  C  CD2 . LEU A 1 43  ? 5.904   8.837   -5.329  1.00 37.47  ?  40  LEU A CD2 1 
ATOM   167  N  N   . THR A 1 44  ? 5.280   13.539  -4.662  1.00 34.46  ?  41  THR A N   1 
ATOM   168  C  CA  . THR A 1 44  ? 5.461   14.999  -4.765  1.00 35.55  ?  41  THR A CA  1 
ATOM   169  C  C   . THR A 1 44  ? 5.442   15.292  -6.236  1.00 36.54  ?  41  THR A C   1 
ATOM   170  O  O   . THR A 1 44  ? 5.710   14.414  -7.069  1.00 36.52  ?  41  THR A O   1 
ATOM   171  C  CB  . THR A 1 44  ? 6.695   15.450  -3.973  1.00 44.80  ?  41  THR A CB  1 
ATOM   172  O  OG1 . THR A 1 44  ? 7.876   14.857  -4.526  1.00 44.11  ?  41  THR A OG1 1 
ATOM   173  C  CG2 . THR A 1 44  ? 6.566   15.108  -2.505  1.00 44.39  ?  41  THR A CG2 1 
ATOM   174  N  N   . PRO A 1 45  ? 4.953   16.483  -6.622  1.00 40.83  ?  42  PRO A N   1 
ATOM   175  C  CA  . PRO A 1 45  ? 4.888   16.845  -8.028  1.00 43.41  ?  42  PRO A CA  1 
ATOM   176  C  C   . PRO A 1 45  ? 6.195   16.587  -8.777  1.00 46.52  ?  42  PRO A C   1 
ATOM   177  O  O   . PRO A 1 45  ? 6.128   16.168  -9.920  1.00 47.26  ?  42  PRO A O   1 
ATOM   178  C  CB  . PRO A 1 45  ? 4.514   18.326  -7.948  1.00 42.02  ?  42  PRO A CB  1 
ATOM   179  C  CG  . PRO A 1 45  ? 3.623   18.370  -6.717  1.00 45.74  ?  42  PRO A CG  1 
ATOM   180  C  CD  . PRO A 1 45  ? 4.335   17.486  -5.729  1.00 43.43  ?  42  PRO A CD  1 
ATOM   181  N  N   . ASP A 1 46  ? 7.332   16.817  -8.121  1.00 50.07  ?  43  ASP A N   1 
ATOM   182  C  CA  . ASP A 1 46  ? 8.670   16.625  -8.738  1.00 52.50  ?  43  ASP A CA  1 
ATOM   183  C  C   . ASP A 1 46  ? 9.067   15.144  -8.650  1.00 48.50  ?  43  ASP A C   1 
ATOM   184  O  O   . ASP A 1 46  ? 10.141  14.823  -9.142  1.00 50.65  ?  43  ASP A O   1 
ATOM   185  C  CB  . ASP A 1 46  ? 9.722   17.520  -8.073  1.00 53.55  ?  43  ASP A CB  1 
ATOM   186  C  CG  . ASP A 1 46  ? 10.025  17.114  -6.643  1.00 56.96  ?  43  ASP A CG  1 
ATOM   187  O  OD1 . ASP A 1 46  ? 9.501   16.063  -6.223  1.00 61.63  ?  43  ASP A OD1 1 
ATOM   188  O  OD2 . ASP A 1 46  ? 10.768  17.854  -5.953  1.00 62.85  ?  43  ASP A OD2 1 
ATOM   189  N  N   . LYS A 1 47  ? 8.275   14.314  -7.963  1.00 47.86  ?  44  LYS A N   1 
ATOM   190  C  CA  . LYS A 1 47  ? 8.354   12.828  -7.951  1.00 43.65  ?  44  LYS A CA  1 
ATOM   191  C  C   . LYS A 1 47  ? 9.613   12.348  -7.219  1.00 47.56  ?  44  LYS A C   1 
ATOM   192  O  O   . LYS A 1 47  ? 9.968   11.165  -7.344  1.00 41.91  ?  44  LYS A O   1 
ATOM   193  C  CB  . LYS A 1 47  ? 8.269   12.303  -9.389  1.00 51.52  ?  44  LYS A CB  1 
ATOM   194  C  CG  . LYS A 1 47  ? 6.853   12.282  -9.931  1.00 49.57  ?  44  LYS A CG  1 
ATOM   195  C  CD  . LYS A 1 47  ? 6.753   12.132  -11.414 1.00 54.89  ?  44  LYS A CD  1 
ATOM   196  C  CE  . LYS A 1 47  ? 5.313   12.189  -11.883 1.00 61.74  ?  44  LYS A CE  1 
ATOM   197  N  NZ  . LYS A 1 47  ? 4.806   13.584  -11.914 1.00 58.29  ?  44  LYS A NZ  1 
ATOM   198  N  N   . LYS A 1 48  ? 10.210  13.201  -6.398  1.00 46.19  ?  45  LYS A N   1 
ATOM   199  C  CA  . LYS A 1 48  ? 11.443  12.843  -5.671  1.00 48.46  ?  45  LYS A CA  1 
ATOM   200  C  C   . LYS A 1 48  ? 11.057  12.162  -4.372  1.00 45.09  ?  45  LYS A C   1 
ATOM   201  O  O   . LYS A 1 48  ? 11.903  11.428  -3.866  1.00 43.25  ?  45  LYS A O   1 
ATOM   202  C  CB  . LYS A 1 48  ? 12.339  14.062  -5.434  1.00 53.59  ?  45  LYS A CB  1 
ATOM   203  C  CG  . LYS A 1 48  ? 12.899  14.676  -6.707  1.00 63.46  ?  45  LYS A CG  1 
ATOM   204  C  CD  . LYS A 1 48  ? 14.207  15.398  -6.492  1.00 69.64  ?  45  LYS A CD  1 
ATOM   205  C  CE  . LYS A 1 48  ? 14.510  16.405  -7.575  1.00 71.34  ?  45  LYS A CE  1 
ATOM   206  N  NZ  . LYS A 1 48  ? 15.379  17.486  -7.057  1.00 77.96  ?  45  LYS A NZ  1 
ATOM   207  N  N   . GLN A 1 49  ? 9.838   12.355  -3.850  1.00 39.29  ?  46  GLN A N   1 
ATOM   208  C  CA  . GLN A 1 49  ? 9.477   11.722  -2.564  1.00 35.85  ?  46  GLN A CA  1 
ATOM   209  C  C   . GLN A 1 49  ? 8.109   11.042  -2.611  1.00 34.80  ?  46  GLN A C   1 
ATOM   210  O  O   . GLN A 1 49  ? 7.258   11.439  -3.457  1.00 38.89  ?  46  GLN A O   1 
ATOM   211  C  CB  . GLN A 1 49  ? 9.539   12.750  -1.443  1.00 46.78  ?  46  GLN A CB  1 
ATOM   212  C  CG  . GLN A 1 49  ? 10.925  13.325  -1.222  1.00 46.22  ?  46  GLN A CG  1 
ATOM   213  C  CD  . GLN A 1 49  ? 10.792  14.322  -0.100  1.00 52.01  ?  46  GLN A CD  1 
ATOM   214  O  OE1 . GLN A 1 49  ? 10.343  15.443  -0.314  1.00 57.74  ?  46  GLN A OE1 1 
ATOM   215  N  NE2 . GLN A 1 49  ? 11.059  13.875  1.111   1.00 55.39  ?  46  GLN A NE2 1 
ATOM   216  N  N   . VAL A 1 50  ? 7.950   10.077  -1.706  1.00 33.24  ?  47  VAL A N   1 
ATOM   217  C  CA  . VAL A 1 50  ? 6.716   9.294   -1.441  1.00 34.77  ?  47  VAL A CA  1 
ATOM   218  C  C   . VAL A 1 50  ? 6.294   9.522   0.001   1.00 37.06  ?  47  VAL A C   1 
ATOM   219  O  O   . VAL A 1 50  ? 7.124   9.509   0.916   1.00 33.94  ?  47  VAL A O   1 
ATOM   220  C  CB  . VAL A 1 50  ? 6.810   7.782   -1.757  1.00 34.02  ?  47  VAL A CB  1 
ATOM   221  C  CG1 . VAL A 1 50  ? 7.969   7.040   -1.064  1.00 33.97  ?  47  VAL A CG1 1 
ATOM   222  C  CG2 . VAL A 1 50  ? 5.540   7.051   -1.449  1.00 33.31  ?  47  VAL A CG2 1 
ATOM   223  N  N   . LEU A 1 51  ? 4.982   9.649   0.181   1.00 32.69  ?  48  LEU A N   1 
ATOM   224  C  CA  . LEU A 1 51  ? 4.327   9.801   1.493   1.00 32.63  ?  48  LEU A CA  1 
ATOM   225  C  C   . LEU A 1 51  ? 4.166   8.448   2.132   1.00 33.65  ?  48  LEU A C   1 
ATOM   226  O  O   . LEU A 1 51  ? 3.514   7.561   1.588   1.00 34.82  ?  48  LEU A O   1 
ATOM   227  C  CB  . LEU A 1 51  ? 2.963   10.496  1.339   1.00 32.32  ?  48  LEU A CB  1 
ATOM   228  C  CG  . LEU A 1 51  ? 2.335   10.970  2.648   1.00 35.31  ?  48  LEU A CG  1 
ATOM   229  C  CD1 . LEU A 1 51  ? 3.197   12.055  3.260   1.00 38.10  ?  48  LEU A CD1 1 
ATOM   230  C  CD2 . LEU A 1 51  ? 0.904   11.513  2.407   1.00 34.56  ?  48  LEU A CD2 1 
ATOM   231  N  N   . MET A 1 52  ? 4.720   8.322   3.329   1.00 30.58  ?  49  MET A N   1 
ATOM   232  C  CA  . MET A 1 52  ? 4.542   7.123   4.125   1.00 26.21  ?  49  MET A CA  1 
ATOM   233  C  C   . MET A 1 52  ? 3.886   7.409   5.458   1.00 27.04  ?  49  MET A C   1 
ATOM   234  O  O   . MET A 1 52  ? 3.978   8.519   5.884   1.00 33.91  ?  49  MET A O   1 
ATOM   235  C  CB  . MET A 1 52  ? 5.955   6.535   4.323   1.00 27.52  ?  49  MET A CB  1 
ATOM   236  C  CG  . MET A 1 52  ? 6.583   6.233   3.022   1.00 32.10  ?  49  MET A CG  1 
ATOM   237  S  SD  . MET A 1 52  ? 8.018   5.042   3.198   1.00 36.58  ?  49  MET A SD  1 
ATOM   238  C  CE  . MET A 1 52  ? 7.065   3.597   3.570   1.00 31.84  ?  49  MET A CE  1 
ATOM   239  N  N   . ILE A 1 53  ? 3.220   6.421   6.034   1.00 30.77  ?  50  ILE A N   1 
ATOM   240  C  CA  . ILE A 1 53  ? 2.530   6.476   7.356   1.00 35.34  ?  50  ILE A CA  1 
ATOM   241  C  C   . ILE A 1 53  ? 3.019   5.311   8.208   1.00 36.63  ?  50  ILE A C   1 
ATOM   242  O  O   . ILE A 1 53  ? 3.416   4.299   7.653   1.00 38.81  ?  50  ILE A O   1 
ATOM   243  C  CB  . ILE A 1 53  ? 1.004   6.369   7.206   1.00 35.63  ?  50  ILE A CB  1 
ATOM   244  C  CG1 . ILE A 1 53  ? 0.609   5.110   6.429   1.00 39.75  ?  50  ILE A CG1 1 
ATOM   245  C  CG2 . ILE A 1 53  ? 0.449   7.618   6.549   1.00 38.80  ?  50  ILE A CG2 1 
ATOM   246  C  CD1 . ILE A 1 53  ? -0.817  4.683   6.611   1.00 38.49  ?  50  ILE A CD1 1 
ATOM   247  N  N   . THR A 1 54  ? 2.848   5.406   9.520   1.00 34.97  ?  51  THR A N   1 
ATOM   248  C  CA  . THR A 1 54  ? 3.139   4.297   10.446  1.00 38.33  ?  51  THR A CA  1 
ATOM   249  C  C   . THR A 1 54  ? 1.953   3.354   10.486  1.00 38.16  ?  51  THR A C   1 
ATOM   250  O  O   . THR A 1 54  ? 0.804   3.809   10.347  1.00 43.06  ?  51  THR A O   1 
ATOM   251  C  CB  . THR A 1 54  ? 3.602   4.879   11.776  1.00 41.27  ?  51  THR A CB  1 
ATOM   252  O  OG1 . THR A 1 54  ? 2.552   5.742   12.235  1.00 43.82  ?  51  THR A OG1 1 
ATOM   253  C  CG2 . THR A 1 54  ? 4.892   5.638   11.583  1.00 43.36  ?  51  THR A CG2 1 
ATOM   254  N  N   . SER A 1 55  ? 2.231   2.058   10.576  1.00 41.68  ?  52  SER A N   1 
ATOM   255  C  CA  . SER A 1 55  ? 1.235   0.989   10.820  1.00 37.10  ?  52  SER A CA  1 
ATOM   256  C  C   . SER A 1 55  ? 0.623   1.278   12.193  1.00 43.60  ?  52  SER A C   1 
ATOM   257  O  O   . SER A 1 55  ? 1.348   1.829   13.062  1.00 48.78  ?  52  SER A O   1 
ATOM   258  C  CB  . SER A 1 55  ? 1.816   -0.427  10.761  1.00 46.23  ?  52  SER A CB  1 
ATOM   259  O  OG  . SER A 1 55  ? 0.803   -1.399  11.086  1.00 46.87  ?  52  SER A OG  1 
ATOM   260  N  N   . SER A 1 56  ? -0.684  1.090   12.336  1.00 58.99  ?  53  SER A N   1 
ATOM   261  C  CA  . SER A 1 56  ? -1.365  1.346   13.629  1.00 71.65  ?  53  SER A CA  1 
ATOM   262  C  C   . SER A 1 56  ? -1.015  0.172   14.548  1.00 77.23  ?  53  SER A C   1 
ATOM   263  O  O   . SER A 1 56  ? -0.558  0.435   15.687  1.00 71.11  ?  53  SER A O   1 
ATOM   264  C  CB  . SER A 1 56  ? -2.847  1.560   13.461  1.00 70.09  ?  53  SER A CB  1 
ATOM   265  O  OG  . SER A 1 56  ? -3.419  0.512   12.702  1.00 75.21  ?  53  SER A OG  1 
ATOM   266  N  N   . ALA A 1 57  ? -1.142  -1.055  14.015  1.00 83.97  ?  54  ALA A N   1 
ATOM   267  C  CA  . ALA A 1 57  ? -0.778  -2.342  14.661  1.00 83.82  ?  54  ALA A CA  1 
ATOM   268  C  C   . ALA A 1 57  ? 0.714   -2.342  15.024  1.00 83.63  ?  54  ALA A C   1 
ATOM   269  O  O   . ALA A 1 57  ? 1.042   -2.258  16.224  1.00 89.72  ?  54  ALA A O   1 
ATOM   270  C  CB  . ALA A 1 57  ? -1.131  -3.490  13.745  1.00 78.88  ?  54  ALA A CB  1 
ATOM   271  N  N   . HIS A 1 58  ? 1.584   -2.389  14.016  1.00 83.01  ?  55  HIS A N   1 
ATOM   272  C  CA  . HIS A 1 58  ? 3.059   -2.514  14.169  1.00 79.66  ?  55  HIS A CA  1 
ATOM   273  C  C   . HIS A 1 58  ? 3.674   -1.102  14.160  1.00 73.73  ?  55  HIS A C   1 
ATOM   274  O  O   . HIS A 1 58  ? 4.353   -0.745  13.188  1.00 75.44  ?  55  HIS A O   1 
ATOM   275  C  CB  . HIS A 1 58  ? 3.574   -3.496  13.105  1.00 79.82  ?  55  HIS A CB  1 
ATOM   276  C  CG  . HIS A 1 58  ? 2.710   -4.711  12.953  1.00 86.36  ?  55  HIS A CG  1 
ATOM   277  N  ND1 . HIS A 1 58  ? 1.811   -4.861  11.908  1.00 88.53  ?  55  HIS A ND1 1 
ATOM   278  C  CD2 . HIS A 1 58  ? 2.584   -5.822  13.716  1.00 92.07  ?  55  HIS A CD2 1 
ATOM   279  C  CE1 . HIS A 1 58  ? 1.178   -6.014  12.032  1.00 89.72  ?  55  HIS A CE1 1 
ATOM   280  N  NE2 . HIS A 1 58  ? 1.635   -6.624  13.132  1.00 89.02  ?  55  HIS A NE2 1 
ATOM   281  N  N   . LYS A 1 59  ? 3.472   -0.360  15.256  1.00 70.37  ?  56  LYS A N   1 
ATOM   282  C  CA  . LYS A 1 59  ? 3.581   1.123   15.396  1.00 68.07  ?  56  LYS A CA  1 
ATOM   283  C  C   . LYS A 1 59  ? 4.943   1.716   14.988  1.00 65.63  ?  56  LYS A C   1 
ATOM   284  O  O   . LYS A 1 59  ? 5.032   2.949   14.971  1.00 56.89  ?  56  LYS A O   1 
ATOM   285  C  CB  . LYS A 1 59  ? 3.288   1.519   16.849  1.00 75.23  ?  56  LYS A CB  1 
ATOM   286  C  CG  . LYS A 1 59  ? 1.840   1.340   17.279  1.00 81.52  ?  56  LYS A CG  1 
ATOM   287  C  CD  . LYS A 1 59  ? 1.496   1.950   18.626  1.00 86.61  ?  56  LYS A CD  1 
ATOM   288  C  CE  . LYS A 1 59  ? 0.010   2.226   18.767  1.00 87.35  ?  56  LYS A CE  1 
ATOM   289  N  NZ  . LYS A 1 59  ? -0.314  2.912   20.040  1.00 87.13  ?  56  LYS A NZ  1 
ATOM   290  N  N   . LYS A 1 60  ? 5.989   0.923   14.720  1.00 75.13  ?  57  LYS A N   1 
ATOM   291  C  CA  . LYS A 1 60  ? 7.288   1.484   14.239  1.00 72.93  ?  57  LYS A CA  1 
ATOM   292  C  C   . LYS A 1 60  ? 7.530   1.131   12.761  1.00 64.71  ?  57  LYS A C   1 
ATOM   293  O  O   . LYS A 1 60  ? 8.538   1.609   12.191  1.00 64.90  ?  57  LYS A O   1 
ATOM   294  C  CB  . LYS A 1 60  ? 8.460   1.033   15.115  1.00 79.77  ?  57  LYS A CB  1 
ATOM   295  C  CG  . LYS A 1 60  ? 9.750   1.809   14.876  1.00 91.53  ?  57  LYS A CG  1 
ATOM   296  C  CD  . LYS A 1 60  ? 9.559   3.279   14.506  1.00 97.94  ?  57  LYS A CD  1 
ATOM   297  C  CE  . LYS A 1 60  ? 10.837  3.945   14.044  1.00 111.70 ?  57  LYS A CE  1 
ATOM   298  N  NZ  . LYS A 1 60  ? 11.867  3.951   15.113  1.00 119.61 ?  57  LYS A NZ  1 
ATOM   299  N  N   . ARG A 1 61  ? 6.631   0.363   12.147  1.00 61.11  ?  58  ARG A N   1 
ATOM   300  C  CA  . ARG A 1 61  ? 6.700   0.028   10.700  1.00 55.10  ?  58  ARG A CA  1 
ATOM   301  C  C   . ARG A 1 61  ? 6.124   1.208   9.900   1.00 50.45  ?  58  ARG A C   1 
ATOM   302  O  O   . ARG A 1 61  ? 5.030   1.661   10.277  1.00 47.98  ?  58  ARG A O   1 
ATOM   303  C  CB  . ARG A 1 61  ? 5.932   -1.263  10.407  1.00 58.48  ?  58  ARG A CB  1 
ATOM   304  C  CG  . ARG A 1 61  ? 6.283   -2.439  11.307  1.00 69.63  ?  58  ARG A CG  1 
ATOM   305  C  CD  . ARG A 1 61  ? 7.777   -2.692  11.413  1.00 76.14  ?  58  ARG A CD  1 
ATOM   306  N  NE  . ARG A 1 61  ? 8.065   -4.088  11.728  1.00 78.33  ?  58  ARG A NE  1 
ATOM   307  C  CZ  . ARG A 1 61  ? 9.273   -4.579  11.984  1.00 79.41  ?  58  ARG A CZ  1 
ATOM   308  N  NH1 . ARG A 1 61  ? 9.405   -5.866  12.259  1.00 77.06  ?  58  ARG A NH1 1 
ATOM   309  N  NH2 . ARG A 1 61  ? 10.338  -3.792  11.972  1.00 79.22  ?  58  ARG A NH2 1 
ATOM   310  N  N   . TRP A 1 62  ? 6.880   1.700   8.907   1.00 44.17  ?  59  TRP A N   1 
ATOM   311  C  CA  . TRP A 1 62  ? 6.482   2.708   7.890   1.00 37.27  ?  59  TRP A CA  1 
ATOM   312  C  C   . TRP A 1 62  ? 5.966   2.027   6.621   1.00 46.17  ?  59  TRP A C   1 
ATOM   313  O  O   . TRP A 1 62  ? 6.728   1.260   5.981   1.00 37.75  ?  59  TRP A O   1 
ATOM   314  C  CB  . TRP A 1 62  ? 7.638   3.620   7.526   1.00 40.48  ?  59  TRP A CB  1 
ATOM   315  C  CG  . TRP A 1 62  ? 8.005   4.598   8.590   1.00 47.61  ?  59  TRP A CG  1 
ATOM   316  C  CD1 . TRP A 1 62  ? 8.993   4.451   9.529   1.00 49.24  ?  59  TRP A CD1 1 
ATOM   317  C  CD2 . TRP A 1 62  ? 7.434   5.904   8.797   1.00 45.43  ?  59  TRP A CD2 1 
ATOM   318  N  NE1 . TRP A 1 62  ? 9.073   5.574   10.310  1.00 49.59  ?  59  TRP A NE1 1 
ATOM   319  C  CE2 . TRP A 1 62  ? 8.147   6.494   9.869   1.00 49.69  ?  59  TRP A CE2 1 
ATOM   320  C  CE3 . TRP A 1 62  ? 6.421   6.645   8.175   1.00 46.27  ?  59  TRP A CE3 1 
ATOM   321  C  CZ2 . TRP A 1 62  ? 7.824   7.762   10.363  1.00 47.58  ?  59  TRP A CZ2 1 
ATOM   322  C  CZ3 . TRP A 1 62  ? 6.119   7.905   8.654   1.00 40.68  ?  59  TRP A CZ3 1 
ATOM   323  C  CH2 . TRP A 1 62  ? 6.809   8.458   9.731   1.00 44.87  ?  59  TRP A CH2 1 
ATOM   324  N  N   . ILE A 1 63  ? 4.707   2.275   6.284   1.00 33.08  ?  60  ILE A N   1 
ATOM   325  C  CA  . ILE A 1 63  ? 3.986   1.656   5.131   1.00 33.20  ?  60  ILE A CA  1 
ATOM   326  C  C   . ILE A 1 63  ? 3.352   2.786   4.311   1.00 32.95  ?  60  ILE A C   1 
ATOM   327  O  O   . ILE A 1 63  ? 3.826   3.896   4.366   1.00 28.90  ?  60  ILE A O   1 
ATOM   328  C  CB  . ILE A 1 63  ? 2.938   0.626   5.611   1.00 33.28  ?  60  ILE A CB  1 
ATOM   329  C  CG1 . ILE A 1 63  ? 1.978   1.221   6.637   1.00 35.47  ?  60  ILE A CG1 1 
ATOM   330  C  CG2 . ILE A 1 63  ? 3.564   -0.631  6.179   1.00 38.85  ?  60  ILE A CG2 1 
ATOM   331  C  CD1 . ILE A 1 63  ? 0.810   0.381   6.850   1.00 34.65  ?  60  ILE A CD1 1 
ATOM   332  N  N   . VAL A 1 64  ? 2.464   2.426   3.400   1.00 33.76  ?  61  VAL A N   1 
ATOM   333  C  CA  . VAL A 1 64  ? 1.782   3.408   2.515   1.00 31.49  ?  61  VAL A CA  1 
ATOM   334  C  C   . VAL A 1 64  ? 0.301   3.302   2.808   1.00 27.55  ?  61  VAL A C   1 
ATOM   335  O  O   . VAL A 1 64  ? -0.200  2.285   3.317   1.00 31.02  ?  61  VAL A O   1 
ATOM   336  C  CB  . VAL A 1 64  ? 2.131   3.181   1.040   1.00 30.04  ?  61  VAL A CB  1 
ATOM   337  C  CG1 . VAL A 1 64  ? 3.591   3.453   0.782   1.00 35.40  ?  61  VAL A CG1 1 
ATOM   338  C  CG2 . VAL A 1 64  ? 1.719   1.806   0.556   1.00 31.67  ?  61  VAL A CG2 1 
ATOM   339  N  N   . PRO A 1 65  ? -0.474  4.372   2.514   1.00 31.81  ?  62  PRO A N   1 
ATOM   340  C  CA  . PRO A 1 65  ? -1.904  4.330   2.789   1.00 32.30  ?  62  PRO A CA  1 
ATOM   341  C  C   . PRO A 1 65  ? -2.669  3.335   1.912   1.00 27.67  ?  62  PRO A C   1 
ATOM   342  O  O   . PRO A 1 65  ? -2.456  3.282   0.667   1.00 27.03  ?  62  PRO A O   1 
ATOM   343  C  CB  . PRO A 1 65  ? -2.392  5.778   2.545   1.00 31.92  ?  62  PRO A CB  1 
ATOM   344  C  CG  . PRO A 1 65  ? -1.152  6.615   2.311   1.00 34.65  ?  62  PRO A CG  1 
ATOM   345  C  CD  . PRO A 1 65  ? -0.039  5.642   1.917   1.00 31.87  ?  62  PRO A CD  1 
ATOM   346  N  N   . LYS A 1 66  ? -3.546  2.571   2.548   1.00 29.62  ?  63  LYS A N   1 
ATOM   347  C  CA  . LYS A 1 66  ? -4.337  1.514   1.893   1.00 31.10  ?  63  LYS A CA  1 
ATOM   348  C  C   . LYS A 1 66  ? -5.388  1.049   2.864   1.00 32.40  ?  63  LYS A C   1 
ATOM   349  O  O   . LYS A 1 66  ? -5.151  1.220   4.052   1.00 41.30  ?  63  LYS A O   1 
ATOM   350  C  CB  . LYS A 1 66  ? -3.464  0.299   1.544   1.00 39.56  ?  63  LYS A CB  1 
ATOM   351  C  CG  . LYS A 1 66  ? -2.917  -0.392  2.782   1.00 39.86  ?  63  LYS A CG  1 
ATOM   352  C  CD  . LYS A 1 66  ? -1.592  -1.049  2.664   1.00 40.37  ?  63  LYS A CD  1 
ATOM   353  C  CE  . LYS A 1 66  ? -0.985  -1.359  4.014   1.00 38.61  ?  63  LYS A CE  1 
ATOM   354  N  NZ  . LYS A 1 66  ? -1.984  -1.770  5.049   1.00 40.04  ?  63  LYS A NZ  1 
ATOM   355  N  N   . GLY A 1 67  ? -6.462  0.447   2.376   1.00 30.93  ?  64  GLY A N   1 
ATOM   356  C  CA  . GLY A 1 67  ? -7.444  -0.248  3.217   1.00 30.46  ?  64  GLY A CA  1 
ATOM   357  C  C   . GLY A 1 67  ? -8.468  -0.972  2.435   1.00 31.30  ?  64  GLY A C   1 
ATOM   358  O  O   . GLY A 1 67  ? -8.436  -0.919  1.197   1.00 32.21  ?  64  GLY A O   1 
ATOM   359  N  N   . GLY A 1 68  ? -9.302  -1.716  3.166   1.00 30.20  ?  65  GLY A N   1 
ATOM   360  C  CA  . GLY A 1 68  ? -10.320 -2.617  2.637   1.00 32.23  ?  65  GLY A CA  1 
ATOM   361  C  C   . GLY A 1 68  ? -11.325 -1.836  1.817   1.00 40.16  ?  65  GLY A C   1 
ATOM   362  O  O   . GLY A 1 68  ? -11.740 -0.728  2.272   1.00 33.45  ?  65  GLY A O   1 
ATOM   363  N  N   . VAL A 1 69  ? -11.627 -2.364  0.642   1.00 31.54  ?  66  VAL A N   1 
ATOM   364  C  CA  . VAL A 1 69  ? -12.795 -1.971  -0.176  1.00 33.80  ?  66  VAL A CA  1 
ATOM   365  C  C   . VAL A 1 69  ? -14.050 -2.343  0.628   1.00 37.78  ?  66  VAL A C   1 
ATOM   366  O  O   . VAL A 1 69  ? -14.034 -3.389  1.293   1.00 34.50  ?  66  VAL A O   1 
ATOM   367  C  CB  . VAL A 1 69  ? -12.805 -2.637  -1.545  1.00 34.21  ?  66  VAL A CB  1 
ATOM   368  C  CG1 . VAL A 1 69  ? -14.053 -2.247  -2.335  1.00 37.13  ?  66  VAL A CG1 1 
ATOM   369  C  CG2 . VAL A 1 69  ? -11.542 -2.365  -2.354  1.00 35.39  ?  66  VAL A CG2 1 
ATOM   370  N  N   . GLU A 1 70  ? -15.040 -1.442  0.651   1.00 37.43  ?  67  GLU A N   1 
ATOM   371  C  CA  . GLU A 1 70  ? -16.354 -1.690  1.301   1.00 41.50  ?  67  GLU A CA  1 
ATOM   372  C  C   . GLU A 1 70  ? -17.419 -1.925  0.238   1.00 39.70  ?  67  GLU A C   1 
ATOM   373  O  O   . GLU A 1 70  ? -17.237 -1.474  -0.897  1.00 42.75  ?  67  GLU A O   1 
ATOM   374  C  CB  . GLU A 1 70  ? -16.630 -0.558  2.264   1.00 46.21  ?  67  GLU A CB  1 
ATOM   375  C  CG  . GLU A 1 70  ? -15.595 -0.550  3.352   1.00 50.15  ?  67  GLU A CG  1 
ATOM   376  C  CD  . GLU A 1 70  ? -15.689 0.651   4.252   1.00 56.34  ?  67  GLU A CD  1 
ATOM   377  O  OE1 . GLU A 1 70  ? -16.409 1.613   3.871   1.00 55.20  ?  67  GLU A OE1 1 
ATOM   378  O  OE2 . GLU A 1 70  ? -15.072 0.597   5.332   1.00 53.52  ?  67  GLU A OE2 1 
ATOM   379  N  N   . LYS A 1 71  ? -18.486 -2.635  0.618   1.00 43.89  ?  68  LYS A N   1 
ATOM   380  C  CA  . LYS A 1 71  ? -19.572 -3.127  -0.273  1.00 53.38  ?  68  LYS A CA  1 
ATOM   381  C  C   . LYS A 1 71  ? -20.131 -1.993  -1.144  1.00 52.90  ?  68  LYS A C   1 
ATOM   382  O  O   . LYS A 1 71  ? -20.585 -2.281  -2.267  1.00 59.79  ?  68  LYS A O   1 
ATOM   383  C  CB  . LYS A 1 71  ? -20.779 -3.684  0.499   1.00 60.95  ?  68  LYS A CB  1 
ATOM   384  C  CG  . LYS A 1 71  ? -20.507 -4.691  1.608   1.00 67.08  ?  68  LYS A CG  1 
ATOM   385  C  CD  . LYS A 1 71  ? -20.392 -6.134  1.168   1.00 74.92  ?  68  LYS A CD  1 
ATOM   386  C  CE  . LYS A 1 71  ? -20.299 -7.063  2.363   1.00 78.46  ?  68  LYS A CE  1 
ATOM   387  N  NZ  . LYS A 1 71  ? -19.577 -8.315  2.038   1.00 82.70  ?  68  LYS A NZ  1 
ATOM   388  N  N   . ASP A 1 72  ? -20.170 -0.762  -0.645  1.00 48.98  ?  69  ASP A N   1 
ATOM   389  C  CA  . ASP A 1 72  ? -20.908 0.314   -1.358  1.00 64.14  ?  69  ASP A CA  1 
ATOM   390  C  C   . ASP A 1 72  ? -20.025 0.932   -2.455  1.00 61.10  ?  69  ASP A C   1 
ATOM   391  O  O   . ASP A 1 72  ? -20.569 1.539   -3.402  1.00 63.79  ?  69  ASP A O   1 
ATOM   392  C  CB  . ASP A 1 72  ? -21.468 1.319   -0.346  1.00 72.48  ?  69  ASP A CB  1 
ATOM   393  C  CG  . ASP A 1 72  ? -22.596 0.755   0.517   1.00 87.83  ?  69  ASP A CG  1 
ATOM   394  O  OD1 . ASP A 1 72  ? -23.211 -0.272  0.119   1.00 85.95  ?  69  ASP A OD1 1 
ATOM   395  O  OD2 . ASP A 1 72  ? -22.865 1.355   1.587   1.00 99.45  ?  69  ASP A OD2 1 
ATOM   396  N  N   . GLU A 1 73  ? -18.711 0.761   -2.374  1.00 48.91  ?  70  GLU A N   1 
ATOM   397  C  CA  . GLU A 1 73  ? -17.752 1.572   -3.168  1.00 45.31  ?  70  GLU A CA  1 
ATOM   398  C  C   . GLU A 1 73  ? -17.798 1.124   -4.622  1.00 39.59  ?  70  GLU A C   1 
ATOM   399  O  O   . GLU A 1 73  ? -17.757 -0.061  -4.907  1.00 44.19  ?  70  GLU A O   1 
ATOM   400  C  CB  . GLU A 1 73  ? -16.386 1.475   -2.507  1.00 46.46  ?  70  GLU A CB  1 
ATOM   401  C  CG  . GLU A 1 73  ? -16.389 2.093   -1.120  1.00 46.94  ?  70  GLU A CG  1 
ATOM   402  C  CD  . GLU A 1 73  ? -15.003 2.265   -0.524  1.00 48.73  ?  70  GLU A CD  1 
ATOM   403  O  OE1 . GLU A 1 73  ? -14.316 1.229   -0.366  1.00 41.39  ?  70  GLU A OE1 1 
ATOM   404  O  OE2 . GLU A 1 73  ? -14.623 3.408   -0.232  1.00 44.14  ?  70  GLU A OE2 1 
ATOM   405  N  N   . PRO A 1 74  ? -17.937 2.066   -5.586  1.00 45.57  ?  71  PRO A N   1 
ATOM   406  C  CA  . PRO A 1 74  ? -18.126 1.720   -6.992  1.00 42.45  ?  71  PRO A CA  1 
ATOM   407  C  C   . PRO A 1 74  ? -16.876 1.239   -7.739  1.00 40.43  ?  71  PRO A C   1 
ATOM   408  O  O   . PRO A 1 74  ? -16.977 0.680   -8.839  1.00 44.08  ?  71  PRO A O   1 
ATOM   409  C  CB  . PRO A 1 74  ? -18.544 3.048   -7.658  1.00 42.70  ?  71  PRO A CB  1 
ATOM   410  C  CG  . PRO A 1 74  ? -18.075 4.141   -6.726  1.00 43.53  ?  71  PRO A CG  1 
ATOM   411  C  CD  . PRO A 1 74  ? -17.982 3.514   -5.346  1.00 45.70  ?  71  PRO A CD  1 
ATOM   412  N  N   . ASN A 1 75  ? -15.703 1.575   -7.207  1.00 38.90  ?  72  ASN A N   1 
ATOM   413  C  CA  . ASN A 1 75  ? -14.425 1.324   -7.906  1.00 36.26  ?  72  ASN A CA  1 
ATOM   414  C  C   . ASN A 1 75  ? -13.287 1.381   -6.888  1.00 33.40  ?  72  ASN A C   1 
ATOM   415  O  O   . ASN A 1 75  ? -13.462 1.931   -5.744  1.00 33.09  ?  72  ASN A O   1 
ATOM   416  C  CB  . ASN A 1 75  ? -14.157 2.296   -9.055  1.00 37.06  ?  72  ASN A CB  1 
ATOM   417  C  CG  . ASN A 1 75  ? -14.390 3.746   -8.674  1.00 39.80  ?  72  ASN A CG  1 
ATOM   418  O  OD1 . ASN A 1 75  ? -13.867 4.238   -7.681  1.00 35.34  ?  72  ASN A OD1 1 
ATOM   419  N  ND2 . ASN A 1 75  ? -15.228 4.438   -9.434  1.00 38.87  ?  72  ASN A ND2 1 
ATOM   420  N  N   . TYR A 1 76  ? -12.130 0.864   -7.284  1.00 34.73  ?  73  TYR A N   1 
ATOM   421  C  CA  . TYR A 1 76  ? -10.953 0.870   -6.383  1.00 30.91  ?  73  TYR A CA  1 
ATOM   422  C  C   . TYR A 1 76  ? -10.449 2.285   -6.113  1.00 27.88  ?  73  TYR A C   1 
ATOM   423  O  O   . TYR A 1 76  ? -9.940  2.496   -5.010  1.00 30.57  ?  73  TYR A O   1 
ATOM   424  C  CB  . TYR A 1 76  ? -9.865  -0.035  -6.957  1.00 33.24  ?  73  TYR A CB  1 
ATOM   425  C  CG  . TYR A 1 76  ? -10.229 -1.497  -6.935  1.00 28.48  ?  73  TYR A CG  1 
ATOM   426  C  CD1 . TYR A 1 76  ? -10.254 -2.222  -5.752  1.00 28.55  ?  73  TYR A CD1 1 
ATOM   427  C  CD2 . TYR A 1 76  ? -10.514 -2.178  -8.118  1.00 32.90  ?  73  TYR A CD2 1 
ATOM   428  C  CE1 . TYR A 1 76  ? -10.542 -3.576  -5.746  1.00 35.52  ?  73  TYR A CE1 1 
ATOM   429  C  CE2 . TYR A 1 76  ? -10.811 -3.540  -8.123  1.00 31.18  ?  73  TYR A CE2 1 
ATOM   430  C  CZ  . TYR A 1 76  ? -10.819 -4.236  -6.930  1.00 36.67  ?  73  TYR A CZ  1 
ATOM   431  O  OH  . TYR A 1 76  ? -11.109 -5.566  -6.934  1.00 38.46  ?  73  TYR A OH  1 
ATOM   432  N  N   . GLU A 1 77  ? -10.505 3.200   -7.084  1.00 28.86  ?  74  GLU A N   1 
ATOM   433  C  CA  . GLU A 1 77  ? -10.026 4.590   -6.927  1.00 31.02  ?  74  GLU A CA  1 
ATOM   434  C  C   . GLU A 1 77  ? -10.726 5.229   -5.722  1.00 26.97  ?  74  GLU A C   1 
ATOM   435  O  O   . GLU A 1 77  ? -10.046 5.974   -4.964  1.00 32.89  ?  74  GLU A O   1 
ATOM   436  C  CB  . GLU A 1 77  ? -10.282 5.419   -8.191  1.00 34.46  ?  74  GLU A CB  1 
ATOM   437  C  CG  . GLU A 1 77  ? -9.389  5.011   -9.339  1.00 34.72  ?  74  GLU A CG  1 
ATOM   438  C  CD  . GLU A 1 77  ? -9.978  4.018   -10.336 1.00 39.40  ?  74  GLU A CD  1 
ATOM   439  O  OE1 . GLU A 1 77  ? -10.880 3.197   -9.948  1.00 38.13  ?  74  GLU A OE1 1 
ATOM   440  O  OE2 . GLU A 1 77  ? -9.505  4.058   -11.515 1.00 45.11  ?  74  GLU A OE2 1 
ATOM   441  N  N   . THR A 1 78  ? -12.007 4.934   -5.565  1.00 29.05  ?  75  THR A N   1 
ATOM   442  C  CA  . THR A 1 78  ? -12.851 5.445   -4.447  1.00 30.28  ?  75  THR A CA  1 
ATOM   443  C  C   . THR A 1 78  ? -12.226 5.010   -3.132  1.00 33.28  ?  75  THR A C   1 
ATOM   444  O  O   . THR A 1 78  ? -11.954 5.865   -2.285  1.00 32.09  ?  75  THR A O   1 
ATOM   445  C  CB  . THR A 1 78  ? -14.303 4.964   -4.542  1.00 37.51  ?  75  THR A CB  1 
ATOM   446  O  OG1 . THR A 1 78  ? -14.856 5.592   -5.702  1.00 38.55  ?  75  THR A OG1 1 
ATOM   447  C  CG2 . THR A 1 78  ? -15.142 5.321   -3.334  1.00 41.41  ?  75  THR A CG2 1 
ATOM   448  N  N   . THR A 1 79  ? -11.977 3.716   -3.013  1.00 32.24  ?  76  THR A N   1 
ATOM   449  C  CA  . THR A 1 79  ? -11.361 3.144   -1.800  1.00 30.58  ?  76  THR A CA  1 
ATOM   450  C  C   . THR A 1 79  ? -10.024 3.798   -1.564  1.00 27.15  ?  76  THR A C   1 
ATOM   451  O  O   . THR A 1 79  ? -9.776  4.208   -0.412  1.00 32.55  ?  76  THR A O   1 
ATOM   452  C  CB  . THR A 1 79  ? -11.180 1.638   -1.913  1.00 30.50  ?  76  THR A CB  1 
ATOM   453  O  OG1 . THR A 1 79  ? -12.485 1.136   -2.148  1.00 33.17  ?  76  THR A OG1 1 
ATOM   454  C  CG2 . THR A 1 79  ? -10.600 1.057   -0.650  1.00 29.28  ?  76  THR A CG2 1 
ATOM   455  N  N   . ALA A 1 80  ? -9.188  3.876   -2.602  1.00 30.56  ?  77  ALA A N   1 
ATOM   456  C  CA  . ALA A 1 80  ? -7.802  4.387   -2.516  1.00 28.43  ?  77  ALA A CA  1 
ATOM   457  C  C   . ALA A 1 80  ? -7.808  5.817   -2.012  1.00 33.41  ?  77  ALA A C   1 
ATOM   458  O  O   . ALA A 1 80  ? -7.076  6.096   -1.102  1.00 33.56  ?  77  ALA A O   1 
ATOM   459  C  CB  . ALA A 1 80  ? -7.029  4.280   -3.829  1.00 29.26  ?  77  ALA A CB  1 
ATOM   460  N  N   . GLN A 1 81  ? -8.681  6.681   -2.540  1.00 29.99  ?  78  GLN A N   1 
ATOM   461  C  CA  . GLN A 1 81  ? -8.664  8.118   -2.134  1.00 30.64  ?  78  GLN A CA  1 
ATOM   462  C  C   . GLN A 1 81  ? -9.263  8.297   -0.755  1.00 27.25  ?  78  GLN A C   1 
ATOM   463  O  O   . GLN A 1 81  ? -8.731  9.173   -0.014  1.00 31.64  ?  78  GLN A O   1 
ATOM   464  C  CB  . GLN A 1 81  ? -9.314  8.949   -3.228  1.00 29.45  ?  78  GLN A CB  1 
ATOM   465  C  CG  . GLN A 1 81  ? -8.259  9.096   -4.291  1.00 41.11  ?  78  GLN A CG  1 
ATOM   466  C  CD  . GLN A 1 81  ? -8.668  9.975   -5.421  1.00 44.12  ?  78  GLN A CD  1 
ATOM   467  O  OE1 . GLN A 1 81  ? -8.013  10.975  -5.674  1.00 41.32  ?  78  GLN A OE1 1 
ATOM   468  N  NE2 . GLN A 1 81  ? -9.688  9.533   -6.131  1.00 48.79  ?  78  GLN A NE2 1 
ATOM   469  N  N   . ARG A 1 82  ? -10.225 7.453   -0.392  1.00 31.40  ?  79  ARG A N   1 
ATOM   470  C  CA  . ARG A 1 82  ? -10.853 7.472   0.951   1.00 32.58  ?  79  ARG A CA  1 
ATOM   471  C  C   . ARG A 1 82  ? -9.776  7.119   1.974   1.00 34.35  ?  79  ARG A C   1 
ATOM   472  O  O   . ARG A 1 82  ? -9.667  7.755   3.025   1.00 28.88  ?  79  ARG A O   1 
ATOM   473  C  CB  . ARG A 1 82  ? -12.025 6.502   1.034   1.00 34.66  ?  79  ARG A CB  1 
ATOM   474  C  CG  . ARG A 1 82  ? -12.601 6.390   2.435   1.00 39.55  ?  79  ARG A CG  1 
ATOM   475  C  CD  . ARG A 1 82  ? -13.783 5.488   2.572   1.00 41.06  ?  79  ARG A CD  1 
ATOM   476  N  NE  . ARG A 1 82  ? -13.578 4.115   2.137   1.00 44.24  ?  79  ARG A NE  1 
ATOM   477  C  CZ  . ARG A 1 82  ? -12.857 3.202   2.784   1.00 41.50  ?  79  ARG A CZ  1 
ATOM   478  N  NH1 . ARG A 1 82  ? -12.210 3.516   3.898   1.00 43.78  ?  79  ARG A NH1 1 
ATOM   479  N  NH2 . ARG A 1 82  ? -12.810 1.965   2.317   1.00 43.49  ?  79  ARG A NH2 1 
ATOM   480  N  N   . GLU A 1 83  ? -9.010  6.071   1.698   1.00 31.75  ?  80  GLU A N   1 
ATOM   481  C  CA  . GLU A 1 83  ? -7.971  5.592   2.647   1.00 34.42  ?  80  GLU A CA  1 
ATOM   482  C  C   . GLU A 1 83  ? -6.839  6.581   2.763   1.00 28.43  ?  80  GLU A C   1 
ATOM   483  O  O   . GLU A 1 83  ? -6.323  6.738   3.899   1.00 33.59  ?  80  GLU A O   1 
ATOM   484  C  CB  . GLU A 1 83  ? -7.558  4.188   2.221   1.00 32.38  ?  80  GLU A CB  1 
ATOM   485  C  CG  . GLU A 1 83  ? -8.607  3.183   2.604   1.00 34.74  ?  80  GLU A CG  1 
ATOM   486  C  CD  . GLU A 1 83  ? -8.776  2.979   4.102   1.00 44.51  ?  80  GLU A CD  1 
ATOM   487  O  OE1 . GLU A 1 83  ? -9.668  2.198   4.480   1.00 46.27  ?  80  GLU A OE1 1 
ATOM   488  O  OE2 . GLU A 1 83  ? -7.995  3.570   4.878   1.00 51.15  ?  80  GLU A OE2 1 
ATOM   489  N  N   . THR A 1 84  ? -6.414  7.202   1.672   1.00 29.05  ?  81  THR A N   1 
ATOM   490  C  CA  . THR A 1 84  ? -5.323  8.184   1.626   1.00 28.44  ?  81  THR A CA  1 
ATOM   491  C  C   . THR A 1 84  ? -5.708  9.414   2.471   1.00 37.76  ?  81  THR A C   1 
ATOM   492  O  O   . THR A 1 84  ? -4.788  10.049  3.074   1.00 30.39  ?  81  THR A O   1 
ATOM   493  C  CB  . THR A 1 84  ? -4.956  8.529   0.188   1.00 36.14  ?  81  THR A CB  1 
ATOM   494  O  OG1 . THR A 1 84  ? -4.424  7.331   -0.384  1.00 38.53  ?  81  THR A OG1 1 
ATOM   495  C  CG2 . THR A 1 84  ? -3.923  9.618   0.060   1.00 39.28  ?  81  THR A CG2 1 
ATOM   496  N  N   . TRP A 1 85  ? -6.997  9.772   2.469   1.00 30.43  ?  82  TRP A N   1 
ATOM   497  C  CA  . TRP A 1 85  ? -7.479  10.878  3.349   1.00 30.18  ?  82  TRP A CA  1 
ATOM   498  C  C   . TRP A 1 85  ? -7.524  10.436  4.817   1.00 27.00  ?  82  TRP A C   1 
ATOM   499  O  O   . TRP A 1 85  ? -6.910  11.137  5.633   1.00 34.12  ?  82  TRP A O   1 
ATOM   500  C  CB  . TRP A 1 85  ? -8.837  11.407  2.861   1.00 31.33  ?  82  TRP A CB  1 
ATOM   501  C  CG  . TRP A 1 85  ? -9.424  12.334  3.892   1.00 29.89  ?  82  TRP A CG  1 
ATOM   502  C  CD1 . TRP A 1 85  ? -10.456 12.080  4.728   1.00 28.85  ?  82  TRP A CD1 1 
ATOM   503  C  CD2 . TRP A 1 85  ? -8.836  13.563  4.321   1.00 28.99  ?  82  TRP A CD2 1 
ATOM   504  N  NE1 . TRP A 1 85  ? -10.541 13.073  5.668   1.00 26.29  ?  82  TRP A NE1 1 
ATOM   505  C  CE2 . TRP A 1 85  ? -9.607  14.029  5.393   1.00 26.15  ?  82  TRP A CE2 1 
ATOM   506  C  CE3 . TRP A 1 85  ? -7.786  14.356  3.849   1.00 32.46  ?  82  TRP A CE3 1 
ATOM   507  C  CZ2 . TRP A 1 85  ? -9.313  15.221  6.043   1.00 30.11  ?  82  TRP A CZ2 1 
ATOM   508  C  CZ3 . TRP A 1 85  ? -7.512  15.545  4.478   1.00 36.14  ?  82  TRP A CZ3 1 
ATOM   509  C  CH2 . TRP A 1 85  ? -8.285  15.977  5.549   1.00 33.29  ?  82  TRP A CH2 1 
ATOM   510  N  N   . GLU A 1 86  ? -8.226  9.345   5.123   1.00 30.18  ?  83  GLU A N   1 
ATOM   511  C  CA  . GLU A 1 86  ? -8.468  8.815   6.487   1.00 33.42  ?  83  GLU A CA  1 
ATOM   512  C  C   . GLU A 1 86  ? -7.121  8.541   7.173   1.00 36.43  ?  83  GLU A C   1 
ATOM   513  O  O   . GLU A 1 86  ? -6.988  8.914   8.347   1.00 34.23  ?  83  GLU A O   1 
ATOM   514  C  CB  . GLU A 1 86  ? -9.227  7.498   6.497   1.00 35.35  ?  83  GLU A CB  1 
ATOM   515  C  CG  . GLU A 1 86  ? -10.680 7.547   6.058   1.00 46.69  ?  83  GLU A CG  1 
ATOM   516  C  CD  . GLU A 1 86  ? -11.423 6.223   6.171   1.00 56.58  ?  83  GLU A CD  1 
ATOM   517  O  OE1 . GLU A 1 86  ? -10.810 5.253   6.654   1.00 67.34  ?  83  GLU A OE1 1 
ATOM   518  O  OE2 . GLU A 1 86  ? -12.612 6.146   5.778   1.00 58.19  ?  83  GLU A OE2 1 
ATOM   519  N  N   . GLU A 1 87  ? -6.151  7.947   6.464   1.00 38.83  ?  84  GLU A N   1 
ATOM   520  C  CA  . GLU A 1 87  ? -4.887  7.447   7.099   1.00 36.37  ?  84  GLU A CA  1 
ATOM   521  C  C   . GLU A 1 87  ? -3.772  8.475   7.038   1.00 34.74  ?  84  GLU A C   1 
ATOM   522  O  O   . GLU A 1 87  ? -2.873  8.437   7.910   1.00 35.86  ?  84  GLU A O   1 
ATOM   523  C  CB  . GLU A 1 87  ? -4.442  6.116   6.456   1.00 31.12  ?  84  GLU A CB  1 
ATOM   524  C  CG  . GLU A 1 87  ? -5.456  5.019   6.630   1.00 33.93  ?  84  GLU A CG  1 
ATOM   525  C  CD  . GLU A 1 87  ? -4.968  3.648   6.194   1.00 38.79  ?  84  GLU A CD  1 
ATOM   526  O  OE1 . GLU A 1 87  ? -5.673  2.665   6.470   1.00 40.24  ?  84  GLU A OE1 1 
ATOM   527  O  OE2 . GLU A 1 87  ? -3.887  3.592   5.551   1.00 37.28  ?  84  GLU A OE2 1 
ATOM   528  N  N   . ALA A 1 88  ? -3.719  9.332   6.031   1.00 30.82  ?  85  ALA A N   1 
ATOM   529  C  CA  . ALA A 1 88  ? -2.587  10.235  5.842   1.00 31.45  ?  85  ALA A CA  1 
ATOM   530  C  C   . ALA A 1 88  ? -2.972  11.705  5.679   1.00 28.64  ?  85  ALA A C   1 
ATOM   531  O  O   . ALA A 1 88  ? -2.036  12.494  5.435   1.00 30.96  ?  85  ALA A O   1 
ATOM   532  C  CB  . ALA A 1 88  ? -1.759  9.781   4.649   1.00 35.30  ?  85  ALA A CB  1 
ATOM   533  N  N   . GLY A 1 89  ? -4.251  12.074  5.650   1.00 36.48  ?  86  GLY A N   1 
ATOM   534  C  CA  . GLY A 1 89  ? -4.584  13.501  5.499   1.00 31.05  ?  86  GLY A CA  1 
ATOM   535  C  C   . GLY A 1 89  ? -4.087  14.046  4.185   1.00 29.63  ?  86  GLY A C   1 
ATOM   536  O  O   . GLY A 1 89  ? -3.649  15.171  4.106   1.00 33.73  ?  86  GLY A O   1 
ATOM   537  N  N   . CYS A 1 90  ? -4.122  13.240  3.128   1.00 32.70  ?  87  CYS A N   1 
ATOM   538  C  CA  . CYS A 1 90  ? -3.483  13.580  1.847   1.00 31.04  ?  87  CYS A CA  1 
ATOM   539  C  C   . CYS A 1 90  ? -4.580  13.659  0.783   1.00 30.68  ?  87  CYS A C   1 
ATOM   540  O  O   . CYS A 1 90  ? -5.461  12.789  0.776   1.00 33.53  ?  87  CYS A O   1 
ATOM   541  C  CB  . CYS A 1 90  ? -2.477  12.489  1.436   1.00 35.60  ?  87  CYS A CB  1 
ATOM   542  S  SG  . CYS A 1 90  ? -1.767  12.821  -0.188  1.00 39.12  ?  87  CYS A SG  1 
ATOM   543  N  N   . ILE A 1 91  ? -4.528  14.664  -0.042  1.00 35.40  ?  88  ILE A N   1 
ATOM   544  C  CA  . ILE A 1 91  ? -5.530  14.882  -1.117  1.00 32.53  ?  88  ILE A CA  1 
ATOM   545  C  C   . ILE A 1 91  ? -4.737  15.002  -2.392  1.00 31.57  ?  88  ILE A C   1 
ATOM   546  O  O   . ILE A 1 91  ? -3.793  15.756  -2.403  1.00 35.66  ?  88  ILE A O   1 
ATOM   547  C  CB  . ILE A 1 91  ? -6.359  16.179  -0.894  1.00 37.96  ?  88  ILE A CB  1 
ATOM   548  C  CG1 . ILE A 1 91  ? -7.135  16.139  0.416   1.00 37.99  ?  88  ILE A CG1 1 
ATOM   549  C  CG2 . ILE A 1 91  ? -7.249  16.425  -2.087  1.00 43.64  ?  88  ILE A CG2 1 
ATOM   550  C  CD1 . ILE A 1 91  ? -8.246  15.114  0.485   1.00 39.99  ?  88  ILE A CD1 1 
ATOM   551  N  N   . GLY A 1 92  ? -5.162  14.375  -3.475  1.00 35.13  ?  89  GLY A N   1 
ATOM   552  C  CA  . GLY A 1 92  ? -4.563  14.718  -4.769  1.00 35.72  ?  89  GLY A CA  1 
ATOM   553  C  C   . GLY A 1 92  ? -5.231  13.994  -5.904  1.00 31.95  ?  89  GLY A C   1 
ATOM   554  O  O   . GLY A 1 92  ? -6.369  13.504  -5.729  1.00 36.97  ?  89  GLY A O   1 
ATOM   555  N  N   . LYS A 1 93  ? -4.533  13.913  -7.019  1.00 35.18  ?  90  LYS A N   1 
ATOM   556  C  CA  . LYS A 1 93  ? -5.159  13.395  -8.255  1.00 38.15  ?  90  LYS A CA  1 
ATOM   557  C  C   . LYS A 1 93  ? -4.449  12.093  -8.601  1.00 35.74  ?  90  LYS A C   1 
ATOM   558  O  O   . LYS A 1 93  ? -3.186  12.056  -8.574  1.00 31.02  ?  90  LYS A O   1 
ATOM   559  C  CB  . LYS A 1 93  ? -5.184  14.438  -9.382  1.00 46.76  ?  90  LYS A CB  1 
ATOM   560  C  CG  . LYS A 1 93  ? -3.861  14.878  -9.967  1.00 59.63  ?  90  LYS A CG  1 
ATOM   561  C  CD  . LYS A 1 93  ? -4.058  15.883  -11.105 1.00 71.18  ?  90  LYS A CD  1 
ATOM   562  C  CE  . LYS A 1 93  ? -2.765  16.469  -11.640 1.00 82.51  ?  90  LYS A CE  1 
ATOM   563  N  NZ  . LYS A 1 93  ? -3.007  17.508  -12.672 1.00 86.91  ?  90  LYS A NZ  1 
ATOM   564  N  N   . ILE A 1 94  ? -5.257  11.082  -8.886  1.00 32.63  ?  91  ILE A N   1 
ATOM   565  C  CA  . ILE A 1 94  ? -4.766  9.791   -9.443  1.00 37.03  ?  91  ILE A CA  1 
ATOM   566  C  C   . ILE A 1 94  ? -4.204  10.057  -10.846 1.00 37.52  ?  91  ILE A C   1 
ATOM   567  O  O   . ILE A 1 94  ? -4.896  10.628  -11.715 1.00 36.01  ?  91  ILE A O   1 
ATOM   568  C  CB  . ILE A 1 94  ? -5.832  8.708   -9.356  1.00 33.83  ?  91  ILE A CB  1 
ATOM   569  C  CG1 . ILE A 1 94  ? -6.070  8.394   -7.878  1.00 37.23  ?  91  ILE A CG1 1 
ATOM   570  C  CG2 . ILE A 1 94  ? -5.406  7.438   -10.140 1.00 33.24  ?  91  ILE A CG2 1 
ATOM   571  C  CD1 . ILE A 1 94  ? -7.216  7.472   -7.620  1.00 37.94  ?  91  ILE A CD1 1 
ATOM   572  N  N   . VAL A 1 95  ? -2.946  9.705   -11.045 1.00 30.84  ?  92  VAL A N   1 
ATOM   573  C  CA  . VAL A 1 95  ? -2.268  9.942   -12.342 1.00 34.79  ?  92  VAL A CA  1 
ATOM   574  C  C   . VAL A 1 95  ? -1.855  8.630   -12.969 1.00 36.77  ?  92  VAL A C   1 
ATOM   575  O  O   . VAL A 1 95  ? -1.499  8.709   -14.131 1.00 35.51  ?  92  VAL A O   1 
ATOM   576  C  CB  . VAL A 1 95  ? -1.048  10.864  -12.181 1.00 40.30  ?  92  VAL A CB  1 
ATOM   577  C  CG1 . VAL A 1 95  ? -1.484  12.229  -11.687 1.00 39.17  ?  92  VAL A CG1 1 
ATOM   578  C  CG2 . VAL A 1 95  ? -0.008  10.255  -11.241 1.00 39.58  ?  92  VAL A CG2 1 
ATOM   579  N  N   . ALA A 1 96  ? -1.929  7.485   -12.277 1.00 34.32  ?  93  ALA A N   1 
ATOM   580  C  CA  . ALA A 1 96  ? -1.593  6.185   -12.908 1.00 32.50  ?  93  ALA A CA  1 
ATOM   581  C  C   . ALA A 1 96  ? -2.218  5.044   -12.124 1.00 33.14  ?  93  ALA A C   1 
ATOM   582  O  O   . ALA A 1 96  ? -2.378  5.161   -10.908 1.00 30.24  ?  93  ALA A O   1 
ATOM   583  C  CB  . ALA A 1 96  ? -0.111  6.039   -13.070 1.00 35.40  ?  93  ALA A CB  1 
ATOM   584  N  N   . ASN A 1 97  ? -2.614  4.016   -12.851 1.00 30.43  ?  94  ASN A N   1 
ATOM   585  C  CA  . ASN A 1 97  ? -3.075  2.730   -12.320 1.00 28.81  ?  94  ASN A CA  1 
ATOM   586  C  C   . ASN A 1 97  ? -1.808  1.872   -12.212 1.00 31.64  ?  94  ASN A C   1 
ATOM   587  O  O   . ASN A 1 97  ? -1.193  1.567   -13.232 1.00 31.78  ?  94  ASN A O   1 
ATOM   588  C  CB  . ASN A 1 97  ? -4.175  2.087   -13.162 1.00 34.40  ?  94  ASN A CB  1 
ATOM   589  C  CG  . ASN A 1 97  ? -4.665  0.766   -12.612 1.00 35.22  ?  94  ASN A CG  1 
ATOM   590  O  OD1 . ASN A 1 97  ? -4.032  0.125   -11.770 1.00 42.18  ?  94  ASN A OD1 1 
ATOM   591  N  ND2 . ASN A 1 97  ? -5.827  0.333   -13.071 1.00 43.80  ?  94  ASN A ND2 1 
ATOM   592  N  N   . LEU A 1 98  ? -1.451  1.491   -11.010 1.00 28.05  ?  95  LEU A N   1 
ATOM   593  C  CA  . LEU A 1 98  ? -0.215  0.712   -10.788 1.00 28.02  ?  95  LEU A CA  1 
ATOM   594  C  C   . LEU A 1 98  ? -0.561  -0.778  -10.775 1.00 30.07  ?  95  LEU A C   1 
ATOM   595  O  O   . LEU A 1 98  ? 0.340   -1.603  -10.506 1.00 32.87  ?  95  LEU A O   1 
ATOM   596  C  CB  . LEU A 1 98  ? 0.495   1.133   -9.497  1.00 29.24  ?  95  LEU A CB  1 
ATOM   597  C  CG  . LEU A 1 98  ? 0.875   2.616   -9.446  1.00 25.85  ?  95  LEU A CG  1 
ATOM   598  C  CD1 . LEU A 1 98  ? 1.596   2.915   -8.151  1.00 28.86  ?  95  LEU A CD1 1 
ATOM   599  C  CD2 . LEU A 1 98  ? 1.654   3.085   -10.653 1.00 32.15  ?  95  LEU A CD2 1 
ATOM   600  N  N   . GLY A 1 99  ? -1.816  -1.165  -10.978 1.00 32.56  ?  96  GLY A N   1 
ATOM   601  C  CA  . GLY A 1 99  ? -2.116  -2.591  -11.081 1.00 32.64  ?  96  GLY A CA  1 
ATOM   602  C  C   . GLY A 1 99  ? -2.206  -3.221  -9.720  1.00 34.04  ?  96  GLY A C   1 
ATOM   603  O  O   . GLY A 1 99  ? -2.436  -2.460  -8.696  1.00 31.26  ?  96  GLY A O   1 
ATOM   604  N  N   . THR A 1 100 ? -2.079  -4.545  -9.690  1.00 31.35  ?  97  THR A N   1 
ATOM   605  C  CA  . THR A 1 100 ? -2.331  -5.376  -8.480  1.00 28.69  ?  97  THR A CA  1 
ATOM   606  C  C   . THR A 1 100 ? -0.992  -5.971  -7.951  1.00 33.68  ?  97  THR A C   1 
ATOM   607  O  O   . THR A 1 100 ? -0.056  -6.236  -8.761  1.00 25.96  ?  97  THR A O   1 
ATOM   608  C  CB  . THR A 1 100 ? -3.338  -6.505  -8.691  1.00 31.90  ?  97  THR A CB  1 
ATOM   609  O  OG1 . THR A 1 100 ? -2.859  -7.387  -9.712  1.00 32.66  ?  97  THR A OG1 1 
ATOM   610  C  CG2 . THR A 1 100 ? -4.727  -6.017  -9.096  1.00 33.14  ?  97  THR A CG2 1 
ATOM   611  N  N   . VAL A 1 101 ? -0.963  -6.180  -6.644  1.00 33.48  ?  98  VAL A N   1 
ATOM   612  C  CA  . VAL A 1 101 ? 0.101   -6.957  -5.916  1.00 36.04  ?  98  VAL A CA  1 
ATOM   613  C  C   . VAL A 1 101 ? -0.584  -7.781  -4.843  1.00 37.18  ?  98  VAL A C   1 
ATOM   614  O  O   . VAL A 1 101 ? -1.724  -7.482  -4.494  1.00 33.77  ?  98  VAL A O   1 
ATOM   615  C  CB  . VAL A 1 101 ? 1.215   -6.066  -5.354  1.00 35.89  ?  98  VAL A CB  1 
ATOM   616  C  CG1 . VAL A 1 101 ? 1.978   -5.356  -6.463  1.00 38.86  ?  98  VAL A CG1 1 
ATOM   617  C  CG2 . VAL A 1 101 ? 0.674   -5.061  -4.329  1.00 36.07  ?  98  VAL A CG2 1 
ATOM   618  N  N   . GLU A 1 102 ? 0.054   -8.849  -4.357  1.00 37.30  ?  99  GLU A N   1 
ATOM   619  C  CA  . GLU A 1 102 ? -0.626  -9.761  -3.410  1.00 41.14  ?  99  GLU A CA  1 
ATOM   620  C  C   . GLU A 1 102 ? 0.222   -9.825  -2.153  1.00 40.15  ?  99  GLU A C   1 
ATOM   621  O  O   . GLU A 1 102 ? 1.484   -9.781  -2.284  1.00 38.99  ?  99  GLU A O   1 
ATOM   622  C  CB  . GLU A 1 102 ? -0.816  -11.156 -3.979  1.00 46.14  ?  99  GLU A CB  1 
ATOM   623  C  CG  . GLU A 1 102 ? -1.641  -11.196 -5.238  1.00 55.41  ?  99  GLU A CG  1 
ATOM   624  C  CD  . GLU A 1 102 ? -1.557  -12.547 -5.928  1.00 59.84  ?  99  GLU A CD  1 
ATOM   625  O  OE1 . GLU A 1 102 ? -0.863  -13.427 -5.389  1.00 65.23  ?  99  GLU A OE1 1 
ATOM   626  O  OE2 . GLU A 1 102 ? -2.174  -12.719 -7.004  1.00 66.71  ?  99  GLU A OE2 1 
ATOM   627  N  N   . ASP A 1 103 ? -0.432  -9.837  -1.002  1.00 42.72  ?  100 ASP A N   1 
ATOM   628  C  CA  . ASP A 1 103 ? 0.201   -10.250 0.271   1.00 41.87  ?  100 ASP A CA  1 
ATOM   629  C  C   . ASP A 1 103 ? 0.265   -11.773 0.222   1.00 42.66  ?  100 ASP A C   1 
ATOM   630  O  O   . ASP A 1 103 ? -0.789  -12.398 0.329   1.00 38.68  ?  100 ASP A O   1 
ATOM   631  C  CB  . ASP A 1 103 ? -0.565  -9.783  1.506   1.00 43.46  ?  100 ASP A CB  1 
ATOM   632  C  CG  . ASP A 1 103 ? 0.172   -10.025 2.812   1.00 50.02  ?  100 ASP A CG  1 
ATOM   633  O  OD1 . ASP A 1 103 ? 1.263   -10.618 2.762   1.00 53.31  ?  100 ASP A OD1 1 
ATOM   634  O  OD2 . ASP A 1 103 ? -0.366  -9.640  3.863   1.00 51.17  ?  100 ASP A OD2 1 
ATOM   635  N  N   . MET A 1 104 ? 1.452   -12.332 -0.003  1.00 47.61  ?  101 MET A N   1 
ATOM   636  C  CA  . MET A 1 104 ? 1.651   -13.804 -0.079  1.00 55.22  ?  101 MET A CA  1 
ATOM   637  C  C   . MET A 1 104 ? 2.083   -14.364 1.288   1.00 60.53  ?  101 MET A C   1 
ATOM   638  O  O   . MET A 1 104 ? 2.445   -15.559 1.340   1.00 56.72  ?  101 MET A O   1 
ATOM   639  C  CB  . MET A 1 104 ? 2.710   -14.158 -1.131  1.00 61.17  ?  101 MET A CB  1 
ATOM   640  C  CG  . MET A 1 104 ? 2.200   -14.108 -2.563  1.00 62.31  ?  101 MET A CG  1 
ATOM   641  S  SD  . MET A 1 104 ? 0.490   -14.724 -2.730  1.00 61.47  ?  101 MET A SD  1 
ATOM   642  C  CE  . MET A 1 104 ? 0.525   -16.366 -2.021  1.00 65.07  ?  101 MET A CE  1 
ATOM   643  N  N   . ARG A 1 105 ? 2.084   -13.552 2.349   1.00 56.17  ?  102 ARG A N   1 
ATOM   644  C  CA  . ARG A 1 105 ? 2.383   -14.055 3.719   1.00 59.92  ?  102 ARG A CA  1 
ATOM   645  C  C   . ARG A 1 105 ? 1.514   -15.275 3.985   1.00 67.13  ?  102 ARG A C   1 
ATOM   646  O  O   . ARG A 1 105 ? 0.337   -15.278 3.636   1.00 58.89  ?  102 ARG A O   1 
ATOM   647  C  CB  . ARG A 1 105 ? 2.140   -13.020 4.818   1.00 61.63  ?  102 ARG A CB  1 
ATOM   648  C  CG  . ARG A 1 105 ? 3.405   -12.536 5.508   1.00 59.61  ?  102 ARG A CG  1 
ATOM   649  C  CD  . ARG A 1 105 ? 3.549   -11.020 5.541   1.00 62.54  ?  102 ARG A CD  1 
ATOM   650  N  NE  . ARG A 1 105 ? 2.305   -10.271 5.390   1.00 61.35  ?  102 ARG A NE  1 
ATOM   651  C  CZ  . ARG A 1 105 ? 1.827   -9.359  6.242   1.00 73.31  ?  102 ARG A CZ  1 
ATOM   652  N  NH1 . ARG A 1 105 ? 2.474   -9.049  7.359   1.00 70.16  ?  102 ARG A NH1 1 
ATOM   653  N  NH2 . ARG A 1 105 ? 0.690   -8.743  5.963   1.00 65.53  ?  102 ARG A NH2 1 
ATOM   654  N  N   . PRO A 1 106 ? 2.098   -16.349 4.577   1.00 84.00  ?  103 PRO A N   1 
ATOM   655  C  CA  . PRO A 1 106 ? 1.342   -17.521 5.006   1.00 82.87  ?  103 PRO A CA  1 
ATOM   656  C  C   . PRO A 1 106 ? 0.594   -17.214 6.298   1.00 96.90  ?  103 PRO A C   1 
ATOM   657  O  O   . PRO A 1 106 ? 0.928   -16.248 6.980   1.00 105.37 ?  103 PRO A O   1 
ATOM   658  C  CB  . PRO A 1 106 ? 2.409   -18.601 5.280   1.00 89.36  ?  103 PRO A CB  1 
ATOM   659  C  CG  . PRO A 1 106 ? 3.753   -17.985 4.885   1.00 85.26  ?  103 PRO A CG  1 
ATOM   660  C  CD  . PRO A 1 106 ? 3.536   -16.487 4.875   1.00 84.75  ?  103 PRO A CD  1 
ATOM   661  N  N   . PRO A 1 107 ? -0.430  -18.008 6.682   1.00 101.43 ?  104 PRO A N   1 
ATOM   662  C  CA  . PRO A 1 107 ? -1.010  -17.900 8.023   1.00 98.63  ?  104 PRO A CA  1 
ATOM   663  C  C   . PRO A 1 107 ? 0.077   -18.046 9.103   1.00 81.87  ?  104 PRO A C   1 
ATOM   664  O  O   . PRO A 1 107 ? -0.282  -18.092 10.258  1.00 77.28  ?  104 PRO A O   1 
ATOM   665  C  CB  . PRO A 1 107 ? -2.049  -19.038 8.096   1.00 103.39 ?  104 PRO A CB  1 
ATOM   666  C  CG  . PRO A 1 107 ? -1.770  -19.916 6.880   1.00 104.28 ?  104 PRO A CG  1 
ATOM   667  C  CD  . PRO A 1 107 ? -1.090  -19.029 5.855   1.00 101.77 ?  104 PRO A CD  1 
ATOM   668  N  N   . GLN A 1 116 ? 6.467   -26.809 5.613   1.00 72.67  ?  113 GLN A N   1 
ATOM   669  C  CA  . GLN A 1 116 ? 6.239   -25.354 5.397   1.00 77.06  ?  113 GLN A CA  1 
ATOM   670  C  C   . GLN A 1 116 ? 6.944   -24.868 4.123   1.00 80.54  ?  113 GLN A C   1 
ATOM   671  O  O   . GLN A 1 116 ? 6.671   -23.716 3.730   1.00 83.78  ?  113 GLN A O   1 
ATOM   672  C  CB  . GLN A 1 116 ? 6.747   -24.538 6.590   1.00 82.64  ?  113 GLN A CB  1 
ATOM   673  C  CG  . GLN A 1 116 ? 6.125   -24.916 7.928   1.00 82.55  ?  113 GLN A CG  1 
ATOM   674  C  CD  . GLN A 1 116 ? 7.142   -24.792 9.038   1.00 86.34  ?  113 GLN A CD  1 
ATOM   675  O  OE1 . GLN A 1 116 ? 7.851   -23.792 9.141   1.00 78.54  ?  113 GLN A OE1 1 
ATOM   676  N  NE2 . GLN A 1 116 ? 7.245   -25.823 9.864   1.00 85.85  ?  113 GLN A NE2 1 
ATOM   677  N  N   . PHE A 1 117 ? 7.828   -25.688 3.530   1.00 82.88  ?  114 PHE A N   1 
ATOM   678  C  CA  . PHE A 1 117 ? 8.632   -25.385 2.311   1.00 86.68  ?  114 PHE A CA  1 
ATOM   679  C  C   . PHE A 1 117 ? 8.540   -26.569 1.326   1.00 89.43  ?  114 PHE A C   1 
ATOM   680  O  O   . PHE A 1 117 ? 8.157   -27.681 1.740   1.00 93.43  ?  114 PHE A O   1 
ATOM   681  C  CB  . PHE A 1 117 ? 10.071  -25.036 2.719   1.00 79.43  ?  114 PHE A CB  1 
ATOM   682  C  CG  . PHE A 1 117 ? 10.171  -23.878 3.685   1.00 76.40  ?  114 PHE A CG  1 
ATOM   683  C  CD1 . PHE A 1 117 ? 10.018  -24.074 5.052   1.00 70.70  ?  114 PHE A CD1 1 
ATOM   684  C  CD2 . PHE A 1 117 ? 10.379  -22.583 3.228   1.00 69.75  ?  114 PHE A CD2 1 
ATOM   685  C  CE1 . PHE A 1 117 ? 10.087  -23.006 5.934   1.00 65.32  ?  114 PHE A CE1 1 
ATOM   686  C  CE2 . PHE A 1 117 ? 10.428  -21.512 4.111   1.00 70.76  ?  114 PHE A CE2 1 
ATOM   687  C  CZ  . PHE A 1 117 ? 10.287  -21.725 5.463   1.00 71.32  ?  114 PHE A CZ  1 
ATOM   688  N  N   . GLU A 1 118 ? 8.839   -26.325 0.046   1.00 90.47  ?  115 GLU A N   1 
ATOM   689  C  CA  . GLU A 1 118 ? 8.859   -27.351 -1.036  1.00 94.44  ?  115 GLU A CA  1 
ATOM   690  C  C   . GLU A 1 118 ? 9.956   -26.982 -2.042  1.00 93.91  ?  115 GLU A C   1 
ATOM   691  O  O   . GLU A 1 118 ? 9.914   -25.862 -2.585  1.00 82.78  ?  115 GLU A O   1 
ATOM   692  C  CB  . GLU A 1 118 ? 7.501   -27.458 -1.731  1.00 97.02  ?  115 GLU A CB  1 
ATOM   693  C  CG  . GLU A 1 118 ? 6.499   -28.308 -0.974  1.00 102.76 ?  115 GLU A CG  1 
ATOM   694  C  CD  . GLU A 1 118 ? 5.114   -28.310 -1.596  1.00 107.44 ?  115 GLU A CD  1 
ATOM   695  O  OE1 . GLU A 1 118 ? 4.952   -28.922 -2.672  1.00 113.44 ?  115 GLU A OE1 1 
ATOM   696  O  OE2 . GLU A 1 118 ? 4.208   -27.678 -1.015  1.00 107.39 ?  115 GLU A OE2 1 
ATOM   697  N  N   . ASN A 1 119 ? 10.887  -27.908 -2.278  1.00 94.86  ?  116 ASN A N   1 
ATOM   698  C  CA  . ASN A 1 119 ? 12.212  -27.637 -2.895  1.00 97.19  ?  116 ASN A CA  1 
ATOM   699  C  C   . ASN A 1 119 ? 12.232  -28.261 -4.293  1.00 105.36 ?  116 ASN A C   1 
ATOM   700  O  O   . ASN A 1 119 ? 12.133  -29.498 -4.382  1.00 105.91 ?  116 ASN A O   1 
ATOM   701  C  CB  . ASN A 1 119 ? 13.328  -28.138 -1.977  1.00 89.14  ?  116 ASN A CB  1 
ATOM   702  C  CG  . ASN A 1 119 ? 12.939  -28.023 -0.518  1.00 91.52  ?  116 ASN A CG  1 
ATOM   703  O  OD1 . ASN A 1 119 ? 12.291  -28.915 0.038   1.00 81.55  ?  116 ASN A OD1 1 
ATOM   704  N  ND2 . ASN A 1 119 ? 13.285  -26.909 0.102   1.00 87.18  ?  116 ASN A ND2 1 
ATOM   705  N  N   . SER A 1 120 ? 12.332  -27.428 -5.335  1.00 114.74 ?  117 SER A N   1 
ATOM   706  C  CA  . SER A 1 120 ? 12.272  -27.836 -6.765  1.00 118.35 ?  117 SER A CA  1 
ATOM   707  C  C   . SER A 1 120 ? 13.679  -27.838 -7.383  1.00 120.57 ?  117 SER A C   1 
ATOM   708  O  O   . SER A 1 120 ? 13.891  -27.104 -8.369  1.00 127.66 ?  117 SER A O   1 
ATOM   709  C  CB  . SER A 1 120 ? 11.308  -26.964 -7.537  1.00 117.58 ?  117 SER A CB  1 
ATOM   710  O  OG  . SER A 1 120 ? 11.736  -25.612 -7.556  1.00 115.85 ?  117 SER A OG  1 
ATOM   711  N  N   . ARG A 1 121 ? 14.594  -28.613 -6.781  1.00 116.42 ?  118 ARG A N   1 
ATOM   712  C  CA  . ARG A 1 121 ? 15.891  -29.135 -7.322  1.00 114.82 ?  118 ARG A CA  1 
ATOM   713  C  C   . ARG A 1 121 ? 16.917  -28.025 -7.619  1.00 105.90 ?  118 ARG A C   1 
ATOM   714  O  O   . ARG A 1 121 ? 18.096  -28.262 -7.310  1.00 99.09  ?  118 ARG A O   1 
ATOM   715  C  CB  . ARG A 1 121 ? 15.681  -30.083 -8.514  1.00 120.13 ?  118 ARG A CB  1 
ATOM   716  C  CG  . ARG A 1 121 ? 14.915  -29.518 -9.704  1.00 125.19 ?  118 ARG A CG  1 
ATOM   717  C  CD  . ARG A 1 121 ? 15.078  -30.385 -10.938 1.00 129.70 ?  118 ARG A CD  1 
ATOM   718  N  NE  . ARG A 1 121 ? 16.475  -30.461 -11.355 1.00 134.14 ?  118 ARG A NE  1 
ATOM   719  C  CZ  . ARG A 1 121 ? 17.119  -29.538 -12.068 1.00 138.35 ?  118 ARG A CZ  1 
ATOM   720  N  NH1 . ARG A 1 121 ? 18.393  -29.714 -12.379 1.00 135.31 ?  118 ARG A NH1 1 
ATOM   721  N  NH2 . ARG A 1 121 ? 16.497  -28.441 -12.469 1.00 140.57 ?  118 ARG A NH2 1 
ATOM   722  N  N   . LYS A 1 122 ? 16.536  -26.886 -8.211  1.00 102.24 ?  119 LYS A N   1 
ATOM   723  C  CA  . LYS A 1 122 ? 17.447  -25.720 -8.416  1.00 104.04 ?  119 LYS A CA  1 
ATOM   724  C  C   . LYS A 1 122 ? 16.867  -24.485 -7.718  1.00 95.46  ?  119 LYS A C   1 
ATOM   725  O  O   . LYS A 1 122 ? 17.336  -23.362 -8.024  1.00 95.32  ?  119 LYS A O   1 
ATOM   726  C  CB  . LYS A 1 122 ? 17.677  -25.440 -9.905  1.00 111.11 ?  119 LYS A CB  1 
ATOM   727  C  CG  . LYS A 1 122 ? 18.413  -26.536 -10.665 1.00 117.60 ?  119 LYS A CG  1 
ATOM   728  C  CD  . LYS A 1 122 ? 19.743  -26.945 -10.061 1.00 123.68 ?  119 LYS A CD  1 
ATOM   729  C  CE  . LYS A 1 122 ? 20.721  -25.800 -9.894  1.00 125.72 ?  119 LYS A CE  1 
ATOM   730  N  NZ  . LYS A 1 122 ? 22.017  -26.272 -9.347  1.00 125.47 ?  119 LYS A NZ  1 
ATOM   731  N  N   . ASP A 1 123 ? 15.908  -24.692 -6.807  1.00 83.58  ?  120 ASP A N   1 
ATOM   732  C  CA  . ASP A 1 123 ? 15.199  -23.603 -6.086  1.00 82.92  ?  120 ASP A CA  1 
ATOM   733  C  C   . ASP A 1 123 ? 14.322  -24.184 -4.961  1.00 79.90  ?  120 ASP A C   1 
ATOM   734  O  O   . ASP A 1 123 ? 14.089  -25.426 -4.960  1.00 71.83  ?  120 ASP A O   1 
ATOM   735  C  CB  . ASP A 1 123 ? 14.423  -22.727 -7.080  1.00 81.17  ?  120 ASP A CB  1 
ATOM   736  C  CG  . ASP A 1 123 ? 14.748  -21.246 -6.970  1.00 79.74  ?  120 ASP A CG  1 
ATOM   737  O  OD1 . ASP A 1 123 ? 14.004  -20.559 -6.235  1.00 82.19  ?  120 ASP A OD1 1 
ATOM   738  O  OD2 . ASP A 1 123 ? 15.752  -20.788 -7.611  1.00 61.58  ?  120 ASP A OD2 1 
ATOM   739  N  N   . SER A 1 124 ? 13.905  -23.321 -4.014  1.00 73.12  ?  121 SER A N   1 
ATOM   740  C  CA  . SER A 1 124 ? 12.999  -23.634 -2.871  1.00 63.96  ?  121 SER A CA  1 
ATOM   741  C  C   . SER A 1 124 ? 11.903  -22.563 -2.767  1.00 68.50  ?  121 SER A C   1 
ATOM   742  O  O   . SER A 1 124 ? 12.125  -21.418 -3.217  1.00 62.58  ?  121 SER A O   1 
ATOM   743  C  CB  . SER A 1 124 ? 13.769  -23.781 -1.569  1.00 68.50  ?  121 SER A CB  1 
ATOM   744  O  OG  . SER A 1 124 ? 14.698  -24.876 -1.637  1.00 56.50  ?  121 SER A OG  1 
ATOM   745  N  N   . GLU A 1 125 ? 10.753  -22.940 -2.211  1.00 67.32  ?  122 GLU A N   1 
ATOM   746  C  CA  . GLU A 1 125 ? 9.531   -22.094 -2.112  1.00 72.60  ?  122 GLU A CA  1 
ATOM   747  C  C   . GLU A 1 125 ? 8.794   -22.444 -0.820  1.00 68.99  ?  122 GLU A C   1 
ATOM   748  O  O   . GLU A 1 125 ? 9.015   -23.558 -0.292  1.00 72.05  ?  122 GLU A O   1 
ATOM   749  C  CB  . GLU A 1 125 ? 8.566   -22.327 -3.282  1.00 72.33  ?  122 GLU A CB  1 
ATOM   750  C  CG  . GLU A 1 125 ? 9.143   -22.021 -4.653  1.00 75.77  ?  122 GLU A CG  1 
ATOM   751  C  CD  . GLU A 1 125 ? 9.606   -20.590 -4.876  1.00 78.75  ?  122 GLU A CD  1 
ATOM   752  O  OE1 . GLU A 1 125 ? 9.063   -19.669 -4.207  1.00 93.67  ?  122 GLU A OE1 1 
ATOM   753  O  OE2 . GLU A 1 125 ? 10.524  -20.393 -5.715  1.00 70.86  ?  122 GLU A OE2 1 
ATOM   754  N  N   . VAL A 1 126 ? 7.959   -21.518 -0.348  1.00 66.92  ?  123 VAL A N   1 
ATOM   755  C  CA  . VAL A 1 126 ? 6.968   -21.748 0.746   1.00 71.27  ?  123 VAL A CA  1 
ATOM   756  C  C   . VAL A 1 126 ? 5.829   -22.602 0.159   1.00 69.67  ?  123 VAL A C   1 
ATOM   757  O  O   . VAL A 1 126 ? 5.514   -22.423 -1.043  1.00 60.01  ?  123 VAL A O   1 
ATOM   758  C  CB  . VAL A 1 126 ? 6.478   -20.407 1.339   1.00 74.99  ?  123 VAL A CB  1 
ATOM   759  C  CG1 . VAL A 1 126 ? 5.339   -20.581 2.336   1.00 75.35  ?  123 VAL A CG1 1 
ATOM   760  C  CG2 . VAL A 1 126 ? 7.620   -19.628 1.983   1.00 73.46  ?  123 VAL A CG2 1 
ATOM   761  N  N   . ALA A 1 127 ? 5.254   -23.507 0.960   1.00 67.21  ?  124 ALA A N   1 
ATOM   762  C  CA  . ALA A 1 127 ? 4.111   -24.386 0.591   1.00 73.95  ?  124 ALA A CA  1 
ATOM   763  C  C   . ALA A 1 127 ? 2.936   -23.536 0.063   1.00 71.02  ?  124 ALA A C   1 
ATOM   764  O  O   . ALA A 1 127 ? 2.666   -22.473 0.666   1.00 64.47  ?  124 ALA A O   1 
ATOM   765  C  CB  . ALA A 1 127 ? 3.706   -25.235 1.784   1.00 69.55  ?  124 ALA A CB  1 
ATOM   766  N  N   . LYS A 1 128 ? 2.288   -23.974 -1.030  1.00 72.35  ?  125 LYS A N   1 
ATOM   767  C  CA  . LYS A 1 128 ? 1.140   -23.290 -1.698  1.00 71.37  ?  125 LYS A CA  1 
ATOM   768  C  C   . LYS A 1 128 ? 0.070   -22.905 -0.671  1.00 69.74  ?  125 LYS A C   1 
ATOM   769  O  O   . LYS A 1 128 ? -0.248  -23.724 0.216   1.00 53.04  ?  125 LYS A O   1 
ATOM   770  C  CB  . LYS A 1 128 ? 0.470   -24.188 -2.743  1.00 72.91  ?  125 LYS A CB  1 
ATOM   771  C  CG  . LYS A 1 128 ? 1.114   -24.186 -4.120  1.00 78.36  ?  125 LYS A CG  1 
ATOM   772  C  CD  . LYS A 1 128 ? 0.467   -25.181 -5.056  1.00 82.32  ?  125 LYS A CD  1 
ATOM   773  C  CE  . LYS A 1 128 ? 1.426   -25.768 -6.067  1.00 83.56  ?  125 LYS A CE  1 
ATOM   774  N  NZ  . LYS A 1 128 ? 0.867   -26.998 -6.677  1.00 88.35  ?  125 LYS A NZ  1 
ATOM   775  N  N   . HIS A 1 129 ? -0.477  -21.698 -0.815  1.00 66.80  ?  126 HIS A N   1 
ATOM   776  C  CA  . HIS A 1 129 ? -1.590  -21.152 0.004   1.00 61.11  ?  126 HIS A CA  1 
ATOM   777  C  C   . HIS A 1 129 ? -2.203  -20.011 -0.799  1.00 56.68  ?  126 HIS A C   1 
ATOM   778  O  O   . HIS A 1 129 ? -1.545  -19.482 -1.689  1.00 54.76  ?  126 HIS A O   1 
ATOM   779  C  CB  . HIS A 1 129 ? -1.075  -20.705 1.377   1.00 62.47  ?  126 HIS A CB  1 
ATOM   780  C  CG  . HIS A 1 129 ? 0.100   -19.783 1.299   1.00 65.70  ?  126 HIS A CG  1 
ATOM   781  N  ND1 . HIS A 1 129 ? 1.409   -20.252 1.244   1.00 66.34  ?  126 HIS A ND1 1 
ATOM   782  C  CD2 . HIS A 1 129 ? 0.179   -18.432 1.250   1.00 66.99  ?  126 HIS A CD2 1 
ATOM   783  C  CE1 . HIS A 1 129 ? 2.236   -19.232 1.168   1.00 68.58  ?  126 HIS A CE1 1 
ATOM   784  N  NE2 . HIS A 1 129 ? 1.506   -18.101 1.162   1.00 65.52  ?  126 HIS A NE2 1 
ATOM   785  N  N   . PRO A 1 130 ? -3.464  -19.603 -0.541  1.00 55.73  ?  127 PRO A N   1 
ATOM   786  C  CA  . PRO A 1 130 ? -4.023  -18.438 -1.226  1.00 55.98  ?  127 PRO A CA  1 
ATOM   787  C  C   . PRO A 1 130 ? -3.421  -17.167 -0.633  1.00 52.21  ?  127 PRO A C   1 
ATOM   788  O  O   . PRO A 1 130 ? -2.880  -17.183 0.482   1.00 54.30  ?  127 PRO A O   1 
ATOM   789  C  CB  . PRO A 1 130 ? -5.538  -18.590 -1.012  1.00 53.28  ?  127 PRO A CB  1 
ATOM   790  C  CG  . PRO A 1 130 ? -5.654  -19.354 0.293   1.00 58.95  ?  127 PRO A CG  1 
ATOM   791  C  CD  . PRO A 1 130 ? -4.415  -20.224 0.391   1.00 56.77  ?  127 PRO A CD  1 
ATOM   792  N  N   . PRO A 1 131 ? -3.426  -16.043 -1.392  1.00 48.73  ?  128 PRO A N   1 
ATOM   793  C  CA  . PRO A 1 131 ? -2.974  -14.771 -0.865  1.00 46.56  ?  128 PRO A CA  1 
ATOM   794  C  C   . PRO A 1 131 ? -3.923  -14.374 0.269   1.00 41.72  ?  128 PRO A C   1 
ATOM   795  O  O   . PRO A 1 131 ? -5.106  -14.718 0.264   1.00 44.56  ?  128 PRO A O   1 
ATOM   796  C  CB  . PRO A 1 131 ? -3.025  -13.770 -2.024  1.00 48.90  ?  128 PRO A CB  1 
ATOM   797  C  CG  . PRO A 1 131 ? -3.316  -14.619 -3.249  1.00 49.74  ?  128 PRO A CG  1 
ATOM   798  C  CD  . PRO A 1 131 ? -3.943  -15.912 -2.759  1.00 48.98  ?  128 PRO A CD  1 
ATOM   799  N  N   . ARG A 1 132 ? -3.336  -13.710 1.244   1.00 38.60  ?  129 ARG A N   1 
ATOM   800  C  CA  . ARG A 1 132 ? -4.049  -13.037 2.346   1.00 42.40  ?  129 ARG A CA  1 
ATOM   801  C  C   . ARG A 1 132 ? -4.860  -11.865 1.755   1.00 42.81  ?  129 ARG A C   1 
ATOM   802  O  O   . ARG A 1 132 ? -6.026  -11.727 2.103   1.00 34.26  ?  129 ARG A O   1 
ATOM   803  C  CB  . ARG A 1 132 ? -2.977  -12.546 3.310   1.00 45.95  ?  129 ARG A CB  1 
ATOM   804  C  CG  . ARG A 1 132 ? -3.428  -12.462 4.749   1.00 55.53  ?  129 ARG A CG  1 
ATOM   805  C  CD  . ARG A 1 132 ? -2.235  -12.015 5.542   1.00 57.65  ?  129 ARG A CD  1 
ATOM   806  N  NE  . ARG A 1 132 ? -1.476  -13.107 6.128   1.00 59.90  ?  129 ARG A NE  1 
ATOM   807  C  CZ  . ARG A 1 132 ? -0.698  -12.963 7.200   1.00 62.43  ?  129 ARG A CZ  1 
ATOM   808  N  NH1 . ARG A 1 132 ? -0.568  -11.780 7.779   1.00 61.24  ?  129 ARG A NH1 1 
ATOM   809  N  NH2 . ARG A 1 132 ? -0.037  -13.993 7.688   1.00 63.75  ?  129 ARG A NH2 1 
ATOM   810  N  N   . THR A 1 133 ? -4.255  -11.093 0.853   1.00 37.34  ?  130 THR A N   1 
ATOM   811  C  CA  . THR A 1 133 ? -4.781  -9.772  0.398   1.00 34.27  ?  130 THR A CA  1 
ATOM   812  C  C   . THR A 1 133 ? -4.392  -9.542  -1.054  1.00 38.56  ?  130 THR A C   1 
ATOM   813  O  O   . THR A 1 133 ? -3.262  -9.783  -1.374  1.00 32.28  ?  130 THR A O   1 
ATOM   814  C  CB  . THR A 1 133 ? -4.237  -8.612  1.248   1.00 38.65  ?  130 THR A CB  1 
ATOM   815  O  OG1 . THR A 1 133 ? -4.553  -8.794  2.624   1.00 43.35  ?  130 THR A OG1 1 
ATOM   816  C  CG2 . THR A 1 133 ? -4.745  -7.246  0.817   1.00 36.87  ?  130 THR A CG2 1 
ATOM   817  N  N   . GLU A 1 134 ? -5.295  -8.992  -1.866  1.00 30.74  ?  131 GLU A N   1 
ATOM   818  C  CA  . GLU A 1 134 ? -4.996  -8.524  -3.227  1.00 35.35  ?  131 GLU A CA  1 
ATOM   819  C  C   . GLU A 1 134 ? -5.092  -7.000  -3.163  1.00 34.00  ?  131 GLU A C   1 
ATOM   820  O  O   . GLU A 1 134 ? -6.183  -6.553  -2.751  1.00 36.12  ?  131 GLU A O   1 
ATOM   821  C  CB  . GLU A 1 134 ? -6.013  -9.206  -4.138  1.00 36.28  ?  131 GLU A CB  1 
ATOM   822  C  CG  . GLU A 1 134 ? -6.023  -8.770  -5.581  1.00 41.18  ?  131 GLU A CG  1 
ATOM   823  C  CD  . GLU A 1 134 ? -7.280  -9.306  -6.282  1.00 51.61  ?  131 GLU A CD  1 
ATOM   824  O  OE1 . GLU A 1 134 ? -7.525  -10.561 -6.183  1.00 45.41  ?  131 GLU A OE1 1 
ATOM   825  O  OE2 . GLU A 1 134 ? -8.087  -8.467  -6.842  1.00 47.73  ?  131 GLU A OE2 1 
ATOM   826  N  N   . PHE A 1 135 ? -4.000  -6.286  -3.451  1.00 32.18  ?  132 PHE A N   1 
ATOM   827  C  CA  . PHE A 1 135 ? -3.903  -4.812  -3.392  1.00 33.76  ?  132 PHE A CA  1 
ATOM   828  C  C   . PHE A 1 135 ? -4.023  -4.232  -4.795  1.00 37.61  ?  132 PHE A C   1 
ATOM   829  O  O   . PHE A 1 135 ? -3.395  -4.745  -5.725  1.00 31.35  ?  132 PHE A O   1 
ATOM   830  C  CB  . PHE A 1 135 ? -2.576  -4.334  -2.804  1.00 30.07  ?  132 PHE A CB  1 
ATOM   831  C  CG  . PHE A 1 135 ? -2.315  -4.798  -1.395  1.00 36.30  ?  132 PHE A CG  1 
ATOM   832  C  CD1 . PHE A 1 135 ? -1.629  -5.989  -1.148  1.00 34.57  ?  132 PHE A CD1 1 
ATOM   833  C  CD2 . PHE A 1 135 ? -2.757  -4.053  -0.314  1.00 36.77  ?  132 PHE A CD2 1 
ATOM   834  C  CE1 . PHE A 1 135 ? -1.399  -6.411  0.148   1.00 35.43  ?  132 PHE A CE1 1 
ATOM   835  C  CE2 . PHE A 1 135 ? -2.525  -4.480  0.992   1.00 39.25  ?  132 PHE A CE2 1 
ATOM   836  C  CZ  . PHE A 1 135 ? -1.808  -5.632  1.217   1.00 33.14  ?  132 PHE A CZ  1 
ATOM   837  N  N   . HIS A 1 136 ? -4.907  -3.241  -4.939  1.00 30.86  ?  133 HIS A N   1 
ATOM   838  C  CA  . HIS A 1 136 ? -5.117  -2.422  -6.153  1.00 29.76  ?  133 HIS A CA  1 
ATOM   839  C  C   . HIS A 1 136 ? -4.524  -1.058  -5.850  1.00 30.86  ?  133 HIS A C   1 
ATOM   840  O  O   . HIS A 1 136 ? -5.128  -0.289  -5.060  1.00 28.49  ?  133 HIS A O   1 
ATOM   841  C  CB  . HIS A 1 136 ? -6.607  -2.378  -6.514  1.00 28.87  ?  133 HIS A CB  1 
ATOM   842  C  CG  . HIS A 1 136 ? -7.158  -3.680  -6.970  1.00 32.10  ?  133 HIS A CG  1 
ATOM   843  N  ND1 . HIS A 1 136 ? -7.454  -3.917  -8.295  1.00 32.66  ?  133 HIS A ND1 1 
ATOM   844  C  CD2 . HIS A 1 136 ? -7.407  -4.829  -6.307  1.00 31.78  ?  133 HIS A CD2 1 
ATOM   845  C  CE1 . HIS A 1 136 ? -7.878  -5.154  -8.425  1.00 34.92  ?  133 HIS A CE1 1 
ATOM   846  N  NE2 . HIS A 1 136 ? -7.856  -5.732  -7.223  1.00 31.40  ?  133 HIS A NE2 1 
ATOM   847  N  N   . PHE A 1 137 ? -3.354  -0.767  -6.415  1.00 24.36  ?  134 PHE A N   1 
ATOM   848  C  CA  . PHE A 1 137 ? -2.589  0.472   -6.160  1.00 28.89  ?  134 PHE A CA  1 
ATOM   849  C  C   . PHE A 1 137 ? -2.759  1.456   -7.315  1.00 27.93  ?  134 PHE A C   1 
ATOM   850  O  O   . PHE A 1 137 ? -2.740  1.051   -8.511  1.00 30.84  ?  134 PHE A O   1 
ATOM   851  C  CB  . PHE A 1 137 ? -1.097  0.192   -5.910  1.00 32.93  ?  134 PHE A CB  1 
ATOM   852  C  CG  . PHE A 1 137 ? -0.840  0.005   -4.443  1.00 31.61  ?  134 PHE A CG  1 
ATOM   853  C  CD1 . PHE A 1 137 ? -0.788  1.104   -3.595  1.00 33.24  ?  134 PHE A CD1 1 
ATOM   854  C  CD2 . PHE A 1 137 ? -0.812  -1.264  -3.875  1.00 33.36  ?  134 PHE A CD2 1 
ATOM   855  C  CE1 . PHE A 1 137 ? -0.656  0.928   -2.227  1.00 35.51  ?  134 PHE A CE1 1 
ATOM   856  C  CE2 . PHE A 1 137 ? -0.658  -1.430  -2.512  1.00 34.16  ?  134 PHE A CE2 1 
ATOM   857  C  CZ  . PHE A 1 137 ? -0.567  -0.332  -1.694  1.00 34.38  ?  134 PHE A CZ  1 
ATOM   858  N  N   . TYR A 1 138 ? -2.814  2.717   -6.932  1.00 27.22  ?  135 TYR A N   1 
ATOM   859  C  CA  . TYR A 1 138 ? -2.803  3.898   -7.804  1.00 28.20  ?  135 TYR A CA  1 
ATOM   860  C  C   . TYR A 1 138 ? -1.691  4.818   -7.388  1.00 27.23  ?  135 TYR A C   1 
ATOM   861  O  O   . TYR A 1 138 ? -1.426  4.909   -6.182  1.00 28.13  ?  135 TYR A O   1 
ATOM   862  C  CB  . TYR A 1 138 ? -4.129  4.650   -7.683  1.00 28.59  ?  135 TYR A CB  1 
ATOM   863  C  CG  . TYR A 1 138 ? -5.233  3.782   -8.190  1.00 29.67  ?  135 TYR A CG  1 
ATOM   864  C  CD1 . TYR A 1 138 ? -5.501  3.717   -9.539  1.00 28.82  ?  135 TYR A CD1 1 
ATOM   865  C  CD2 . TYR A 1 138 ? -5.895  2.922   -7.343  1.00 28.12  ?  135 TYR A CD2 1 
ATOM   866  C  CE1 . TYR A 1 138 ? -6.447  2.852   -10.038 1.00 31.00  ?  135 TYR A CE1 1 
ATOM   867  C  CE2 . TYR A 1 138 ? -6.843  2.035   -7.827  1.00 32.81  ?  135 TYR A CE2 1 
ATOM   868  C  CZ  . TYR A 1 138 ? -7.107  1.995   -9.185  1.00 31.52  ?  135 TYR A CZ  1 
ATOM   869  O  OH  . TYR A 1 138 ? -8.037  1.157   -9.721  1.00 35.38  ?  135 TYR A OH  1 
ATOM   870  N  N   . GLU A 1 139 ? -1.102  5.485   -8.361  1.00 27.48  ?  136 GLU A N   1 
ATOM   871  C  CA  . GLU A 1 139 ? -0.198  6.620   -8.160  1.00 27.15  ?  136 GLU A CA  1 
ATOM   872  C  C   . GLU A 1 139 ? -1.009  7.922   -8.070  1.00 32.95  ?  136 GLU A C   1 
ATOM   873  O  O   . GLU A 1 139 ? -1.832  8.206   -8.921  1.00 28.24  ?  136 GLU A O   1 
ATOM   874  C  CB  . GLU A 1 139 ? 0.847   6.721   -9.244  1.00 31.13  ?  136 GLU A CB  1 
ATOM   875  C  CG  . GLU A 1 139 ? 1.943   7.727   -8.973  1.00 35.95  ?  136 GLU A CG  1 
ATOM   876  C  CD  . GLU A 1 139 ? 2.911   7.890   -10.137 1.00 44.09  ?  136 GLU A CD  1 
ATOM   877  O  OE1 . GLU A 1 139 ? 3.141   9.073   -10.577 1.00 48.22  ?  136 GLU A OE1 1 
ATOM   878  O  OE2 . GLU A 1 139 ? 3.412   6.839   -10.651 1.00 40.18  ?  136 GLU A OE2 1 
ATOM   879  N  N   . LEU A 1 140 ? -0.681  8.708   -7.073  1.00 30.39  ?  137 LEU A N   1 
ATOM   880  C  CA  . LEU A 1 140 ? -1.376  9.979   -6.783  1.00 31.92  ?  137 LEU A CA  1 
ATOM   881  C  C   . LEU A 1 140 ? -0.314  11.062  -6.776  1.00 34.83  ?  137 LEU A C   1 
ATOM   882  O  O   . LEU A 1 140 ? 0.728   10.814  -6.207  1.00 34.05  ?  137 LEU A O   1 
ATOM   883  C  CB  . LEU A 1 140 ? -2.041  9.826   -5.432  1.00 36.00  ?  137 LEU A CB  1 
ATOM   884  C  CG  . LEU A 1 140 ? -2.778  11.067  -4.933  1.00 37.30  ?  137 LEU A CG  1 
ATOM   885  C  CD1 . LEU A 1 140 ? -4.077  10.632  -4.267  1.00 48.39  ?  137 LEU A CD1 1 
ATOM   886  C  CD2 . LEU A 1 140 ? -1.922  11.864  -3.967  1.00 39.85  ?  137 LEU A CD2 1 
ATOM   887  N  N   . GLU A 1 141 ? -0.605  12.215  -7.349  1.00 32.14  ?  138 GLU A N   1 
ATOM   888  C  CA  . GLU A 1 141 ? 0.244   13.407  -7.229  1.00 37.28  ?  138 GLU A CA  1 
ATOM   889  C  C   . GLU A 1 141 ? -0.327  14.206  -6.067  1.00 41.13  ?  138 GLU A C   1 
ATOM   890  O  O   . GLU A 1 141 ? -1.525  14.546  -6.101  1.00 33.53  ?  138 GLU A O   1 
ATOM   891  C  CB  . GLU A 1 141 ? 0.265   14.223  -8.514  1.00 45.28  ?  138 GLU A CB  1 
ATOM   892  C  CG  . GLU A 1 141 ? 0.967   15.551  -8.321  1.00 47.35  ?  138 GLU A CG  1 
ATOM   893  C  CD  . GLU A 1 141 ? 1.300   16.281  -9.602  1.00 58.78  ?  138 GLU A CD  1 
ATOM   894  O  OE1 . GLU A 1 141 ? 1.515   17.508  -9.545  1.00 69.34  ?  138 GLU A OE1 1 
ATOM   895  O  OE2 . GLU A 1 141 ? 1.333   15.624  -10.653 1.00 71.94  ?  138 GLU A OE2 1 
ATOM   896  N  N   . ILE A 1 142 ? 0.488   14.479  -5.055  1.00 38.21  ?  139 ILE A N   1 
ATOM   897  C  CA  . ILE A 1 142 ? 0.006   15.133  -3.818  1.00 36.57  ?  139 ILE A CA  1 
ATOM   898  C  C   . ILE A 1 142 ? -0.412  16.547  -4.204  1.00 38.37  ?  139 ILE A C   1 
ATOM   899  O  O   . ILE A 1 142 ? 0.340   17.180  -4.957  1.00 35.13  ?  139 ILE A O   1 
ATOM   900  C  CB  . ILE A 1 142 ? 1.108   15.068  -2.764  1.00 38.08  ?  139 ILE A CB  1 
ATOM   901  C  CG1 . ILE A 1 142 ? 1.265   13.643  -2.223  1.00 36.36  ?  139 ILE A CG1 1 
ATOM   902  C  CG2 . ILE A 1 142 ? 0.862   16.070  -1.643  1.00 37.73  ?  139 ILE A CG2 1 
ATOM   903  C  CD1 . ILE A 1 142 ? 2.534   13.428  -1.423  1.00 43.14  ?  139 ILE A CD1 1 
ATOM   904  N  N   . GLU A 1 143 ? -1.619  16.973  -3.792  1.00 43.84  ?  140 GLU A N   1 
ATOM   905  C  CA  . GLU A 1 143 ? -2.082  18.371  -4.030  1.00 44.00  ?  140 GLU A CA  1 
ATOM   906  C  C   . GLU A 1 143 ? -2.127  19.135  -2.703  1.00 42.23  ?  140 GLU A C   1 
ATOM   907  O  O   . GLU A 1 143 ? -1.820  20.323  -2.714  1.00 39.29  ?  140 GLU A O   1 
ATOM   908  C  CB  . GLU A 1 143 ? -3.407  18.374  -4.786  1.00 42.83  ?  140 GLU A CB  1 
ATOM   909  C  CG  . GLU A 1 143 ? -3.160  18.199  -6.274  1.00 49.40  ?  140 GLU A CG  1 
ATOM   910  C  CD  . GLU A 1 143 ? -4.380  17.937  -7.146  1.00 56.12  ?  140 GLU A CD  1 
ATOM   911  O  OE1 . GLU A 1 143 ? -5.492  17.765  -6.593  1.00 59.29  ?  140 GLU A OE1 1 
ATOM   912  O  OE2 . GLU A 1 143 ? -4.209  17.925  -8.385  1.00 59.43  ?  140 GLU A OE2 1 
ATOM   913  N  N   . ASN A 1 144 ? -2.407  18.449  -1.605  1.00 35.69  ?  141 ASN A N   1 
ATOM   914  C  CA  . ASN A 1 144 ? -2.385  19.051  -0.260  1.00 40.32  ?  141 ASN A CA  1 
ATOM   915  C  C   . ASN A 1 144 ? -2.145  17.988  0.811   1.00 36.34  ?  141 ASN A C   1 
ATOM   916  O  O   . ASN A 1 144 ? -2.656  16.867  0.673   1.00 41.58  ?  141 ASN A O   1 
ATOM   917  C  CB  . ASN A 1 144 ? -3.715  19.790  -0.049  1.00 42.63  ?  141 ASN A CB  1 
ATOM   918  C  CG  . ASN A 1 144 ? -3.599  20.890  0.979   1.00 49.26  ?  141 ASN A CG  1 
ATOM   919  O  OD1 . ASN A 1 144 ? -2.493  21.334  1.306   1.00 51.99  ?  141 ASN A OD1 1 
ATOM   920  N  ND2 . ASN A 1 144 ? -4.739  21.318  1.486   1.00 52.35  ?  141 ASN A ND2 1 
ATOM   921  N  N   . LEU A 1 145 ? -1.486  18.370  1.900   1.00 37.68  ?  142 LEU A N   1 
ATOM   922  C  CA  . LEU A 1 145 ? -1.401  17.608  3.168   1.00 38.85  ?  142 LEU A CA  1 
ATOM   923  C  C   . LEU A 1 145 ? -2.025  18.474  4.261   1.00 40.57  ?  142 LEU A C   1 
ATOM   924  O  O   . LEU A 1 145 ? -1.565  19.616  4.408   1.00 37.95  ?  142 LEU A O   1 
ATOM   925  C  CB  . LEU A 1 145 ? 0.062   17.331  3.521   1.00 42.27  ?  142 LEU A CB  1 
ATOM   926  C  CG  . LEU A 1 145 ? 0.876   16.578  2.472   1.00 41.78  ?  142 LEU A CG  1 
ATOM   927  C  CD1 . LEU A 1 145 ? 2.314   16.443  2.928   1.00 41.80  ?  142 LEU A CD1 1 
ATOM   928  C  CD2 . LEU A 1 145 ? 0.245   15.227  2.202   1.00 38.38  ?  142 LEU A CD2 1 
ATOM   929  N  N   . LEU A 1 146 ? -2.997  17.934  4.976   1.00 42.72  ?  143 LEU A N   1 
ATOM   930  C  CA  . LEU A 1 146 ? -3.766  18.683  5.999   1.00 46.85  ?  143 LEU A CA  1 
ATOM   931  C  C   . LEU A 1 146 ? -3.265  18.228  7.370   1.00 48.31  ?  143 LEU A C   1 
ATOM   932  O  O   . LEU A 1 146 ? -2.997  17.019  7.546   1.00 42.99  ?  143 LEU A O   1 
ATOM   933  C  CB  . LEU A 1 146 ? -5.254  18.377  5.825   1.00 44.89  ?  143 LEU A CB  1 
ATOM   934  C  CG  . LEU A 1 146 ? -5.967  19.138  4.698   1.00 48.88  ?  143 LEU A CG  1 
ATOM   935  C  CD1 . LEU A 1 146 ? -5.985  20.636  4.956   1.00 50.00  ?  143 LEU A CD1 1 
ATOM   936  C  CD2 . LEU A 1 146 ? -5.337  18.874  3.351   1.00 47.98  ?  143 LEU A CD2 1 
ATOM   937  N  N   . ASP A 1 147 ? -3.158  19.151  8.323   1.00 45.06  ?  144 ASP A N   1 
ATOM   938  C  CA  . ASP A 1 147 ? -2.706  18.795  9.694   1.00 44.89  ?  144 ASP A CA  1 
ATOM   939  C  C   . ASP A 1 147 ? -3.767  17.952  10.404  1.00 44.24  ?  144 ASP A C   1 
ATOM   940  O  O   . ASP A 1 147 ? -3.393  17.028  11.172  1.00 48.16  ?  144 ASP A O   1 
ATOM   941  C  CB  . ASP A 1 147 ? -2.278  20.052  10.443  1.00 52.21  ?  144 ASP A CB  1 
ATOM   942  C  CG  . ASP A 1 147 ? -0.811  20.346  10.210  1.00 67.50  ?  144 ASP A CG  1 
ATOM   943  O  OD1 . ASP A 1 147 ? 0.004   19.463  10.540  1.00 83.70  ?  144 ASP A OD1 1 
ATOM   944  O  OD2 . ASP A 1 147 ? -0.491  21.439  9.691   1.00 73.08  ?  144 ASP A OD2 1 
ATOM   945  N  N   . LYS A 1 148 ? -5.056  18.219  10.203  1.00 41.84  ?  145 LYS A N   1 
ATOM   946  C  CA  . LYS A 1 148 ? -6.121  17.412  10.860  1.00 42.70  ?  145 LYS A CA  1 
ATOM   947  C  C   . LYS A 1 148 ? -6.763  16.474  9.842   1.00 43.90  ?  145 LYS A C   1 
ATOM   948  O  O   . LYS A 1 148 ? -7.185  16.959  8.796   1.00 38.95  ?  145 LYS A O   1 
ATOM   949  C  CB  . LYS A 1 148 ? -7.239  18.215  11.530  1.00 47.51  ?  145 LYS A CB  1 
ATOM   950  C  CG  . LYS A 1 148 ? -8.146  17.316  12.363  1.00 51.07  ?  145 LYS A CG  1 
ATOM   951  C  CD  . LYS A 1 148 ? -9.617  17.630  12.337  1.00 57.56  ?  145 LYS A CD  1 
ATOM   952  C  CE  . LYS A 1 148 ? -9.924  18.918  13.057  1.00 54.09  ?  145 LYS A CE  1 
ATOM   953  N  NZ  . LYS A 1 148 ? -11.284 18.881  13.652  1.00 61.88  ?  145 LYS A NZ  1 
ATOM   954  N  N   . PHE A 1 149 ? -6.848  15.189  10.200  1.00 42.33  ?  146 PHE A N   1 
ATOM   955  C  CA  . PHE A 1 149 ? -7.462  14.101  9.414   1.00 38.41  ?  146 PHE A CA  1 
ATOM   956  C  C   . PHE A 1 149 ? -7.828  12.988  10.376  1.00 38.88  ?  146 PHE A C   1 
ATOM   957  O  O   . PHE A 1 149 ? -7.351  12.976  11.516  1.00 43.22  ?  146 PHE A O   1 
ATOM   958  C  CB  . PHE A 1 149 ? -6.523  13.753  8.261   1.00 36.09  ?  146 PHE A CB  1 
ATOM   959  C  CG  . PHE A 1 149 ? -5.162  13.258  8.695   1.00 36.08  ?  146 PHE A CG  1 
ATOM   960  C  CD1 . PHE A 1 149 ? -4.959  11.920  8.955   1.00 38.17  ?  146 PHE A CD1 1 
ATOM   961  C  CD2 . PHE A 1 149 ? -4.112  14.136  8.862   1.00 32.94  ?  146 PHE A CD2 1 
ATOM   962  C  CE1 . PHE A 1 149 ? -3.701  11.462  9.337   1.00 36.42  ?  146 PHE A CE1 1 
ATOM   963  C  CE2 . PHE A 1 149 ? -2.844  13.677  9.214   1.00 38.15  ?  146 PHE A CE2 1 
ATOM   964  C  CZ  . PHE A 1 149 ? -2.663  12.344  9.483   1.00 38.29  ?  146 PHE A CZ  1 
ATOM   965  N  N   . PRO A 1 150 ? -8.684  12.034  9.976   1.00 35.94  ?  147 PRO A N   1 
ATOM   966  C  CA  . PRO A 1 150 ? -9.285  11.101  10.917  1.00 35.53  ?  147 PRO A CA  1 
ATOM   967  C  C   . PRO A 1 150 ? -8.207  10.442  11.783  1.00 44.77  ?  147 PRO A C   1 
ATOM   968  O  O   . PRO A 1 150 ? -8.424  10.347  12.949  1.00 36.43  ?  147 PRO A O   1 
ATOM   969  C  CB  . PRO A 1 150 ? -10.061 10.154  10.023  1.00 36.24  ?  147 PRO A CB  1 
ATOM   970  C  CG  . PRO A 1 150 ? -10.482 11.057  8.878   1.00 38.55  ?  147 PRO A CG  1 
ATOM   971  C  CD  . PRO A 1 150 ? -9.273  11.914  8.628   1.00 38.31  ?  147 PRO A CD  1 
ATOM   972  N  N   . GLU A 1 151 ? -7.049  10.077  11.223  1.00 38.09  ?  148 GLU A N   1 
ATOM   973  C  CA  . GLU A 1 151 ? -6.108  9.193   11.978  1.00 45.92  ?  148 GLU A CA  1 
ATOM   974  C  C   . GLU A 1 151 ? -4.898  9.974   12.480  1.00 42.26  ?  148 GLU A C   1 
ATOM   975  O  O   . GLU A 1 151 ? -3.947  9.285   12.908  1.00 40.42  ?  148 GLU A O   1 
ATOM   976  C  CB  . GLU A 1 151 ? -5.793  7.960   11.121  1.00 40.18  ?  148 GLU A CB  1 
ATOM   977  C  CG  . GLU A 1 151 ? -6.969  7.017   11.110  1.00 39.12  ?  148 GLU A CG  1 
ATOM   978  C  CD  . GLU A 1 151 ? -6.821  5.676   10.433  1.00 52.42  ?  148 GLU A CD  1 
ATOM   979  O  OE1 . GLU A 1 151 ? -5.684  5.290   10.133  1.00 57.38  ?  148 GLU A OE1 1 
ATOM   980  O  OE2 . GLU A 1 151 ? -7.859  5.014   10.210  1.00 55.92  ?  148 GLU A OE2 1 
ATOM   981  N  N   . CYS A 1 152 ? -4.964  11.319  12.515  1.00 36.79  ?  149 CYS A N   1 
ATOM   982  C  CA  . CYS A 1 152 ? -3.793  12.213  12.716  1.00 42.70  ?  149 CYS A CA  1 
ATOM   983  C  C   . CYS A 1 152 ? -3.199  12.031  14.125  1.00 41.58  ?  149 CYS A C   1 
ATOM   984  O  O   . CYS A 1 152 ? -2.072  12.563  14.331  1.00 44.51  ?  149 CYS A O   1 
ATOM   985  C  CB  . CYS A 1 152 ? -4.148  13.683  12.534  1.00 47.83  ?  149 CYS A CB  1 
ATOM   986  S  SG  . CYS A 1 152 ? -5.393  14.253  13.722  1.00 47.70  ?  149 CYS A SG  1 
ATOM   987  N  N   . HIS A 1 153 ? -3.921  11.363  15.024  1.00 33.86  ?  150 HIS A N   1 
ATOM   988  C  CA  . HIS A 1 153 ? -3.490  11.133  16.434  1.00 43.27  ?  150 HIS A CA  1 
ATOM   989  C  C   . HIS A 1 153 ? -3.003  9.688   16.597  1.00 51.00  ?  150 HIS A C   1 
ATOM   990  O  O   . HIS A 1 153 ? -2.418  9.379   17.634  1.00 49.46  ?  150 HIS A O   1 
ATOM   991  C  CB  . HIS A 1 153 ? -4.609  11.434  17.445  1.00 46.35  ?  150 HIS A CB  1 
ATOM   992  C  CG  . HIS A 1 153 ? -4.945  12.884  17.514  1.00 50.60  ?  150 HIS A CG  1 
ATOM   993  N  ND1 . HIS A 1 153 ? -4.021  13.840  17.903  1.00 56.83  ?  150 HIS A ND1 1 
ATOM   994  C  CD2 . HIS A 1 153 ? -6.069  13.553  17.181  1.00 50.32  ?  150 HIS A CD2 1 
ATOM   995  C  CE1 . HIS A 1 153 ? -4.572  15.030  17.840  1.00 53.54  ?  150 HIS A CE1 1 
ATOM   996  N  NE2 . HIS A 1 153 ? -5.825  14.879  17.373  1.00 52.06  ?  150 HIS A NE2 1 
ATOM   997  N  N   . LYS A 1 154 ? -3.229  8.855   15.585  1.00 45.23  ?  151 LYS A N   1 
ATOM   998  C  CA  . LYS A 1 154 ? -2.984  7.396   15.623  1.00 47.88  ?  151 LYS A CA  1 
ATOM   999  C  C   . LYS A 1 154 ? -1.784  7.030   14.737  1.00 43.64  ?  151 LYS A C   1 
ATOM   1000 O  O   . LYS A 1 154 ? -1.389  5.866   14.769  1.00 51.37  ?  151 LYS A O   1 
ATOM   1001 C  CB  . LYS A 1 154 ? -4.219  6.636   15.138  1.00 55.43  ?  151 LYS A CB  1 
ATOM   1002 C  CG  . LYS A 1 154 ? -5.250  6.300   16.203  1.00 64.34  ?  151 LYS A CG  1 
ATOM   1003 C  CD  . LYS A 1 154 ? -6.312  5.335   15.705  1.00 75.36  ?  151 LYS A CD  1 
ATOM   1004 C  CE  . LYS A 1 154 ? -5.743  4.012   15.219  1.00 84.00  ?  151 LYS A CE  1 
ATOM   1005 N  NZ  . LYS A 1 154 ? -5.544  3.974   13.746  1.00 90.74  ?  151 LYS A NZ  1 
ATOM   1006 N  N   . ARG A 1 155 ? -1.234  7.967   13.967  1.00 40.86  ?  152 ARG A N   1 
ATOM   1007 C  CA  . ARG A 1 155 ? -0.190  7.651   12.972  1.00 41.17  ?  152 ARG A CA  1 
ATOM   1008 C  C   . ARG A 1 155 ? 0.681   8.862   12.805  1.00 42.61  ?  152 ARG A C   1 
ATOM   1009 O  O   . ARG A 1 155 ? 0.174   9.981   12.989  1.00 44.93  ?  152 ARG A O   1 
ATOM   1010 C  CB  . ARG A 1 155 ? -0.783  7.320   11.594  1.00 45.27  ?  152 ARG A CB  1 
ATOM   1011 C  CG  . ARG A 1 155 ? -1.615  6.055   11.555  1.00 42.49  ?  152 ARG A CG  1 
ATOM   1012 C  CD  . ARG A 1 155 ? -1.991  5.742   10.127  1.00 40.61  ?  152 ARG A CD  1 
ATOM   1013 N  NE  . ARG A 1 155 ? -3.108  4.840   9.993   1.00 36.64  ?  152 ARG A NE  1 
ATOM   1014 C  CZ  . ARG A 1 155 ? -3.026  3.529   9.734   1.00 42.46  ?  152 ARG A CZ  1 
ATOM   1015 N  NH1 . ARG A 1 155 ? -1.852  2.924   9.599   1.00 42.42  ?  152 ARG A NH1 1 
ATOM   1016 N  NH2 . ARG A 1 155 ? -4.136  2.836   9.564   1.00 40.21  ?  152 ARG A NH2 1 
ATOM   1017 N  N   . HIS A 1 156 ? 1.922   8.623   12.401  1.00 36.75  ?  153 HIS A N   1 
ATOM   1018 C  CA  . HIS A 1 156 ? 2.853   9.631   11.877  1.00 38.30  ?  153 HIS A CA  1 
ATOM   1019 C  C   . HIS A 1 156 ? 2.804   9.506   10.355  1.00 39.27  ?  153 HIS A C   1 
ATOM   1020 O  O   . HIS A 1 156 ? 2.400   8.450   9.849   1.00 41.12  ?  153 HIS A O   1 
ATOM   1021 C  CB  . HIS A 1 156 ? 4.262   9.417   12.446  1.00 52.35  ?  153 HIS A CB  1 
ATOM   1022 C  CG  . HIS A 1 156 ? 4.293   9.305   13.937  1.00 58.82  ?  153 HIS A CG  1 
ATOM   1023 N  ND1 . HIS A 1 156 ? 3.572   8.338   14.628  1.00 66.44  ?  153 HIS A ND1 1 
ATOM   1024 C  CD2 . HIS A 1 156 ? 4.924   10.040  14.877  1.00 65.82  ?  153 HIS A CD2 1 
ATOM   1025 C  CE1 . HIS A 1 156 ? 3.755   8.490   15.926  1.00 67.75  ?  153 HIS A CE1 1 
ATOM   1026 N  NE2 . HIS A 1 156 ? 4.593   9.511   16.101  1.00 69.40  ?  153 HIS A NE2 1 
ATOM   1027 N  N   . ARG A 1 157 ? 3.198   10.557  9.679   1.00 41.18  ?  154 ARG A N   1 
ATOM   1028 C  CA  . ARG A 1 157 ? 3.174   10.654  8.221   1.00 45.70  ?  154 ARG A CA  1 
ATOM   1029 C  C   . ARG A 1 157 ? 4.360   11.522  7.822   1.00 49.64  ?  154 ARG A C   1 
ATOM   1030 O  O   . ARG A 1 157 ? 4.545   12.567  8.468   1.00 50.87  ?  154 ARG A O   1 
ATOM   1031 C  CB  . ARG A 1 157 ? 1.826   11.232  7.808   1.00 46.48  ?  154 ARG A CB  1 
ATOM   1032 C  CG  . ARG A 1 157 ? 1.918   12.044  6.538   1.00 43.57  ?  154 ARG A CG  1 
ATOM   1033 C  CD  . ARG A 1 157 ? 0.780   13.001  6.421   1.00 44.71  ?  154 ARG A CD  1 
ATOM   1034 N  NE  . ARG A 1 157 ? 1.034   14.361  6.838   1.00 42.21  ?  154 ARG A NE  1 
ATOM   1035 C  CZ  . ARG A 1 157 ? 0.069   15.281  6.953   1.00 43.57  ?  154 ARG A CZ  1 
ATOM   1036 N  NH1 . ARG A 1 157 ? -1.171  14.978  6.606   1.00 37.38  ?  154 ARG A NH1 1 
ATOM   1037 N  NH2 . ARG A 1 157 ? 0.364   16.504  7.350   1.00 41.42  ?  154 ARG A NH2 1 
ATOM   1038 N  N   . LYS A 1 158 ? 5.141   11.097  6.824   1.00 40.83  ?  155 LYS A N   1 
ATOM   1039 C  CA  . LYS A 1 158 ? 6.406   11.772  6.426   1.00 38.90  ?  155 LYS A CA  1 
ATOM   1040 C  C   . LYS A 1 158 ? 6.763   11.461  4.972   1.00 35.74  ?  155 LYS A C   1 
ATOM   1041 O  O   . LYS A 1 158 ? 6.551   10.326  4.525   1.00 36.00  ?  155 LYS A O   1 
ATOM   1042 C  CB  . LYS A 1 158 ? 7.485   11.314  7.421   1.00 42.34  ?  155 LYS A CB  1 
ATOM   1043 C  CG  . LYS A 1 158 ? 8.802   12.061  7.346   1.00 48.75  ?  155 LYS A CG  1 
ATOM   1044 C  CD  . LYS A 1 158 ? 9.763   11.596  8.428   1.00 49.56  ?  155 LYS A CD  1 
ATOM   1045 C  CE  . LYS A 1 158 ? 11.071  12.353  8.449   1.00 54.96  ?  155 LYS A CE  1 
ATOM   1046 N  NZ  . LYS A 1 158 ? 11.542  12.710  7.097   1.00 63.39  ?  155 LYS A NZ  1 
ATOM   1047 N  N   . LEU A 1 159 ? 7.308   12.430  4.261   1.00 34.31  ?  156 LEU A N   1 
ATOM   1048 C  CA  . LEU A 1 159 ? 7.844   12.241  2.900   1.00 38.61  ?  156 LEU A CA  1 
ATOM   1049 C  C   . LEU A 1 159 ? 9.217   11.537  2.995   1.00 41.12  ?  156 LEU A C   1 
ATOM   1050 O  O   . LEU A 1 159 ? 9.990   11.822  3.938   1.00 38.77  ?  156 LEU A O   1 
ATOM   1051 C  CB  . LEU A 1 159 ? 7.940   13.596  2.205   1.00 39.79  ?  156 LEU A CB  1 
ATOM   1052 C  CG  . LEU A 1 159 ? 6.596   14.240  1.855   1.00 44.38  ?  156 LEU A CG  1 
ATOM   1053 C  CD1 . LEU A 1 159 ? 6.800   15.668  1.366   1.00 48.78  ?  156 LEU A CD1 1 
ATOM   1054 C  CD2 . LEU A 1 159 ? 5.860   13.434  0.783   1.00 42.86  ?  156 LEU A CD2 1 
ATOM   1055 N  N   . TYR A 1 160 ? 9.507   10.658  2.045   1.00 42.30  ?  157 TYR A N   1 
ATOM   1056 C  CA  . TYR A 1 160 ? 10.782  9.901   1.947   1.00 38.65  ?  157 TYR A CA  1 
ATOM   1057 C  C   . TYR A 1 160 ? 11.209  9.827   0.490   1.00 43.59  ?  157 TYR A C   1 
ATOM   1058 O  O   . TYR A 1 160 ? 10.369  9.623   -0.412  1.00 36.89  ?  157 TYR A O   1 
ATOM   1059 C  CB  . TYR A 1 160 ? 10.600  8.495   2.514   1.00 39.16  ?  157 TYR A CB  1 
ATOM   1060 C  CG  . TYR A 1 160 ? 10.527  8.416   4.009   1.00 37.69  ?  157 TYR A CG  1 
ATOM   1061 C  CD1 . TYR A 1 160 ? 11.652  8.605   4.795   1.00 45.58  ?  157 TYR A CD1 1 
ATOM   1062 C  CD2 . TYR A 1 160 ? 9.342   8.119   4.653   1.00 35.74  ?  157 TYR A CD2 1 
ATOM   1063 C  CE1 . TYR A 1 160 ? 11.591  8.513   6.175   1.00 40.65  ?  157 TYR A CE1 1 
ATOM   1064 C  CE2 . TYR A 1 160 ? 9.253   8.048   6.030   1.00 41.46  ?  157 TYR A CE2 1 
ATOM   1065 C  CZ  . TYR A 1 160 ? 10.388  8.234   6.794   1.00 46.07  ?  157 TYR A CZ  1 
ATOM   1066 O  OH  . TYR A 1 160 ? 10.304  8.137   8.146   1.00 53.08  ?  157 TYR A OH  1 
ATOM   1067 N  N   . SER A 1 161 ? 12.517  9.885   0.273   1.00 39.22  ?  158 SER A N   1 
ATOM   1068 C  CA  . SER A 1 161 ? 13.119  9.633   -1.049  1.00 39.42  ?  158 SER A CA  1 
ATOM   1069 C  C   . SER A 1 161 ? 13.015  8.137   -1.328  1.00 34.38  ?  158 SER A C   1 
ATOM   1070 O  O   . SER A 1 161 ? 12.716  7.373   -0.400  1.00 34.31  ?  158 SER A O   1 
ATOM   1071 C  CB  . SER A 1 161 ? 14.541  10.069  -1.064  1.00 45.49  ?  158 SER A CB  1 
ATOM   1072 O  OG  . SER A 1 161 ? 15.255  9.116   -0.319  1.00 41.36  ?  158 SER A OG  1 
ATOM   1073 N  N   . TYR A 1 162 ? 13.283  7.738   -2.571  1.00 37.43  ?  159 TYR A N   1 
ATOM   1074 C  CA  . TYR A 1 162 ? 13.144  6.311   -2.993  1.00 42.27  ?  159 TYR A CA  1 
ATOM   1075 C  C   . TYR A 1 162 ? 13.998  5.424   -2.076  1.00 40.00  ?  159 TYR A C   1 
ATOM   1076 O  O   . TYR A 1 162 ? 13.486  4.506   -1.396  1.00 35.06  ?  159 TYR A O   1 
ATOM   1077 C  CB  . TYR A 1 162 ? 13.492  6.148   -4.469  1.00 40.16  ?  159 TYR A CB  1 
ATOM   1078 C  CG  . TYR A 1 162 ? 13.434  4.698   -4.855  1.00 40.22  ?  159 TYR A CG  1 
ATOM   1079 C  CD1 . TYR A 1 162 ? 12.223  4.029   -4.962  1.00 40.55  ?  159 TYR A CD1 1 
ATOM   1080 C  CD2 . TYR A 1 162 ? 14.603  3.964   -5.021  1.00 44.19  ?  159 TYR A CD2 1 
ATOM   1081 C  CE1 . TYR A 1 162 ? 12.185  2.671   -5.261  1.00 43.50  ?  159 TYR A CE1 1 
ATOM   1082 C  CE2 . TYR A 1 162 ? 14.576  2.609   -5.331  1.00 41.48  ?  159 TYR A CE2 1 
ATOM   1083 C  CZ  . TYR A 1 162 ? 13.364  1.959   -5.455  1.00 39.98  ?  159 TYR A CZ  1 
ATOM   1084 O  OH  . TYR A 1 162 ? 13.329  0.617   -5.758  1.00 37.42  ?  159 TYR A OH  1 
ATOM   1085 N  N   . THR A 1 163 ? 15.272  5.770   -1.915  1.00 41.43  ?  160 THR A N   1 
ATOM   1086 C  CA  . THR A 1 163 ? 16.180  4.921   -1.103  1.00 44.25  ?  160 THR A CA  1 
ATOM   1087 C  C   . THR A 1 163 ? 15.630  4.720   0.306   1.00 41.18  ?  160 THR A C   1 
ATOM   1088 O  O   . THR A 1 163 ? 15.533  3.567   0.756   1.00 35.66  ?  160 THR A O   1 
ATOM   1089 C  CB  . THR A 1 163 ? 17.589  5.501   -1.018  1.00 53.83  ?  160 THR A CB  1 
ATOM   1090 O  OG1 . THR A 1 163 ? 17.911  6.017   -2.313  1.00 50.11  ?  160 THR A OG1 1 
ATOM   1091 C  CG2 . THR A 1 163 ? 18.561  4.436   -0.565  1.00 53.82  ?  160 THR A CG2 1 
ATOM   1092 N  N   . GLU A 1 164 ? 15.237  5.788   1.007   1.00 40.03  ?  161 GLU A N   1 
ATOM   1093 C  CA  . GLU A 1 164 ? 14.735  5.627   2.396   1.00 38.19  ?  161 GLU A CA  1 
ATOM   1094 C  C   . GLU A 1 164 ? 13.407  4.872   2.416   1.00 36.03  ?  161 GLU A C   1 
ATOM   1095 O  O   . GLU A 1 164 ? 13.160  4.060   3.341   1.00 34.24  ?  161 GLU A O   1 
ATOM   1096 C  CB  . GLU A 1 164 ? 14.580  6.981   3.089   1.00 49.29  ?  161 GLU A CB  1 
ATOM   1097 C  CG  . GLU A 1 164 ? 15.676  8.001   2.776   1.00 54.13  ?  161 GLU A CG  1 
ATOM   1098 C  CD  . GLU A 1 164 ? 15.319  9.414   3.240   1.00 64.07  ?  161 GLU A CD  1 
ATOM   1099 O  OE1 . GLU A 1 164 ? 14.249  9.969   2.817   1.00 55.17  ?  161 GLU A OE1 1 
ATOM   1100 O  OE2 . GLU A 1 164 ? 16.089  9.953   4.048   1.00 59.78  ?  161 GLU A OE2 1 
ATOM   1101 N  N   . ALA A 1 165 ? 12.514  5.168   1.479   1.00 42.36  ?  162 ALA A N   1 
ATOM   1102 C  CA  . ALA A 1 165 ? 11.221  4.446   1.381   1.00 38.52  ?  162 ALA A CA  1 
ATOM   1103 C  C   . ALA A 1 165 ? 11.459  2.929   1.170   1.00 32.38  ?  162 ALA A C   1 
ATOM   1104 O  O   . ALA A 1 165 ? 10.776  2.091   1.820   1.00 28.79  ?  162 ALA A O   1 
ATOM   1105 C  CB  . ALA A 1 165 ? 10.474  5.063   0.223   1.00 37.30  ?  162 ALA A CB  1 
ATOM   1106 N  N   . LYS A 1 166 ? 12.286  2.581   0.196   1.00 34.42  ?  163 LYS A N   1 
ATOM   1107 C  CA  . LYS A 1 166 ? 12.635  1.140   -0.069  1.00 34.71  ?  163 LYS A CA  1 
ATOM   1108 C  C   . LYS A 1 166 ? 13.072  0.481   1.248   1.00 35.03  ?  163 LYS A C   1 
ATOM   1109 O  O   . LYS A 1 166 ? 12.527  -0.578  1.646   1.00 34.86  ?  163 LYS A O   1 
ATOM   1110 C  CB  . LYS A 1 166 ? 13.740  1.060   -1.132  1.00 39.66  ?  163 LYS A CB  1 
ATOM   1111 C  CG  . LYS A 1 166 ? 14.188  -0.342  -1.538  1.00 49.54  ?  163 LYS A CG  1 
ATOM   1112 C  CD  . LYS A 1 166 ? 15.167  -0.349  -2.716  1.00 53.76  ?  163 LYS A CD  1 
ATOM   1113 C  CE  . LYS A 1 166 ? 15.694  -1.743  -3.057  1.00 66.27  ?  163 LYS A CE  1 
ATOM   1114 N  NZ  . LYS A 1 166 ? 16.730  -2.225  -2.098  1.00 66.39  ?  163 LYS A NZ  1 
ATOM   1115 N  N   . GLN A 1 167 ? 14.032  1.090   1.939   1.00 35.66  ?  164 GLN A N   1 
ATOM   1116 C  CA  A GLN A 1 167 ? 14.538  0.487   3.194   0.50 33.99  ?  164 GLN A CA  1 
ATOM   1117 C  CA  B GLN A 1 167 ? 14.566  0.590   3.235   0.50 36.64  ?  164 GLN A CA  1 
ATOM   1118 C  C   . GLN A 1 167 ? 13.412  0.393   4.220   1.00 35.28  ?  164 GLN A C   1 
ATOM   1119 O  O   . GLN A 1 167 ? 13.343  -0.639  4.881   1.00 33.59  ?  164 GLN A O   1 
ATOM   1120 C  CB  A GLN A 1 167 ? 15.742  1.225   3.763   0.50 34.93  ?  164 GLN A CB  1 
ATOM   1121 C  CB  B GLN A 1 167 ? 15.603  1.587   3.755   0.50 42.17  ?  164 GLN A CB  1 
ATOM   1122 C  CG  A GLN A 1 167 ? 16.401  0.439   4.879   0.50 32.96  ?  164 GLN A CG  1 
ATOM   1123 C  CG  B GLN A 1 167 ? 16.222  1.227   5.098   0.50 44.14  ?  164 GLN A CG  1 
ATOM   1124 C  CD  A GLN A 1 167 ? 16.825  -0.942  4.446   0.50 31.40  ?  164 GLN A CD  1 
ATOM   1125 C  CD  B GLN A 1 167 ? 17.274  2.227   5.518   0.50 43.99  ?  164 GLN A CD  1 
ATOM   1126 O  OE1 A GLN A 1 167 ? 17.519  -1.103  3.447   0.50 28.30  ?  164 GLN A OE1 1 
ATOM   1127 O  OE1 B GLN A 1 167 ? 17.236  2.786   6.619   0.50 44.55  ?  164 GLN A OE1 1 
ATOM   1128 N  NE2 A GLN A 1 167 ? 16.401  -1.949  5.196   0.50 36.06  ?  164 GLN A NE2 1 
ATOM   1129 N  NE2 B GLN A 1 167 ? 18.231  2.468   4.633   0.50 43.21  ?  164 GLN A NE2 1 
ATOM   1130 N  N   . ASN A 1 168 ? 12.542  1.425   4.336   1.00 36.89  ?  165 ASN A N   1 
ATOM   1131 C  CA  . ASN A 1 168 ? 11.368  1.324   5.219   1.00 30.95  ?  165 ASN A CA  1 
ATOM   1132 C  C   . ASN A 1 168 ? 10.558  0.087   4.912   1.00 28.29  ?  165 ASN A C   1 
ATOM   1133 O  O   . ASN A 1 168 ? 10.055  -0.624  5.869   1.00 33.05  ?  165 ASN A O   1 
ATOM   1134 C  CB  . ASN A 1 168 ? 10.518  2.603   5.075   1.00 36.95  ?  165 ASN A CB  1 
ATOM   1135 C  CG  . ASN A 1 168 ? 11.099  3.785   5.833   1.00 45.24  ?  165 ASN A CG  1 
ATOM   1136 O  OD1 . ASN A 1 168 ? 12.025  3.648   6.645   1.00 44.68  ?  165 ASN A OD1 1 
ATOM   1137 N  ND2 . ASN A 1 168 ? 10.539  4.956   5.588   1.00 40.36  ?  165 ASN A ND2 1 
ATOM   1138 N  N   . LEU A 1 169 ? 10.260  -0.137  3.617   1.00 32.53  ?  166 LEU A N   1 
ATOM   1139 C  CA  . LEU A 1 169 ? 9.327   -1.246  3.296   1.00 31.37  ?  166 LEU A CA  1 
ATOM   1140 C  C   . LEU A 1 169 ? 10.001  -2.614  3.503   1.00 32.64  ?  166 LEU A C   1 
ATOM   1141 O  O   . LEU A 1 169 ? 9.293   -3.546  3.903   1.00 31.39  ?  166 LEU A O   1 
ATOM   1142 C  CB  . LEU A 1 169 ? 8.790   -1.072  1.880   1.00 33.29  ?  166 LEU A CB  1 
ATOM   1143 C  CG  . LEU A 1 169 ? 7.838   0.130   1.718   1.00 30.72  ?  166 LEU A CG  1 
ATOM   1144 C  CD1 . LEU A 1 169 ? 7.540   0.346   0.246   1.00 29.44  ?  166 LEU A CD1 1 
ATOM   1145 C  CD2 . LEU A 1 169 ? 6.599   -0.100  2.524   1.00 30.59  ?  166 LEU A CD2 1 
ATOM   1146 N  N   . ILE A 1 170 ? 11.315  -2.699  3.297   1.00 37.23  ?  167 ILE A N   1 
ATOM   1147 C  CA  . ILE A 1 170 ? 12.074  -3.950  3.691   1.00 37.61  ?  167 ILE A CA  1 
ATOM   1148 C  C   . ILE A 1 170 ? 12.001  -4.148  5.213   1.00 33.67  ?  167 ILE A C   1 
ATOM   1149 O  O   . ILE A 1 170 ? 11.548  -5.217  5.686   1.00 30.76  ?  167 ILE A O   1 
ATOM   1150 C  CB  . ILE A 1 170 ? 13.538  -3.890  3.202   1.00 43.29  ?  167 ILE A CB  1 
ATOM   1151 C  CG1 . ILE A 1 170 ? 13.647  -3.636  1.700   1.00 42.81  ?  167 ILE A CG1 1 
ATOM   1152 C  CG2 . ILE A 1 170 ? 14.271  -5.170  3.600   1.00 46.83  ?  167 ILE A CG2 1 
ATOM   1153 C  CD1 . ILE A 1 170 ? 12.701  -4.471  0.925   1.00 51.15  ?  167 ILE A CD1 1 
ATOM   1154 N  N   . ASP A 1 171 ? 12.335  -3.110  5.974   1.00 42.22  ?  168 ASP A N   1 
ATOM   1155 C  CA  . ASP A 1 171 ? 12.243  -3.147  7.459   1.00 41.15  ?  168 ASP A CA  1 
ATOM   1156 C  C   . ASP A 1 171 ? 10.822  -3.550  7.888   1.00 42.01  ?  168 ASP A C   1 
ATOM   1157 O  O   . ASP A 1 171 ? 10.664  -4.380  8.807   1.00 43.40  ?  168 ASP A O   1 
ATOM   1158 C  CB  . ASP A 1 171 ? 12.664  -1.804  8.063   1.00 47.74  ?  168 ASP A CB  1 
ATOM   1159 C  CG  . ASP A 1 171 ? 14.058  -1.324  7.692   1.00 53.79  ?  168 ASP A CG  1 
ATOM   1160 O  OD1 . ASP A 1 171 ? 14.815  -2.094  7.061   1.00 67.33  ?  168 ASP A OD1 1 
ATOM   1161 O  OD2 . ASP A 1 171 ? 14.386  -0.179  8.049   1.00 51.90  ?  168 ASP A OD2 1 
ATOM   1162 N  N   . ALA A 1 172 ? 9.772   -3.070  7.209   1.00 40.98  ?  169 ALA A N   1 
ATOM   1163 C  CA  . ALA A 1 172 ? 8.371   -3.413  7.549   1.00 38.74  ?  169 ALA A CA  1 
ATOM   1164 C  C   . ALA A 1 172 ? 8.009   -4.840  7.120   1.00 32.57  ?  169 ALA A C   1 
ATOM   1165 O  O   . ALA A 1 172 ? 6.916   -5.267  7.465   1.00 39.68  ?  169 ALA A O   1 
ATOM   1166 C  CB  . ALA A 1 172 ? 7.426   -2.392  6.910   1.00 37.04  ?  169 ALA A CB  1 
ATOM   1167 N  N   . LYS A 1 173 ? 8.817   -5.500  6.280   1.00 38.92  ?  170 LYS A N   1 
ATOM   1168 C  CA  . LYS A 1 173 ? 8.569   -6.878  5.767   1.00 35.05  ?  170 LYS A CA  1 
ATOM   1169 C  C   . LYS A 1 173 ? 7.392   -6.902  4.761   1.00 31.42  ?  170 LYS A C   1 
ATOM   1170 O  O   . LYS A 1 173 ? 6.494   -7.779  4.890   1.00 35.19  ?  170 LYS A O   1 
ATOM   1171 C  CB  . LYS A 1 173 ? 8.307   -7.852  6.914   1.00 41.77  ?  170 LYS A CB  1 
ATOM   1172 C  CG  . LYS A 1 173 ? 9.368   -7.916  8.013   1.00 49.49  ?  170 LYS A CG  1 
ATOM   1173 C  CD  . LYS A 1 173 ? 9.021   -9.003  9.030   1.00 51.52  ?  170 LYS A CD  1 
ATOM   1174 C  CE  . LYS A 1 173 ? 9.750   -8.916  10.357  1.00 61.86  ?  170 LYS A CE  1 
ATOM   1175 N  NZ  . LYS A 1 173 ? 11.214  -8.771  10.181  1.00 65.23  ?  170 LYS A NZ  1 
ATOM   1176 N  N   . ARG A 1 174 ? 7.364   -5.951  3.847   1.00 34.59  ?  171 ARG A N   1 
ATOM   1177 C  CA  . ARG A 1 174 ? 6.209   -5.710  2.919   1.00 36.26  ?  171 ARG A CA  1 
ATOM   1178 C  C   . ARG A 1 174 ? 6.758   -5.530  1.515   1.00 36.04  ?  171 ARG A C   1 
ATOM   1179 O  O   . ARG A 1 174 ? 6.753   -4.445  0.926   1.00 34.83  ?  171 ARG A O   1 
ATOM   1180 C  CB  . ARG A 1 174 ? 5.393   -4.507  3.393   1.00 37.64  ?  171 ARG A CB  1 
ATOM   1181 C  CG  . ARG A 1 174 ? 4.770   -4.696  4.767   1.00 37.86  ?  171 ARG A CG  1 
ATOM   1182 C  CD  . ARG A 1 174 ? 3.924   -5.948  4.958   1.00 42.51  ?  171 ARG A CD  1 
ATOM   1183 N  NE  . ARG A 1 174 ? 2.707   -5.933  4.146   1.00 49.61  ?  171 ARG A NE  1 
ATOM   1184 C  CZ  . ARG A 1 174 ? 1.525   -5.457  4.514   1.00 48.86  ?  171 ARG A CZ  1 
ATOM   1185 N  NH1 . ARG A 1 174 ? 0.516   -5.504  3.661   1.00 47.35  ?  171 ARG A NH1 1 
ATOM   1186 N  NH2 . ARG A 1 174 ? 1.344   -4.947  5.723   1.00 45.01  ?  171 ARG A NH2 1 
ATOM   1187 N  N   . PRO A 1 175 ? 7.321   -6.626  0.948   1.00 37.63  ?  172 PRO A N   1 
ATOM   1188 C  CA  . PRO A 1 175 ? 7.880   -6.554  -0.407  1.00 39.19  ?  172 PRO A CA  1 
ATOM   1189 C  C   . PRO A 1 175 ? 6.839   -6.189  -1.498  1.00 28.80  ?  172 PRO A C   1 
ATOM   1190 O  O   . PRO A 1 175 ? 7.208   -5.536  -2.512  1.00 33.61  ?  172 PRO A O   1 
ATOM   1191 C  CB  . PRO A 1 175 ? 8.444   -7.981  -0.595  1.00 36.03  ?  172 PRO A CB  1 
ATOM   1192 C  CG  . PRO A 1 175 ? 7.648   -8.851  0.315   1.00 36.40  ?  172 PRO A CG  1 
ATOM   1193 C  CD  . PRO A 1 175 ? 7.334   -7.985  1.529   1.00 34.19  ?  172 PRO A CD  1 
ATOM   1194 N  N   . GLU A 1 176 ? 5.609   -6.651  -1.311  1.00 31.27  ?  173 GLU A N   1 
ATOM   1195 C  CA  . GLU A 1 176 ? 4.460   -6.311  -2.203  1.00 33.31  ?  173 GLU A CA  1 
ATOM   1196 C  C   . GLU A 1 176 ? 4.258   -4.781  -2.253  1.00 29.20  ?  173 GLU A C   1 
ATOM   1197 O  O   . GLU A 1 176 ? 3.890   -4.238  -3.336  1.00 30.39  ?  173 GLU A O   1 
ATOM   1198 C  CB  . GLU A 1 176 ? 3.229   -7.153  -1.841  1.00 32.72  ?  173 GLU A CB  1 
ATOM   1199 C  CG  . GLU A 1 176 ? 2.383   -6.703  -0.678  1.00 34.27  ?  173 GLU A CG  1 
ATOM   1200 C  CD  . GLU A 1 176 ? 2.873   -7.129  0.711   1.00 41.36  ?  173 GLU A CD  1 
ATOM   1201 O  OE1 . GLU A 1 176 ? 4.115   -7.414  0.844   1.00 45.08  ?  173 GLU A OE1 1 
ATOM   1202 O  OE2 . GLU A 1 176 ? 2.019   -7.215  1.660   1.00 39.78  ?  173 GLU A OE2 1 
ATOM   1203 N  N   . LEU A 1 177 ? 4.463   -4.035  -1.168  1.00 29.64  ?  174 LEU A N   1 
ATOM   1204 C  CA  . LEU A 1 177 ? 4.272   -2.560  -1.217  1.00 31.67  ?  174 LEU A CA  1 
ATOM   1205 C  C   . LEU A 1 177 ? 5.473   -1.939  -1.901  1.00 31.09  ?  174 LEU A C   1 
ATOM   1206 O  O   . LEU A 1 177 ? 5.348   -0.959  -2.634  1.00 28.61  ?  174 LEU A O   1 
ATOM   1207 C  CB  . LEU A 1 177 ? 4.090   -2.030  0.209   1.00 32.92  ?  174 LEU A CB  1 
ATOM   1208 C  CG  . LEU A 1 177 ? 2.971   -2.638  1.055   1.00 30.09  ?  174 LEU A CG  1 
ATOM   1209 C  CD1 . LEU A 1 177 ? 2.910   -1.943  2.406   1.00 33.79  ?  174 LEU A CD1 1 
ATOM   1210 C  CD2 . LEU A 1 177 ? 1.615   -2.570  0.380   1.00 32.73  ?  174 LEU A CD2 1 
ATOM   1211 N  N   . LEU A 1 178 ? 6.638   -2.574  -1.778  1.00 28.47  ?  175 LEU A N   1 
ATOM   1212 C  CA  . LEU A 1 178 ? 7.809   -2.112  -2.539  1.00 27.02  ?  175 LEU A CA  1 
ATOM   1213 C  C   . LEU A 1 178 ? 7.551   -2.347  -4.027  1.00 24.86  ?  175 LEU A C   1 
ATOM   1214 O  O   . LEU A 1 178 ? 7.944   -1.516  -4.823  1.00 30.59  ?  175 LEU A O   1 
ATOM   1215 C  CB  . LEU A 1 178 ? 9.066   -2.835  -1.997  1.00 28.15  ?  175 LEU A CB  1 
ATOM   1216 C  CG  . LEU A 1 178 ? 10.353  -2.564  -2.734  1.00 30.50  ?  175 LEU A CG  1 
ATOM   1217 C  CD1 . LEU A 1 178 ? 10.655  -1.080  -2.817  1.00 30.01  ?  175 LEU A CD1 1 
ATOM   1218 C  CD2 . LEU A 1 178 ? 11.502  -3.300  -2.041  1.00 31.84  ?  175 LEU A CD2 1 
ATOM   1219 N  N   . GLU A 1 179 ? 6.926   -3.447  -4.396  1.00 30.23  ?  176 GLU A N   1 
ATOM   1220 C  CA  . GLU A 1 179 ? 6.683   -3.689  -5.837  1.00 32.55  ?  176 GLU A CA  1 
ATOM   1221 C  C   . GLU A 1 179 ? 5.773   -2.565  -6.369  1.00 29.45  ?  176 GLU A C   1 
ATOM   1222 O  O   . GLU A 1 179 ? 6.015   -2.120  -7.479  1.00 28.07  ?  176 GLU A O   1 
ATOM   1223 C  CB  . GLU A 1 179 ? 6.037   -5.040  -5.997  1.00 32.87  ?  176 GLU A CB  1 
ATOM   1224 C  CG  . GLU A 1 179 ? 5.718   -5.449  -7.426  1.00 35.21  ?  176 GLU A CG  1 
ATOM   1225 C  CD  . GLU A 1 179 ? 5.190   -6.892  -7.471  1.00 47.71  ?  176 GLU A CD  1 
ATOM   1226 O  OE1 . GLU A 1 179 ? 5.003   -7.427  -8.592  1.00 56.97  ?  176 GLU A OE1 1 
ATOM   1227 O  OE2 . GLU A 1 179 ? 4.997   -7.518  -6.382  1.00 58.45  ?  176 GLU A OE2 1 
ATOM   1228 N  N   . ALA A 1 180 ? 4.741   -2.199  -5.608  1.00 30.37  ?  177 ALA A N   1 
ATOM   1229 C  CA  . ALA A 1 180 ? 3.831   -1.089  -6.009  1.00 29.05  ?  177 ALA A CA  1 
ATOM   1230 C  C   . ALA A 1 180 ? 4.667   0.181   -6.131  1.00 25.96  ?  177 ALA A C   1 
ATOM   1231 O  O   . ALA A 1 180 ? 4.587   0.868   -7.166  1.00 28.73  ?  177 ALA A O   1 
ATOM   1232 C  CB  . ALA A 1 180 ? 2.684   -0.974  -5.015  1.00 30.03  ?  177 ALA A CB  1 
ATOM   1233 N  N   . LEU A 1 181 ? 5.561   0.479   -5.164  1.00 27.43  ?  178 LEU A N   1 
ATOM   1234 C  CA  . LEU A 1 181 ? 6.401   1.692   -5.226  1.00 29.76  ?  178 LEU A CA  1 
ATOM   1235 C  C   . LEU A 1 181 ? 7.257   1.705   -6.491  1.00 27.90  ?  178 LEU A C   1 
ATOM   1236 O  O   . LEU A 1 181 ? 7.448   2.743   -7.118  1.00 31.43  ?  178 LEU A O   1 
ATOM   1237 C  CB  . LEU A 1 181 ? 7.271   1.780   -3.960  1.00 31.54  ?  178 LEU A CB  1 
ATOM   1238 C  CG  . LEU A 1 181 ? 8.246   2.956   -3.936  1.00 34.20  ?  178 LEU A CG  1 
ATOM   1239 C  CD1 . LEU A 1 181 ? 7.524   4.304   -3.985  1.00 35.62  ?  178 LEU A CD1 1 
ATOM   1240 C  CD2 . LEU A 1 181 ? 9.131   2.876   -2.712  1.00 36.69  ?  178 LEU A CD2 1 
ATOM   1241 N  N   . ASN A 1 182 ? 7.867   0.558   -6.794  1.00 33.22  ?  179 ASN A N   1 
ATOM   1242 C  CA  . ASN A 1 182 ? 8.770   0.392   -7.954  1.00 30.51  ?  179 ASN A CA  1 
ATOM   1243 C  C   . ASN A 1 182 ? 8.044   0.600   -9.268  1.00 31.33  ?  179 ASN A C   1 
ATOM   1244 O  O   . ASN A 1 182 ? 8.663   1.079   -10.194 1.00 33.40  ?  179 ASN A O   1 
ATOM   1245 C  CB  . ASN A 1 182 ? 9.396   -1.002  -7.905  1.00 31.30  ?  179 ASN A CB  1 
ATOM   1246 C  CG  . ASN A 1 182 ? 10.535  -0.977  -6.916  1.00 33.71  ?  179 ASN A CG  1 
ATOM   1247 O  OD1 . ASN A 1 182 ? 10.960  0.101   -6.496  1.00 32.63  ?  179 ASN A OD1 1 
ATOM   1248 N  ND2 . ASN A 1 182 ? 10.974  -2.144  -6.510  1.00 34.89  ?  179 ASN A ND2 1 
ATOM   1249 N  N   . ARG A 1 183 ? 6.743   0.344   -9.303  1.00 29.42  ?  180 ARG A N   1 
ATOM   1250 C  CA  . ARG A 1 183 ? 5.925   0.512   -10.531 1.00 31.22  ?  180 ARG A CA  1 
ATOM   1251 C  C   . ARG A 1 183 ? 5.607   1.988   -10.740 1.00 34.80  ?  180 ARG A C   1 
ATOM   1252 O  O   . ARG A 1 183 ? 5.266   2.386   -11.866 1.00 34.15  ?  180 ARG A O   1 
ATOM   1253 C  CB  . ARG A 1 183 ? 4.648   -0.311  -10.391 1.00 29.29  ?  180 ARG A CB  1 
ATOM   1254 C  CG  . ARG A 1 183 ? 4.840   -1.808  -10.538 1.00 32.55  ?  180 ARG A CG  1 
ATOM   1255 C  CD  . ARG A 1 183 ? 3.510   -2.515  -10.484 1.00 29.50  ?  180 ARG A CD  1 
ATOM   1256 N  NE  . ARG A 1 183 ? 3.613   -3.957  -10.207 1.00 31.65  ?  180 ARG A NE  1 
ATOM   1257 C  CZ  . ARG A 1 183 ? 2.608   -4.760  -9.939  1.00 30.98  ?  180 ARG A CZ  1 
ATOM   1258 N  NH1 . ARG A 1 183 ? 1.363   -4.320  -9.962  1.00 33.18  ?  180 ARG A NH1 1 
ATOM   1259 N  NH2 . ARG A 1 183 ? 2.835   -6.043  -9.731  1.00 32.62  ?  180 ARG A NH2 1 
ATOM   1260 N  N   . SER A 1 184 ? 5.693   2.787   -9.679  1.00 35.06  ?  181 SER A N   1 
ATOM   1261 C  CA  . SER A 1 184 ? 5.378   4.240   -9.698  1.00 35.74  ?  181 SER A CA  1 
ATOM   1262 C  C   . SER A 1 184 ? 6.473   5.003   -10.461 1.00 43.03  ?  181 SER A C   1 
ATOM   1263 O  O   . SER A 1 184 ? 7.562   4.432   -10.734 1.00 38.09  ?  181 SER A O   1 
ATOM   1264 C  CB  . SER A 1 184 ? 5.260   4.774   -8.305  1.00 35.31  ?  181 SER A CB  1 
ATOM   1265 O  OG  . SER A 1 184 ? 6.543   5.139   -7.786  1.00 31.99  ?  181 SER A OG  1 
ATOM   1266 N  N   . ALA A 1 185 ? 6.222   6.273   -10.772 1.00 36.89  ?  182 ALA A N   1 
ATOM   1267 C  CA  . ALA A 1 185 ? 7.169   7.151   -11.478 1.00 37.96  ?  182 ALA A CA  1 
ATOM   1268 C  C   . ALA A 1 185 ? 8.150   7.816   -10.495 1.00 38.62  ?  182 ALA A C   1 
ATOM   1269 O  O   . ALA A 1 185 ? 8.824   8.790   -10.894 1.00 38.01  ?  182 ALA A O   1 
ATOM   1270 C  CB  . ALA A 1 185 ? 6.389   8.136   -12.302 1.00 41.81  ?  182 ALA A CB  1 
ATOM   1271 N  N   . ILE A 1 186 ? 8.304   7.310   -9.280  1.00 37.87  ?  183 ILE A N   1 
ATOM   1272 C  CA  . ILE A 1 186 ? 9.240   7.928   -8.295  1.00 37.90  ?  183 ILE A CA  1 
ATOM   1273 C  C   . ILE A 1 186 ? 10.658  7.891   -8.881  1.00 44.68  ?  183 ILE A C   1 
ATOM   1274 O  O   . ILE A 1 186 ? 11.033  6.841   -9.399  1.00 42.91  ?  183 ILE A O   1 
ATOM   1275 C  CB  . ILE A 1 186 ? 9.182   7.248   -6.926  1.00 38.23  ?  183 ILE A CB  1 
ATOM   1276 C  CG1 . ILE A 1 186 ? 10.036  8.017   -5.911  1.00 41.11  ?  183 ILE A CG1 1 
ATOM   1277 C  CG2 . ILE A 1 186 ? 9.532   5.759   -6.990  1.00 36.22  ?  183 ILE A CG2 1 
ATOM   1278 C  CD1 . ILE A 1 186 ? 9.795   7.593   -4.489  1.00 39.09  ?  183 ILE A CD1 1 
ATOM   1279 N  N   . ILE A 1 187 ? 11.396  8.995   -8.780  1.00 47.77  ?  184 ILE A N   1 
ATOM   1280 C  CA  . ILE A 1 187 ? 12.829  9.067   -9.197  1.00 43.42  ?  184 ILE A CA  1 
ATOM   1281 C  C   . ILE A 1 187 ? 13.640  8.134   -8.297  1.00 43.11  ?  184 ILE A C   1 
ATOM   1282 O  O   . ILE A 1 187 ? 13.647  8.310   -7.077  1.00 41.88  ?  184 ILE A O   1 
ATOM   1283 C  CB  . ILE A 1 187 ? 13.319  10.522  -9.212  1.00 49.81  ?  184 ILE A CB  1 
ATOM   1284 C  CG1 . ILE A 1 187 ? 12.579  11.287  -10.316 1.00 49.37  ?  184 ILE A CG1 1 
ATOM   1285 C  CG2 . ILE A 1 187 ? 14.829  10.577  -9.397  1.00 53.16  ?  184 ILE A CG2 1 
ATOM   1286 C  CD1 . ILE A 1 187 ? 12.442  12.761  -10.093 1.00 47.54  ?  184 ILE A CD1 1 
ATOM   1287 N  N   . LYS A 1 188 ? 14.294  7.142   -8.894  1.00 43.77  ?  185 LYS A N   1 
ATOM   1288 C  CA  . LYS A 1 188 ? 15.074  6.118   -8.154  1.00 47.20  ?  185 LYS A CA  1 
ATOM   1289 C  C   . LYS A 1 188 ? 16.558  6.489   -8.130  1.00 56.24  ?  185 LYS A C   1 
ATOM   1290 O  O   . LYS A 1 188 ? 17.278  5.909   -7.290  1.00 57.96  ?  185 LYS A O   1 
ATOM   1291 C  CB  . LYS A 1 188 ? 14.897  4.769   -8.830  1.00 48.69  ?  185 LYS A CB  1 
ATOM   1292 C  CG  . LYS A 1 188 ? 13.462  4.327   -8.858  1.00 49.59  ?  185 LYS A CG  1 
ATOM   1293 C  CD  . LYS A 1 188 ? 13.241  2.962   -9.413  1.00 50.57  ?  185 LYS A CD  1 
ATOM   1294 C  CE  . LYS A 1 188 ? 11.896  2.442   -8.952  1.00 52.66  ?  185 LYS A CE  1 
ATOM   1295 N  NZ  . LYS A 1 188 ? 11.105  1.929   -10.081 1.00 49.88  ?  185 LYS A NZ  1 
ATOM   1296 N  N   . ASP A 1 189 ? 16.978  7.378   -9.040  1.00 66.60  ?  186 ASP A N   1 
ATOM   1297 C  CA  . ASP A 1 189 ? 18.382  7.839   -9.225  1.00 76.47  ?  186 ASP A CA  1 
ATOM   1298 C  C   . ASP A 1 189 ? 18.724  8.844   -8.119  1.00 80.54  ?  186 ASP A C   1 
ATOM   1299 O  O   . ASP A 1 189 ? 18.597  10.074  -8.376  1.00 75.73  ?  186 ASP A O   1 
ATOM   1300 C  CB  . ASP A 1 189 ? 18.577  8.436   -10.625 1.00 81.57  ?  186 ASP A CB  1 
ATOM   1301 C  CG  . ASP A 1 189 ? 20.034  8.613   -11.029 1.00 87.21  ?  186 ASP A CG  1 
ATOM   1302 O  OD1 . ASP A 1 189 ? 20.735  9.409   -10.373 1.00 81.29  ?  186 ASP A OD1 1 
ATOM   1303 O  OD2 . ASP A 1 189 ? 20.462  7.945   -11.997 1.00 94.33  ?  186 ASP A OD2 1 
ATOM   1304 N  N   . ASP A 1 190 ? 19.128  8.335   -6.943  1.00 83.48  ?  187 ASP A N   1 
ATOM   1305 C  CA  . ASP A 1 190 ? 19.475  9.131   -5.729  1.00 82.97  ?  187 ASP A CA  1 
ATOM   1306 C  C   . ASP A 1 190 ? 20.991  9.098   -5.508  1.00 89.03  ?  187 ASP A C   1 
ATOM   1307 O  O   . ASP A 1 190 ? 21.528  9.977   -4.835  1.00 92.36  ?  187 ASP A O   1 
ATOM   1308 C  CB  . ASP A 1 190 ? 18.769  8.608   -4.473  1.00 78.20  ?  187 ASP A CB  1 
ATOM   1309 C  CG  . ASP A 1 190 ? 17.269  8.419   -4.633  1.00 75.34  ?  187 ASP A CG  1 
ATOM   1310 O  OD1 . ASP A 1 190 ? 16.805  8.482   -5.797  1.00 74.43  ?  187 ASP A OD1 1 
ATOM   1311 O  OD2 . ASP A 1 190 ? 16.576  8.185   -3.594  1.00 50.94  ?  187 ASP A OD2 1 
HETATM 1312 C  C1  A VEB B 2 .   ? -4.997  -3.968  8.438   0.60 102.87 ?  201 VEB A C1  1 
HETATM 1313 C  C1  B VEB B 2 .   ? -5.384  -3.993  9.040   0.40 65.65  ?  201 VEB A C1  1 
HETATM 1314 C  C2  A VEB B 2 .   ? -5.350  -5.357  8.928   0.60 109.22 ?  201 VEB A C2  1 
HETATM 1315 C  C2  B VEB B 2 .   ? -5.428  -5.483  9.356   0.40 67.19  ?  201 VEB A C2  1 
HETATM 1316 C  C3  A VEB B 2 .   ? -4.218  -6.275  8.492   0.60 109.06 ?  201 VEB A C3  1 
HETATM 1317 C  C3  B VEB B 2 .   ? -4.352  -6.225  8.578   0.40 63.93  ?  201 VEB A C3  1 
HETATM 1318 C  C4  A VEB B 2 .   ? -2.858  -5.796  8.982   0.60 98.85  ?  201 VEB A C4  1 
HETATM 1319 C  C4  B VEB B 2 .   ? -2.977  -5.679  8.891   0.40 61.28  ?  201 VEB A C4  1 
HETATM 1320 C  C5  A VEB B 2 .   ? -2.614  -4.324  8.673   0.60 84.66  ?  201 VEB A C5  1 
HETATM 1321 C  C5  B VEB B 2 .   ? -2.892  -4.186  8.631   0.40 58.26  ?  201 VEB A C5  1 
HETATM 1322 C  C6  A VEB B 2 .   ? -3.758  -3.435  9.123   0.60 90.35  ?  201 VEB A C6  1 
HETATM 1323 C  C6  B VEB B 2 .   ? -4.008  -3.394  9.291   0.40 62.71  ?  201 VEB A C6  1 
HETATM 1324 C  CB1 A VEB B 2 .   ? -8.169  -2.422  6.879   0.60 105.04 ?  201 VEB A CB1 1 
HETATM 1325 C  CB1 B VEB B 2 .   ? -7.391  -2.814  7.428   0.40 65.09  ?  201 VEB A CB1 1 
HETATM 1326 O  O11 A VEB B 2 .   ? -6.129  -3.047  8.510   0.60 115.33 ?  201 VEB A O11 1 
HETATM 1327 O  O11 B VEB B 2 .   ? -6.360  -3.288  9.881   0.40 64.94  ?  201 VEB A O11 1 
HETATM 1328 O  O12 A VEB B 2 .   ? -5.508  -5.383  10.389  0.60 114.11 ?  201 VEB A O12 1 
HETATM 1329 O  O12 B VEB B 2 .   ? -5.208  -5.688  10.799  0.40 68.43  ?  201 VEB A O12 1 
HETATM 1330 O  O13 A VEB B 2 .   ? -4.456  -7.639  8.969   0.60 129.97 ?  201 VEB A O13 1 
HETATM 1331 O  O13 B VEB B 2 .   ? -4.361  -7.649  8.930   0.40 70.31  ?  201 VEB A O13 1 
HETATM 1332 O  O14 A VEB B 2 .   ? -1.851  -6.555  8.231   0.60 106.92 ?  201 VEB A O14 1 
HETATM 1333 O  O14 B VEB B 2 .   ? -2.017  -6.348  8.008   0.40 63.59  ?  201 VEB A O14 1 
HETATM 1334 O  O15 A VEB B 2 .   ? -1.386  -3.894  9.322   0.60 72.49  ?  201 VEB A O15 1 
HETATM 1335 O  O15 B VEB B 2 .   ? -1.653  -3.723  9.226   0.40 52.73  ?  201 VEB A O15 1 
HETATM 1336 O  O16 A VEB B 2 .   ? -3.474  -2.075  8.638   0.60 85.14  ?  201 VEB A O16 1 
HETATM 1337 O  O16 B VEB B 2 .   ? -3.964  -2.047  8.718   0.40 70.91  ?  201 VEB A O16 1 
HETATM 1338 O  O21 A VEB B 2 .   ? -5.753  -1.225  6.746   0.60 124.83 -1 201 VEB A O21 1 
HETATM 1339 O  O21 B VEB B 2 .   ? -8.573  -2.116  9.725   0.40 59.45  -1 201 VEB A O21 1 
HETATM 1340 O  O22 A VEB B 2 .   ? -7.794  -6.348  9.836   0.60 108.31 -1 201 VEB A O22 1 
HETATM 1341 O  O22 B VEB B 2 .   ? -7.704  -5.959  11.063  0.40 75.84  -1 201 VEB A O22 1 
HETATM 1342 O  O23 A VEB B 2 .   ? -3.490  -9.718  8.007   0.60 141.30 -1 201 VEB A O23 1 
HETATM 1343 O  O23 B VEB B 2 .   ? -3.428  -9.665  7.742   0.40 61.70  -1 201 VEB A O23 1 
HETATM 1344 O  O24 A VEB B 2 .   ? -0.789  -8.747  8.273   0.60 123.46 -1 201 VEB A O24 1 
HETATM 1345 O  O24 B VEB B 2 .   ? -1.348  -8.653  7.803   0.40 66.38  -1 201 VEB A O24 1 
HETATM 1346 O  O25 A VEB B 2 .   ? -0.472  -1.700  8.694   0.60 68.57  ?  201 VEB A O25 1 
HETATM 1347 O  O25 B VEB B 2 .   ? 0.679   -4.016  8.669   0.40 54.16  ?  201 VEB A O25 1 
HETATM 1348 O  O26 A VEB B 2 .   ? -4.653  0.067   8.961   0.60 76.62  -1 201 VEB A O26 1 
HETATM 1349 O  O26 B VEB B 2 .   ? -3.530  0.364   8.786   0.40 74.55  -1 201 VEB A O26 1 
HETATM 1350 O  O31 A VEB B 2 .   ? -6.036  -3.593  5.910   0.60 116.24 ?  201 VEB A O31 1 
HETATM 1351 O  O31 B VEB B 2 .   ? -6.542  -0.762  9.067   0.40 53.00  ?  201 VEB A O31 1 
HETATM 1352 O  O32 A VEB B 2 .   ? -6.948  -6.322  12.209  0.60 110.38 ?  201 VEB A O32 1 
HETATM 1353 O  O32 B VEB B 2 .   ? -6.179  -7.949  11.276  0.40 72.27  ?  201 VEB A O32 1 
HETATM 1354 O  O33 A VEB B 2 .   ? -5.969  -9.281  7.931   0.60 146.54 ?  201 VEB A O33 1 
HETATM 1355 O  O33 B VEB B 2 .   ? -5.908  -9.248  7.905   0.40 63.46  ?  201 VEB A O33 1 
HETATM 1356 O  O34 A VEB B 2 .   ? 0.525   -6.712  8.947   0.60 100.16 ?  201 VEB A O34 1 
HETATM 1357 O  O34 B VEB B 2 .   ? 0.312   -6.963  8.677   0.40 54.39  ?  201 VEB A O34 1 
HETATM 1358 O  O35 A VEB B 2 .   ? -0.785  -3.404  6.868   0.60 58.16  -1 201 VEB A O35 1 
HETATM 1359 O  O35 B VEB B 2 .   ? -0.390  -1.759  8.483   0.40 53.34  -1 201 VEB A O35 1 
HETATM 1360 O  O36 A VEB B 2 .   ? -2.203  -0.109  9.506   0.60 62.00  -1 201 VEB A O36 1 
HETATM 1361 O  O36 B VEB B 2 .   ? -2.019  -1.147  10.131  0.40 71.13  -1 201 VEB A O36 1 
HETATM 1362 O  O42 A VEB B 2 .   ? -7.566  -4.161  11.060  0.60 107.79 -1 201 VEB A O42 1 
HETATM 1363 O  O42 B VEB B 2 .   ? -6.184  -6.193  13.058  0.40 67.48  -1 201 VEB A O42 1 
HETATM 1364 O  O43 A VEB B 2 .   ? -4.416  -7.988  6.430   0.60 144.83 -1 201 VEB A O43 1 
HETATM 1365 O  O43 B VEB B 2 .   ? -4.492  -7.813  6.405   0.40 64.68  -1 201 VEB A O43 1 
HETATM 1366 O  O44 A VEB B 2 .   ? -1.253  -7.639  10.480  0.60 103.30 -1 201 VEB A O44 1 
HETATM 1367 O  O44 B VEB B 2 .   ? -1.619  -7.728  10.127  0.40 59.67  -1 201 VEB A O44 1 
HETATM 1368 O  O45 A VEB B 2 .   ? 0.966   -3.734  8.661   0.60 69.67  -1 201 VEB A O45 1 
HETATM 1369 O  O45 B VEB B 2 .   ? -0.937  -3.543  6.783   0.40 48.18  -1 201 VEB A O45 1 
HETATM 1370 O  O46 A VEB B 2 .   ? -3.909  -1.216  11.000  0.60 71.78  ?  201 VEB A O46 1 
HETATM 1371 O  O46 B VEB B 2 .   ? -4.425  -0.824  10.835  0.40 70.76  ?  201 VEB A O46 1 
HETATM 1372 O  O51 A VEB B 2 .   ? -10.120 -0.766  6.387   0.60 81.59  -1 201 VEB A O51 1 
HETATM 1373 O  O51 B VEB B 2 .   ? -5.947  -1.101  6.001   0.40 71.56  -1 201 VEB A O51 1 
HETATM 1374 O  O71 A VEB B 2 .   ? -9.236  -0.738  8.748   0.60 94.28  -1 201 VEB A O71 1 
HETATM 1375 O  O71 B VEB B 2 .   ? -4.789  -3.265  6.564   0.40 65.88  -1 201 VEB A O71 1 
HETATM 1376 O  O61 A VEB B 2 .   ? -7.837  0.194   6.863   0.60 86.85  ?  201 VEB A O61 1 
HETATM 1377 O  O61 B VEB B 2 .   ? -6.694  -3.263  4.927   0.40 62.17  ?  201 VEB A O61 1 
HETATM 1378 P  PA1 A VEB B 2 .   ? -6.379  -2.585  7.001   0.60 122.56 ?  201 VEB A PA1 1 
HETATM 1379 P  PA1 B VEB B 2 .   ? -7.179  -2.150  9.125   0.40 64.02  ?  201 VEB A PA1 1 
HETATM 1380 P  PB1 A VEB B 2 .   ? -8.890  -0.822  7.271   0.60 95.08  ?  201 VEB A PB1 1 
HETATM 1381 P  PB1 B VEB B 2 .   ? -6.094  -2.607  6.156   0.40 68.14  ?  201 VEB A PB1 1 
HETATM 1382 P  PA2 A VEB B 2 .   ? -7.014  -5.568  10.885  0.60 123.01 ?  201 VEB A PA2 1 
HETATM 1383 P  PA2 B VEB B 2 .   ? -6.361  -6.474  11.578  0.40 75.01  ?  201 VEB A PA2 1 
HETATM 1384 P  PA3 A VEB B 2 .   ? -4.581  -8.686  7.774   0.60 145.00 ?  201 VEB A PA3 1 
HETATM 1385 P  PA3 B VEB B 2 .   ? -4.542  -8.627  7.685   0.40 68.15  ?  201 VEB A PA3 1 
HETATM 1386 P  PA4 A VEB B 2 .   ? -0.806  -7.442  9.041   0.60 109.84 ?  201 VEB A PA4 1 
HETATM 1387 P  PA4 B VEB B 2 .   ? -1.128  -7.463  8.713   0.40 61.46  ?  201 VEB A PA4 1 
HETATM 1388 P  PA5 A VEB B 2 .   ? -0.395  -3.159  8.322   0.60 61.51  ?  201 VEB A PA5 1 
HETATM 1389 P  PA5 B VEB B 2 .   ? -0.536  -3.237  8.216   0.40 50.33  ?  201 VEB A PA5 1 
HETATM 1390 P  PA6 A VEB B 2 .   ? -3.557  -0.793  9.584   0.60 74.47  ?  201 VEB A PA6 1 
HETATM 1391 P  PA6 B VEB B 2 .   ? -3.447  -0.875  9.669   0.40 70.98  ?  201 VEB A PA6 1 
HETATM 1392 MG MG  . MG  C 3 .   ? -5.109  0.416   6.411   1.00 83.40  ?  202 MG  A MG  1 
HETATM 1393 MG MG  . MG  D 3 .   ? -9.965  1.002   6.458   0.60 47.99  ?  203 MG  A MG  1 
HETATM 1394 O  O   . HOH E 4 .   ? -8.505  2.209   7.354   1.00 64.79  ?  301 HOH A O   1 
HETATM 1395 O  O   . HOH E 4 .   ? -16.487 -11.891 -3.172  0.50 37.56  ?  302 HOH A O   1 
HETATM 1396 O  O   . HOH E 4 .   ? 19.290  0.459   3.431   1.00 46.19  ?  303 HOH A O   1 
HETATM 1397 O  O   . HOH E 4 .   ? -4.207  -4.287  4.477   1.00 54.56  ?  304 HOH A O   1 
HETATM 1398 O  O   . HOH E 4 .   ? -9.306  -4.366  9.282   1.00 67.28  ?  305 HOH A O   1 
HETATM 1399 O  O   . HOH E 4 .   ? -18.357 -1.635  -6.678  1.00 54.78  ?  306 HOH A O   1 
HETATM 1400 O  O   . HOH E 4 .   ? -12.006 -0.163  4.637   1.00 46.02  ?  307 HOH A O   1 
HETATM 1401 O  O   . HOH E 4 .   ? 6.463   -1.337  15.552  1.00 65.14  ?  308 HOH A O   1 
HETATM 1402 O  O   . HOH E 4 .   ? -9.503  -11.896 -7.256  1.00 34.89  ?  309 HOH A O   1 
HETATM 1403 O  O   . HOH E 4 .   ? 0.985   4.528   13.764  1.00 49.01  ?  310 HOH A O   1 
HETATM 1404 O  O   . HOH E 4 .   ? -1.640  -16.305 4.887   1.00 67.06  ?  311 HOH A O   1 
HETATM 1405 O  O   . HOH E 4 .   ? -8.888  1.509   -12.111 1.00 44.56  ?  312 HOH A O   1 
HETATM 1406 O  O   . HOH E 4 .   ? -7.581  -2.051  -10.059 1.00 44.18  ?  313 HOH A O   1 
HETATM 1407 O  O   . HOH E 4 .   ? 3.580   5.888   -13.039 1.00 48.68  ?  314 HOH A O   1 
HETATM 1408 O  O   . HOH E 4 .   ? 13.689  9.554   -4.821  1.00 36.34  ?  315 HOH A O   1 
HETATM 1409 O  O   . HOH E 4 .   ? -16.190 0.198   -11.247 1.00 42.25  ?  316 HOH A O   1 
HETATM 1410 O  O   . HOH E 4 .   ? -2.439  -8.080  4.268   1.00 52.65  ?  317 HOH A O   1 
HETATM 1411 O  O   . HOH E 4 .   ? -6.497  -12.957 -5.092  1.00 39.51  ?  318 HOH A O   1 
HETATM 1412 O  O   . HOH E 4 .   ? -12.439 -5.405  1.945   1.00 43.97  ?  319 HOH A O   1 
HETATM 1413 O  O   . HOH E 4 .   ? 2.160   6.628   -0.514  1.00 35.14  ?  320 HOH A O   1 
HETATM 1414 O  O   . HOH E 4 .   ? 9.553   0.493   8.261   1.00 34.26  ?  321 HOH A O   1 
HETATM 1415 O  O   . HOH E 4 .   ? -2.093  -5.147  4.928   1.00 49.84  ?  322 HOH A O   1 
HETATM 1416 O  O   . HOH E 4 .   ? 2.541   11.264  -9.071  1.00 44.98  ?  323 HOH A O   1 
HETATM 1417 O  O   . HOH E 4 .   ? -4.993  -1.019  -9.487  1.00 42.96  ?  324 HOH A O   1 
HETATM 1418 O  O   . HOH E 4 .   ? -7.395  11.408  -0.887  1.00 42.14  ?  325 HOH A O   1 
HETATM 1419 O  O   . HOH E 4 .   ? 9.336   -5.856  -4.255  1.00 33.64  ?  326 HOH A O   1 
HETATM 1420 O  O   . HOH E 4 .   ? -13.791 20.062  13.363  0.50 30.14  ?  327 HOH A O   1 
HETATM 1421 O  O   . HOH E 4 .   ? 4.085   -10.743 -2.774  1.00 45.05  ?  328 HOH A O   1 
HETATM 1422 O  O   . HOH E 4 .   ? -8.041  11.610  -8.843  1.00 44.44  ?  329 HOH A O   1 
HETATM 1423 O  O   . HOH E 4 .   ? -17.238 -2.714  -3.449  1.00 42.58  ?  330 HOH A O   1 
HETATM 1424 O  O   . HOH E 4 .   ? -3.791  21.835  7.591   1.00 50.06  ?  331 HOH A O   1 
HETATM 1425 O  O   . HOH E 4 .   ? -7.160  5.179   -12.710 1.00 57.93  ?  332 HOH A O   1 
HETATM 1426 O  O   . HOH E 4 .   ? 16.978  -0.824  0.645   1.00 48.18  ?  333 HOH A O   1 
HETATM 1427 O  O   . HOH E 4 .   ? -11.573 0.434   -10.290 1.00 38.01  ?  334 HOH A O   1 
HETATM 1428 O  O   . HOH E 4 .   ? -16.946 -10.251 -0.724  1.00 43.25  ?  335 HOH A O   1 
HETATM 1429 O  O   . HOH E 4 .   ? 5.580   -9.122  -4.066  1.00 53.69  ?  336 HOH A O   1 
HETATM 1430 O  O   . HOH E 4 .   ? -3.171  -10.417 10.784  1.00 61.91  ?  337 HOH A O   1 
HETATM 1431 O  O   . HOH E 4 .   ? 0.267   9.998   16.717  1.00 61.19  ?  338 HOH A O   1 
HETATM 1432 O  O   . HOH E 4 .   ? -2.611  1.019   6.055   0.50 31.72  ?  339 HOH A O   1 
HETATM 1433 O  O   . HOH E 4 .   ? 2.557   -9.344  -5.777  1.00 44.06  ?  340 HOH A O   1 
HETATM 1434 O  O   . HOH E 4 .   ? 4.322   -17.541 0.249   1.00 61.27  ?  341 HOH A O   1 
HETATM 1435 O  O   . HOH E 4 .   ? 14.777  4.381   5.913   1.00 55.43  ?  342 HOH A O   1 
HETATM 1436 O  O   . HOH E 4 .   ? -6.333  20.493  8.809   1.00 44.30  ?  343 HOH A O   1 
HETATM 1437 O  O   . HOH E 4 .   ? -7.451  12.519  -3.128  1.00 37.77  ?  344 HOH A O   1 
HETATM 1438 O  O   . HOH E 4 .   ? -12.235 14.044  7.905   1.00 38.61  ?  345 HOH A O   1 
HETATM 1439 O  O   . HOH E 4 .   ? -2.155  4.319   -15.793 1.00 31.67  ?  346 HOH A O   1 
HETATM 1440 O  O   . HOH E 4 .   ? 0.030   -7.301  -11.562 1.00 41.68  ?  347 HOH A O   1 
HETATM 1441 O  O   . HOH E 4 .   ? 13.418  -3.281  -5.058  1.00 33.96  ?  348 HOH A O   1 
HETATM 1442 O  O   . HOH E 4 .   ? -3.510  -15.428 -7.736  1.00 48.54  ?  349 HOH A O   1 
HETATM 1443 O  O   . HOH E 4 .   ? -10.112 18.068  8.876   1.00 46.05  ?  350 HOH A O   1 
HETATM 1444 O  O   . HOH E 4 .   ? 14.308  7.033   -12.143 1.00 54.09  ?  351 HOH A O   1 
HETATM 1445 O  O   . HOH E 4 .   ? 4.254   9.780   19.466  1.00 67.79  ?  352 HOH A O   1 
HETATM 1446 O  O   . HOH E 4 .   ? -5.206  6.068   -13.748 1.00 56.99  ?  353 HOH A O   1 
HETATM 1447 O  O   . HOH E 4 .   ? -10.690 14.801  10.464  1.00 35.03  ?  354 HOH A O   1 
HETATM 1448 O  O   . HOH E 4 .   ? -4.139  -15.405 6.729   1.00 65.90  ?  355 HOH A O   1 
HETATM 1449 O  O   . HOH E 4 .   ? 0.830   7.853   16.888  1.00 70.63  ?  356 HOH A O   1 
HETATM 1450 O  O   . HOH E 4 .   ? 16.821  13.172  -7.462  1.00 60.99  ?  357 HOH A O   1 
HETATM 1451 O  O   . HOH E 4 .   ? -11.582 -9.795  -7.790  0.50 43.04  ?  358 HOH A O   1 
HETATM 1452 O  O   . HOH E 4 .   ? -6.169  8.195   -14.428 1.00 58.62  ?  359 HOH A O   1 
HETATM 1453 O  O   . HOH E 4 .   ? -3.882  -15.213 9.214   1.00 69.53  ?  360 HOH A O   1 
HETATM 1454 O  O   . HOH E 4 .   ? -4.602  -16.306 4.629   1.00 62.68  ?  361 HOH A O   1 
HETATM 1455 O  O   . HOH E 4 .   ? -13.714 0.661   -12.389 1.00 44.59  ?  362 HOH A O   1 
HETATM 1456 O  O   . HOH E 4 .   ? -18.271 -11.883 -5.252  0.50 55.95  ?  363 HOH A O   1 
HETATM 1457 O  O   . HOH E 4 .   ? 4.432   -12.886 -4.379  1.00 50.17  ?  364 HOH A O   1 
HETATM 1458 O  O   . HOH E 4 .   ? 22.297  -27.707 -16.109 1.00 71.18  ?  365 HOH A O   1 
HETATM 1459 O  O   . HOH E 4 .   ? 7.213   7.758   21.671  1.00 76.03  ?  366 HOH A O   1 
HETATM 1460 O  O   . HOH E 4 .   ? 6.241   4.857   21.981  1.00 77.71  ?  367 HOH A O   1 
HETATM 1461 O  O   . HOH E 4 .   ? 9.686   6.786   21.296  1.00 64.72  ?  368 HOH A O   1 
# 
